data_2B3Y
#
_entry.id   2B3Y
#
_cell.length_a   63.910
_cell.length_b   215.470
_cell.length_c   64.010
_cell.angle_alpha   90.00
_cell.angle_beta   72.00
_cell.angle_gamma   90.00
#
_symmetry.space_group_name_H-M   'P 1 21 1'
#
loop_
_entity.id
_entity.type
_entity.pdbx_description
1 polymer 'Iron-responsive element binding protein 1'
2 non-polymer 'ACETATE ION'
3 non-polymer 'IRON/SULFUR CLUSTER'
4 non-polymer GLYCEROL
5 non-polymer 'FORMIC ACID'
6 water water
#
_entity_poly.entity_id   1
_entity_poly.type   'polypeptide(L)'
_entity_poly.pdbx_seq_one_letter_code
;SNPFAHLAEPLDPVQPGKKFFNLNKLEDSRYGRLPFSIRVLLEAAIRNCDEFLVKKQDIENILHWNVTQHKNIEVPFKPA
RVILQDFTGVPAVVDFAAMRDAVKKLGGDPEKINPVCPADLVIDHSIQVDFNRRADSLQKNQDLEFERNRERFEFLKWGS
QAFHNMRIIPPGSGIIHQVNLEYLARVVFDQDGYYYPDSLVGTDSHTTMIDGLGILGWGVGGIEAEAVMLGQPISMVLPQ
VIGYRLMGKPHPLVTSTDIVLTITKHLRQVGVVGKFVEFFGPGVAQLSIADRATIANMCPEYGATAAFFPVDEVSITYLV
QTGRDEEKLKYIKKYLQAVGMFRDFNDPSQDPDFTQVVELDLKTVVPCCSGPKRPQDKVAVSDMKKDFESCLGAKQGFKG
FQVAPEHHNDHKTFIYDNTEFTLAHGSVVIAAITSCTNTSNPSVMLGAGLLAKKAVDAGLNVMPYIKTSLSPGSGVVTYY
LQESGVMPYLSQLGFDVVGYGCMTCIGNSGPLPEPVVEAITQGDLVAVGVLSGNRNFEGRVHPNTRANYLASPPLVIAYA
IAGTIRIDFEKEPLGVNAKGQQVFLKDIWPTRDEIQAVERQYVIPGMFKEVYQKIETVNESWNALATPSDKLFFWNSKST
YIKSPPFFENLTLDLQPPKSIVDAYVLLNLGDSVTTDHISPAGNIARNSPAARYLTNRGLTPREFNSYGSRRGNDAVMAR
GTFANIRLLNRFLNKQAPQTIHLPSGEILDVFDAAERYQQAGLPLIVLAGKEYGAGSSRDWAAKGPFLLGIKAVLAESYE
RIHRSNLVGMGVIPLEYLPGENADALGLTGQERYTIIIPENLKPQMKVQVKLDTGKTFQAVMRFDTDVELTYFLNGGILN
YMIRKMAK
;
_entity_poly.pdbx_strand_id   A,B
#
loop_
_chem_comp.id
_chem_comp.type
_chem_comp.name
_chem_comp.formula
ACT non-polymer 'ACETATE ION' 'C2 H3 O2 -1'
FMT non-polymer 'FORMIC ACID' 'C H2 O2'
GOL non-polymer GLYCEROL 'C3 H8 O3'
SF4 non-polymer 'IRON/SULFUR CLUSTER' 'Fe4 S4'
#
# COMPACT_ATOMS: atom_id res chain seq x y z
N SER A 1 1.54 -10.66 -31.26
CA SER A 1 2.73 -10.85 -30.38
C SER A 1 3.69 -9.69 -30.54
N ASN A 2 4.89 -9.86 -29.97
CA ASN A 2 5.99 -8.93 -30.18
C ASN A 2 6.88 -9.48 -31.28
N PRO A 3 6.98 -8.76 -32.41
CA PRO A 3 7.85 -9.16 -33.52
C PRO A 3 9.33 -9.23 -33.17
N PHE A 4 9.71 -8.65 -32.04
CA PHE A 4 11.12 -8.54 -31.68
C PHE A 4 11.46 -9.46 -30.50
N ALA A 5 10.55 -10.41 -30.23
CA ALA A 5 10.70 -11.34 -29.11
C ALA A 5 12.02 -12.12 -29.15
N HIS A 6 12.56 -12.35 -30.34
CA HIS A 6 13.81 -13.08 -30.49
C HIS A 6 15.04 -12.34 -29.93
N LEU A 7 14.90 -11.05 -29.67
CA LEU A 7 16.00 -10.22 -29.16
C LEU A 7 16.20 -10.38 -27.66
N ALA A 8 15.18 -10.95 -27.02
CA ALA A 8 15.19 -11.19 -25.60
C ALA A 8 16.10 -12.37 -25.26
N GLU A 9 17.06 -12.10 -24.38
CA GLU A 9 17.99 -13.11 -23.90
C GLU A 9 18.43 -12.75 -22.48
N PRO A 10 18.89 -13.75 -21.70
CA PRO A 10 19.38 -13.46 -20.35
C PRO A 10 20.59 -12.55 -20.36
N LEU A 11 20.61 -11.63 -19.40
CA LEU A 11 21.77 -10.80 -19.18
C LEU A 11 22.91 -11.67 -18.69
N ASP A 12 22.57 -12.62 -17.80
CA ASP A 12 23.57 -13.39 -17.10
C ASP A 12 23.07 -14.84 -17.02
N PRO A 13 23.80 -15.78 -17.63
CA PRO A 13 23.43 -17.21 -17.63
C PRO A 13 23.32 -17.84 -16.24
N VAL A 14 23.83 -17.14 -15.22
CA VAL A 14 23.73 -17.60 -13.83
C VAL A 14 22.30 -17.35 -13.32
N GLN A 15 21.63 -16.38 -13.95
CA GLN A 15 20.30 -15.98 -13.57
C GLN A 15 19.47 -15.90 -14.86
N PRO A 16 19.15 -17.07 -15.45
CA PRO A 16 18.66 -17.13 -16.85
C PRO A 16 17.28 -16.48 -17.05
N GLY A 17 16.51 -16.35 -15.97
CA GLY A 17 15.16 -15.78 -16.04
C GLY A 17 15.10 -14.27 -16.13
N LYS A 18 16.23 -13.61 -15.93
CA LYS A 18 16.28 -12.16 -16.02
C LYS A 18 16.85 -11.78 -17.37
N LYS A 19 15.99 -11.28 -18.25
CA LYS A 19 16.32 -11.03 -19.64
C LYS A 19 16.25 -9.53 -20.04
N PHE A 20 16.67 -9.22 -21.26
CA PHE A 20 16.54 -7.88 -21.78
C PHE A 20 16.44 -7.99 -23.27
N PHE A 21 15.82 -6.99 -23.91
CA PHE A 21 15.84 -6.90 -25.37
C PHE A 21 17.18 -6.40 -25.87
N ASN A 22 17.92 -7.28 -26.53
CA ASN A 22 19.27 -6.92 -26.95
C ASN A 22 19.30 -6.16 -28.28
N LEU A 23 19.34 -4.84 -28.20
CA LEU A 23 19.32 -3.98 -29.38
C LEU A 23 20.52 -4.18 -30.28
N ASN A 24 21.58 -4.78 -29.75
CA ASN A 24 22.77 -5.12 -30.53
C ASN A 24 22.53 -6.28 -31.48
N LYS A 25 21.55 -7.11 -31.16
CA LYS A 25 21.18 -8.22 -32.01
C LYS A 25 20.27 -7.77 -33.16
N LEU A 26 20.00 -6.48 -33.22
CA LEU A 26 19.35 -5.90 -34.40
C LEU A 26 20.31 -5.98 -35.57
N GLU A 27 21.60 -6.09 -35.23
CA GLU A 27 22.67 -6.14 -36.23
C GLU A 27 22.48 -5.04 -37.27
N ASP A 28 22.28 -3.82 -36.77
CA ASP A 28 22.01 -2.66 -37.59
C ASP A 28 22.95 -1.54 -37.17
N SER A 29 23.76 -1.11 -38.12
CA SER A 29 24.80 -0.11 -37.86
C SER A 29 24.25 1.29 -37.57
N ARG A 30 22.96 1.49 -37.80
CA ARG A 30 22.37 2.79 -37.50
C ARG A 30 22.35 3.01 -35.98
N TYR A 31 22.10 1.93 -35.23
CA TYR A 31 21.98 1.99 -33.75
C TYR A 31 23.19 2.63 -33.05
N GLY A 32 24.40 2.29 -33.49
CA GLY A 32 25.64 2.76 -32.85
C GLY A 32 25.94 4.24 -33.08
N ARG A 33 25.16 4.88 -33.93
CA ARG A 33 25.36 6.32 -34.17
C ARG A 33 24.25 7.18 -33.57
N LEU A 34 23.22 6.53 -33.07
CA LEU A 34 22.09 7.21 -32.44
C LEU A 34 22.46 8.00 -31.19
N PRO A 35 21.89 9.22 -31.04
CA PRO A 35 21.99 9.86 -29.73
C PRO A 35 21.50 8.88 -28.67
N PHE A 36 22.10 8.89 -27.48
CA PHE A 36 21.74 7.91 -26.46
C PHE A 36 20.30 8.16 -25.98
N SER A 37 19.86 9.41 -26.06
CA SER A 37 18.45 9.74 -25.77
C SER A 37 17.48 9.05 -26.77
N ILE A 38 17.91 8.89 -28.01
CA ILE A 38 17.06 8.21 -29.01
C ILE A 38 17.04 6.70 -28.80
N ARG A 39 18.15 6.14 -28.32
CA ARG A 39 18.23 4.69 -27.94
C ARG A 39 17.21 4.30 -26.87
N VAL A 40 16.89 5.23 -25.98
CA VAL A 40 15.84 4.99 -24.97
C VAL A 40 14.48 4.86 -25.62
N LEU A 41 14.19 5.77 -26.56
CA LEU A 41 12.92 5.73 -27.30
C LEU A 41 12.86 4.43 -28.10
N LEU A 42 13.97 4.08 -28.74
CA LEU A 42 14.03 2.85 -29.51
C LEU A 42 13.70 1.63 -28.65
N GLU A 43 14.35 1.50 -27.51
CA GLU A 43 14.14 0.34 -26.63
C GLU A 43 12.69 0.23 -26.21
N ALA A 44 12.11 1.36 -25.80
CA ALA A 44 10.70 1.39 -25.32
C ALA A 44 9.72 0.94 -26.40
N ALA A 45 10.07 1.23 -27.65
CA ALA A 45 9.23 0.85 -28.78
C ALA A 45 9.31 -0.63 -29.02
N ILE A 46 10.54 -1.16 -29.02
CA ILE A 46 10.79 -2.60 -29.28
C ILE A 46 10.12 -3.48 -28.23
N ARG A 47 10.32 -3.16 -26.96
CA ARG A 47 9.78 -3.99 -25.87
C ARG A 47 8.24 -3.92 -25.88
N ASN A 48 7.71 -2.81 -26.34
CA ASN A 48 6.26 -2.56 -26.33
C ASN A 48 5.55 -2.80 -27.65
N CYS A 49 6.28 -3.29 -28.65
CA CYS A 49 5.69 -3.59 -29.96
C CYS A 49 4.58 -4.65 -29.84
N ASP A 50 3.36 -4.26 -30.16
CA ASP A 50 2.23 -5.20 -30.17
C ASP A 50 1.56 -5.25 -31.55
N GLU A 51 2.00 -4.36 -32.43
CA GLU A 51 1.37 -4.10 -33.74
C GLU A 51 0.04 -3.35 -33.63
N PHE A 52 -0.22 -2.80 -32.44
CA PHE A 52 -1.44 -2.05 -32.18
C PHE A 52 -1.07 -0.61 -31.77
N LEU A 53 -0.79 -0.38 -30.50
CA LEU A 53 -0.32 0.94 -30.03
C LEU A 53 1.06 1.25 -30.60
N VAL A 54 1.89 0.21 -30.73
CA VAL A 54 3.26 0.36 -31.17
C VAL A 54 3.51 -0.65 -32.28
N LYS A 55 3.84 -0.14 -33.46
CA LYS A 55 3.95 -0.95 -34.69
C LYS A 55 5.41 -1.15 -35.12
N LYS A 56 5.65 -2.22 -35.88
CA LYS A 56 7.00 -2.55 -36.34
C LYS A 56 7.62 -1.38 -37.11
N GLN A 57 6.80 -0.71 -37.92
CA GLN A 57 7.26 0.48 -38.62
C GLN A 57 7.77 1.54 -37.66
N ASP A 58 7.12 1.68 -36.51
CA ASP A 58 7.54 2.66 -35.49
C ASP A 58 8.98 2.42 -35.09
N ILE A 59 9.36 1.14 -34.95
CA ILE A 59 10.71 0.76 -34.57
C ILE A 59 11.71 1.15 -35.67
N GLU A 60 11.33 0.90 -36.93
CA GLU A 60 12.15 1.31 -38.07
C GLU A 60 12.31 2.84 -38.15
N ASN A 61 11.21 3.57 -38.02
CA ASN A 61 11.28 5.05 -37.98
C ASN A 61 12.23 5.63 -36.92
N ILE A 62 12.23 5.05 -35.73
CA ILE A 62 13.11 5.49 -34.64
C ILE A 62 14.58 5.16 -34.95
N LEU A 63 14.85 3.90 -35.29
CA LEU A 63 16.16 3.48 -35.82
C LEU A 63 16.70 4.35 -36.95
N HIS A 64 15.80 4.77 -37.84
CA HIS A 64 16.14 5.58 -39.01
C HIS A 64 16.20 7.08 -38.66
N TRP A 65 16.35 7.38 -37.36
CA TRP A 65 16.40 8.73 -36.84
C TRP A 65 17.21 9.73 -37.67
N ASN A 66 18.43 9.37 -38.05
CA ASN A 66 19.28 10.34 -38.71
C ASN A 66 18.58 10.98 -39.93
N VAL A 67 17.74 10.17 -40.58
CA VAL A 67 16.93 10.63 -41.73
C VAL A 67 15.54 11.14 -41.30
N THR A 68 14.84 10.34 -40.51
CA THR A 68 13.43 10.62 -40.20
C THR A 68 13.23 11.84 -39.26
N GLN A 69 14.30 12.26 -38.56
CA GLN A 69 14.22 13.48 -37.74
C GLN A 69 13.86 14.70 -38.59
N HIS A 70 13.99 14.57 -39.91
CA HIS A 70 13.75 15.68 -40.81
C HIS A 70 12.44 15.53 -41.55
N LYS A 71 11.74 14.43 -41.28
CA LYS A 71 10.56 14.10 -42.07
C LYS A 71 9.24 14.23 -41.30
N ASN A 72 9.27 14.91 -40.15
CA ASN A 72 8.05 15.26 -39.40
C ASN A 72 7.21 13.99 -39.14
N ILE A 73 7.87 12.99 -38.56
CA ILE A 73 7.30 11.66 -38.37
C ILE A 73 6.93 11.43 -36.91
N GLU A 74 5.69 11.06 -36.63
CA GLU A 74 5.30 10.83 -35.23
C GLU A 74 5.67 9.43 -34.78
N VAL A 75 6.01 9.31 -33.50
CA VAL A 75 6.33 8.02 -32.92
C VAL A 75 5.69 7.89 -31.55
N PRO A 76 5.42 6.64 -31.11
CA PRO A 76 4.96 6.43 -29.77
C PRO A 76 6.10 6.40 -28.76
N PHE A 77 5.81 6.78 -27.52
CA PHE A 77 6.74 6.54 -26.42
C PHE A 77 5.98 6.15 -25.15
N LYS A 78 6.30 4.98 -24.61
CA LYS A 78 5.75 4.56 -23.34
C LYS A 78 6.85 4.57 -22.28
N PRO A 79 6.86 5.61 -21.41
CA PRO A 79 7.89 5.71 -20.36
C PRO A 79 7.72 4.64 -19.28
N ALA A 80 8.77 4.42 -18.49
CA ALA A 80 8.68 3.38 -17.45
C ALA A 80 7.78 3.76 -16.26
N ARG A 81 7.61 5.05 -15.99
CA ARG A 81 6.93 5.52 -14.76
C ARG A 81 6.55 7.00 -14.81
N VAL A 82 5.84 7.46 -13.77
CA VAL A 82 5.36 8.84 -13.71
C VAL A 82 5.69 9.41 -12.34
N ILE A 83 6.06 10.68 -12.29
CA ILE A 83 6.28 11.32 -10.99
C ILE A 83 5.42 12.58 -10.84
N LEU A 84 4.93 12.84 -9.63
CA LEU A 84 4.07 14.00 -9.42
C LEU A 84 4.48 14.72 -8.15
N GLN A 85 4.06 15.97 -8.04
CA GLN A 85 4.15 16.72 -6.77
C GLN A 85 2.71 17.07 -6.37
N ASP A 86 2.49 17.74 -5.23
CA ASP A 86 1.11 17.95 -4.74
C ASP A 86 0.37 19.07 -5.48
N PHE A 87 1.07 20.09 -5.97
CA PHE A 87 0.37 21.19 -6.64
C PHE A 87 -0.36 20.67 -7.86
N THR A 88 0.31 19.84 -8.65
CA THR A 88 -0.33 19.27 -9.86
C THR A 88 -0.95 17.89 -9.56
N GLY A 89 -0.63 17.38 -8.38
CA GLY A 89 -1.07 16.03 -7.95
C GLY A 89 -2.51 16.05 -7.48
N VAL A 90 -2.91 17.12 -6.78
CA VAL A 90 -4.32 17.24 -6.38
C VAL A 90 -5.25 17.23 -7.63
N PRO A 91 -5.10 18.19 -8.57
CA PRO A 91 -5.99 18.15 -9.74
C PRO A 91 -5.90 16.85 -10.55
N ALA A 92 -4.73 16.20 -10.59
CA ALA A 92 -4.61 14.88 -11.21
C ALA A 92 -5.54 13.85 -10.57
N VAL A 93 -5.56 13.77 -9.24
CA VAL A 93 -6.42 12.79 -8.56
C VAL A 93 -7.88 13.21 -8.68
N VAL A 94 -8.15 14.52 -8.69
CA VAL A 94 -9.51 14.98 -9.04
C VAL A 94 -9.91 14.51 -10.46
N ASP A 95 -9.02 14.66 -11.46
CA ASP A 95 -9.29 14.17 -12.83
C ASP A 95 -9.58 12.67 -12.81
N PHE A 96 -8.73 11.91 -12.15
CA PHE A 96 -8.97 10.47 -12.03
C PHE A 96 -10.34 10.15 -11.42
N ALA A 97 -10.68 10.80 -10.31
CA ALA A 97 -11.98 10.59 -9.64
C ALA A 97 -13.13 10.93 -10.58
N ALA A 98 -13.02 12.09 -11.25
CA ALA A 98 -14.00 12.53 -12.25
C ALA A 98 -14.10 11.55 -13.45
N MET A 99 -12.98 11.04 -13.91
CA MET A 99 -13.01 10.04 -14.97
C MET A 99 -13.73 8.78 -14.52
N ARG A 100 -13.55 8.40 -13.25
CA ARG A 100 -14.26 7.20 -12.73
C ARG A 100 -15.77 7.38 -12.78
N ASP A 101 -16.23 8.57 -12.39
CA ASP A 101 -17.65 8.95 -12.42
C ASP A 101 -18.15 8.83 -13.85
N ALA A 102 -17.40 9.43 -14.78
CA ALA A 102 -17.77 9.45 -16.19
C ALA A 102 -17.85 8.02 -16.77
N VAL A 103 -16.81 7.22 -16.52
CA VAL A 103 -16.80 5.82 -17.01
C VAL A 103 -18.00 5.02 -16.45
N LYS A 104 -18.32 5.22 -15.17
CA LYS A 104 -19.47 4.53 -14.57
C LYS A 104 -20.79 4.96 -15.23
N LYS A 105 -20.96 6.28 -15.39
CA LYS A 105 -22.12 6.87 -16.08
C LYS A 105 -22.40 6.23 -17.42
N LEU A 106 -21.34 5.99 -18.17
CA LEU A 106 -21.41 5.45 -19.53
C LEU A 106 -21.59 3.94 -19.55
N GLY A 107 -21.59 3.33 -18.35
CA GLY A 107 -21.79 1.89 -18.22
C GLY A 107 -20.51 1.08 -18.24
N GLY A 108 -19.37 1.76 -18.09
CA GLY A 108 -18.09 1.12 -18.08
C GLY A 108 -17.67 0.73 -16.67
N ASP A 109 -16.49 0.12 -16.58
CA ASP A 109 -15.91 -0.30 -15.30
C ASP A 109 -14.95 0.76 -14.78
N PRO A 110 -15.35 1.51 -13.74
CA PRO A 110 -14.49 2.61 -13.27
C PRO A 110 -13.14 2.16 -12.68
N GLU A 111 -13.00 0.87 -12.37
CA GLU A 111 -11.69 0.32 -11.99
C GLU A 111 -10.71 0.33 -13.17
N LYS A 112 -11.19 0.59 -14.38
CA LYS A 112 -10.28 0.74 -15.51
C LYS A 112 -9.49 2.02 -15.39
N ILE A 113 -10.03 2.98 -14.63
CA ILE A 113 -9.29 4.22 -14.29
C ILE A 113 -8.34 3.89 -13.15
N ASN A 114 -7.13 3.49 -13.52
CA ASN A 114 -6.10 3.07 -12.57
C ASN A 114 -4.75 3.08 -13.25
N PRO A 115 -3.74 3.71 -12.61
CA PRO A 115 -2.37 3.66 -13.16
C PRO A 115 -1.89 2.22 -13.39
N VAL A 116 -1.29 1.99 -14.56
CA VAL A 116 -0.71 0.71 -14.93
C VAL A 116 0.84 0.80 -14.94
N CYS A 117 1.36 1.94 -14.50
CA CYS A 117 2.78 2.08 -14.23
C CYS A 117 2.98 2.70 -12.86
N PRO A 118 4.22 2.61 -12.32
CA PRO A 118 4.45 3.28 -11.03
C PRO A 118 4.22 4.80 -11.07
N ALA A 119 3.54 5.33 -10.05
CA ALA A 119 3.40 6.76 -9.85
C ALA A 119 3.90 7.09 -8.46
N ASP A 120 4.85 8.01 -8.40
CA ASP A 120 5.37 8.52 -7.13
C ASP A 120 4.99 9.98 -7.03
N LEU A 121 4.41 10.34 -5.90
CA LEU A 121 4.02 11.73 -5.65
C LEU A 121 4.68 12.23 -4.38
N VAL A 122 5.34 13.38 -4.49
CA VAL A 122 6.10 14.00 -3.37
C VAL A 122 5.39 15.28 -2.98
N ILE A 123 5.10 15.42 -1.69
CA ILE A 123 4.41 16.63 -1.22
C ILE A 123 5.44 17.68 -0.81
N ASP A 124 5.63 18.66 -1.69
CA ASP A 124 6.72 19.61 -1.53
C ASP A 124 6.29 21.05 -1.74
N HIS A 125 5.08 21.27 -2.31
CA HIS A 125 4.71 22.62 -2.75
C HIS A 125 3.84 23.36 -1.74
N SER A 126 3.67 22.78 -0.56
CA SER A 126 2.72 23.31 0.41
C SER A 126 3.33 24.12 1.57
N ILE A 127 4.57 23.83 1.91
CA ILE A 127 5.20 24.50 3.05
C ILE A 127 5.68 25.90 2.59
N GLN A 128 5.61 26.88 3.51
CA GLN A 128 5.94 28.30 3.20
C GLN A 128 6.91 28.80 4.26
N VAL A 129 7.72 29.81 3.94
CA VAL A 129 8.66 30.37 4.95
C VAL A 129 7.91 31.37 5.83
N ASP A 130 6.95 30.86 6.59
CA ASP A 130 6.25 31.69 7.56
C ASP A 130 7.25 32.20 8.59
N PHE A 131 8.15 31.32 9.00
CA PHE A 131 9.16 31.70 9.98
C PHE A 131 10.53 31.35 9.46
N ASN A 132 11.53 32.15 9.84
CA ASN A 132 12.93 31.87 9.52
C ASN A 132 13.91 32.32 10.61
N ARG A 133 15.17 31.92 10.46
CA ARG A 133 16.30 32.35 11.28
C ARG A 133 16.29 31.84 12.73
N ARG A 134 15.49 30.83 13.01
CA ARG A 134 15.50 30.24 14.32
C ARG A 134 15.51 28.72 14.25
N ALA A 135 15.93 28.14 15.36
CA ALA A 135 16.00 26.69 15.47
C ALA A 135 14.62 26.05 15.27
N ASP A 136 13.58 26.71 15.75
CA ASP A 136 12.25 26.11 15.75
C ASP A 136 11.44 26.51 14.53
N SER A 137 12.08 27.22 13.61
CA SER A 137 11.39 27.74 12.44
C SER A 137 10.84 26.60 11.58
N LEU A 138 11.64 25.54 11.43
CA LEU A 138 11.22 24.36 10.67
C LEU A 138 9.93 23.75 11.23
N GLN A 139 9.87 23.55 12.55
CA GLN A 139 8.67 22.92 13.13
C GLN A 139 7.48 23.84 12.96
N LYS A 140 7.69 25.13 13.15
CA LYS A 140 6.59 26.08 13.06
C LYS A 140 6.05 26.17 11.62
N ASN A 141 6.94 26.06 10.64
CA ASN A 141 6.49 26.03 9.23
C ASN A 141 5.78 24.72 8.90
N GLN A 142 6.27 23.62 9.46
CA GLN A 142 5.68 22.31 9.20
C GLN A 142 4.27 22.22 9.76
N ASP A 143 4.10 22.79 10.96
CA ASP A 143 2.80 22.87 11.61
C ASP A 143 1.79 23.68 10.78
N LEU A 144 2.14 24.90 10.39
CA LEU A 144 1.24 25.69 9.53
C LEU A 144 0.86 24.98 8.23
N GLU A 145 1.84 24.32 7.62
CA GLU A 145 1.59 23.53 6.41
C GLU A 145 0.44 22.56 6.60
N PHE A 146 0.52 21.72 7.64
CA PHE A 146 -0.50 20.71 7.85
C PHE A 146 -1.84 21.37 8.21
N GLU A 147 -1.78 22.46 8.97
CA GLU A 147 -2.96 23.15 9.42
C GLU A 147 -3.68 23.78 8.24
N ARG A 148 -2.91 24.33 7.31
CA ARG A 148 -3.51 24.96 6.13
C ARG A 148 -4.00 23.98 5.07
N ASN A 149 -3.44 22.77 5.04
CA ASN A 149 -3.60 21.87 3.89
C ASN A 149 -4.16 20.50 4.22
N ARG A 150 -4.73 20.34 5.42
CA ARG A 150 -5.21 19.04 5.85
C ARG A 150 -6.10 18.37 4.84
N GLU A 151 -7.08 19.10 4.32
CA GLU A 151 -8.04 18.50 3.39
C GLU A 151 -7.38 17.93 2.13
N ARG A 152 -6.52 18.74 1.51
CA ARG A 152 -5.69 18.31 0.38
C ARG A 152 -4.87 17.07 0.72
N PHE A 153 -4.26 17.08 1.91
CA PHE A 153 -3.45 15.93 2.29
C PHE A 153 -4.34 14.72 2.42
N GLU A 154 -5.53 14.86 3.04
CA GLU A 154 -6.40 13.66 3.23
C GLU A 154 -6.86 13.16 1.87
N PHE A 155 -7.08 14.11 0.97
CA PHE A 155 -7.48 13.76 -0.41
C PHE A 155 -6.40 13.01 -1.19
N LEU A 156 -5.16 13.47 -1.10
CA LEU A 156 -4.08 12.75 -1.80
C LEU A 156 -3.91 11.37 -1.17
N LYS A 157 -3.97 11.34 0.15
CA LYS A 157 -3.80 10.08 0.84
C LYS A 157 -4.88 9.06 0.43
N TRP A 158 -6.14 9.50 0.29
CA TRP A 158 -7.20 8.65 -0.26
C TRP A 158 -6.86 8.22 -1.70
N GLY A 159 -6.50 9.17 -2.55
CA GLY A 159 -6.01 8.88 -3.91
C GLY A 159 -5.00 7.74 -3.95
N SER A 160 -4.03 7.76 -3.03
CA SER A 160 -2.97 6.73 -2.98
C SER A 160 -3.49 5.36 -2.56
N GLN A 161 -4.70 5.33 -2.01
CA GLN A 161 -5.37 4.10 -1.65
C GLN A 161 -6.42 3.68 -2.67
N ALA A 162 -7.03 4.65 -3.33
CA ALA A 162 -8.13 4.38 -4.24
C ALA A 162 -7.67 4.06 -5.67
N PHE A 163 -6.42 4.42 -5.98
CA PHE A 163 -5.79 4.14 -7.28
C PHE A 163 -4.53 3.32 -7.13
N HIS A 164 -4.37 2.34 -8.03
CA HIS A 164 -3.22 1.43 -7.95
C HIS A 164 -1.91 2.12 -8.24
N ASN A 165 -0.82 1.55 -7.72
CA ASN A 165 0.54 1.92 -8.13
C ASN A 165 1.00 3.32 -7.74
N MET A 166 0.35 3.91 -6.73
CA MET A 166 0.67 5.27 -6.29
C MET A 166 1.34 5.23 -4.93
N ARG A 167 2.57 5.73 -4.86
CA ARG A 167 3.28 5.89 -3.61
C ARG A 167 3.36 7.37 -3.29
N ILE A 168 3.09 7.73 -2.04
CA ILE A 168 3.20 9.12 -1.64
C ILE A 168 4.41 9.29 -0.73
N ILE A 169 5.19 10.34 -1.00
CA ILE A 169 6.27 10.74 -0.11
C ILE A 169 5.70 11.93 0.67
N PRO A 170 5.58 11.76 1.99
CA PRO A 170 4.81 12.68 2.83
C PRO A 170 5.46 14.07 2.96
N PRO A 171 4.73 15.08 3.50
CA PRO A 171 5.31 16.38 3.83
C PRO A 171 6.53 16.22 4.72
N GLY A 172 7.49 17.11 4.54
CA GLY A 172 8.68 17.17 5.36
C GLY A 172 9.79 16.24 4.93
N SER A 173 9.72 15.78 3.68
CA SER A 173 10.66 14.81 3.13
C SER A 173 11.60 15.41 2.11
N GLY A 174 11.29 16.59 1.60
CA GLY A 174 12.16 17.18 0.59
C GLY A 174 11.38 17.40 -0.67
N ILE A 175 12.13 17.59 -1.76
CA ILE A 175 11.58 18.14 -2.96
C ILE A 175 11.62 17.09 -4.04
N ILE A 176 10.56 17.03 -4.84
CA ILE A 176 10.35 16.02 -5.91
C ILE A 176 11.63 15.57 -6.61
N HIS A 177 12.34 16.51 -7.22
CA HIS A 177 13.47 16.15 -8.07
C HIS A 177 14.67 15.68 -7.29
N GLN A 178 14.81 16.11 -6.01
CA GLN A 178 16.01 15.74 -5.30
C GLN A 178 15.72 14.36 -4.80
N VAL A 179 14.49 14.15 -4.36
CA VAL A 179 14.09 12.80 -3.90
C VAL A 179 14.10 11.78 -5.05
N ASN A 180 13.78 12.24 -6.25
CA ASN A 180 13.87 11.39 -7.44
C ASN A 180 15.33 10.93 -7.63
N LEU A 181 16.25 11.89 -7.60
CA LEU A 181 17.65 11.62 -7.84
C LEU A 181 18.21 10.71 -6.78
N GLU A 182 17.90 11.00 -5.51
CA GLU A 182 18.57 10.27 -4.42
C GLU A 182 17.90 8.97 -4.03
N TYR A 183 16.63 8.79 -4.37
CA TYR A 183 15.85 7.67 -3.82
C TYR A 183 14.90 6.99 -4.82
N LEU A 184 14.04 7.76 -5.48
CA LEU A 184 12.99 7.17 -6.33
C LEU A 184 13.51 6.61 -7.65
N ALA A 185 14.64 7.13 -8.12
CA ALA A 185 15.14 6.75 -9.44
C ALA A 185 15.62 5.30 -9.45
N ARG A 186 15.17 4.55 -10.45
CA ARG A 186 15.60 3.16 -10.70
C ARG A 186 16.87 3.04 -11.55
N VAL A 187 17.01 3.95 -12.54
CA VAL A 187 18.03 3.90 -13.60
C VAL A 187 17.76 2.75 -14.58
N VAL A 188 17.65 1.55 -14.04
CA VAL A 188 17.26 0.36 -14.80
C VAL A 188 16.14 -0.40 -14.08
N PHE A 189 15.02 -0.64 -14.78
CA PHE A 189 13.93 -1.45 -14.25
C PHE A 189 14.21 -2.93 -14.33
N ASP A 190 13.71 -3.66 -13.35
CA ASP A 190 13.74 -5.12 -13.34
C ASP A 190 12.34 -5.58 -13.00
N GLN A 191 11.52 -5.76 -14.03
CA GLN A 191 10.10 -6.00 -13.86
C GLN A 191 9.70 -7.30 -14.60
N ASP A 192 9.00 -8.21 -13.92
CA ASP A 192 8.49 -9.44 -14.56
C ASP A 192 9.46 -10.20 -15.51
N GLY A 193 10.75 -10.14 -15.22
CA GLY A 193 11.76 -10.88 -15.97
C GLY A 193 12.41 -10.11 -17.12
N TYR A 194 12.25 -8.79 -17.13
CA TYR A 194 12.88 -7.95 -18.15
C TYR A 194 13.49 -6.70 -17.55
N TYR A 195 14.77 -6.50 -17.89
CA TYR A 195 15.45 -5.22 -17.60
C TYR A 195 15.20 -4.23 -18.73
N TYR A 196 15.03 -2.97 -18.37
CA TYR A 196 14.91 -1.90 -19.33
C TYR A 196 15.28 -0.56 -18.67
N PRO A 197 15.58 0.46 -19.47
CA PRO A 197 15.88 1.76 -18.88
C PRO A 197 14.70 2.37 -18.11
N ASP A 198 15.03 2.96 -16.96
CA ASP A 198 14.16 3.91 -16.28
C ASP A 198 13.96 5.11 -17.22
N SER A 199 12.73 5.57 -17.34
CA SER A 199 12.40 6.77 -18.09
C SER A 199 11.08 7.24 -17.51
N LEU A 200 10.72 8.51 -17.74
CA LEU A 200 9.51 9.01 -17.13
C LEU A 200 9.02 10.32 -17.69
N VAL A 201 7.77 10.63 -17.32
CA VAL A 201 7.27 11.96 -17.40
C VAL A 201 6.82 12.34 -15.99
N GLY A 202 6.82 13.63 -15.70
CA GLY A 202 6.47 14.14 -14.38
C GLY A 202 5.59 15.34 -14.53
N THR A 203 4.73 15.59 -13.54
CA THR A 203 3.81 16.71 -13.63
C THR A 203 4.51 17.90 -13.00
N ASP A 204 5.61 18.30 -13.62
CA ASP A 204 6.44 19.39 -13.19
C ASP A 204 7.46 19.60 -14.29
N SER A 205 7.60 20.84 -14.73
CA SER A 205 8.50 21.16 -15.83
C SER A 205 9.98 20.83 -15.56
N HIS A 206 10.40 20.78 -14.29
CA HIS A 206 11.81 20.50 -13.96
C HIS A 206 12.13 19.03 -13.79
N THR A 207 11.20 18.18 -14.23
CA THR A 207 11.39 16.74 -14.19
C THR A 207 12.67 16.35 -14.94
N THR A 208 13.01 17.17 -15.93
CA THR A 208 14.23 17.03 -16.73
C THR A 208 15.52 17.01 -15.90
N MET A 209 15.43 17.40 -14.63
CA MET A 209 16.59 17.30 -13.72
C MET A 209 17.14 15.87 -13.66
N ILE A 210 16.25 14.91 -13.79
CA ILE A 210 16.63 13.48 -13.74
C ILE A 210 17.53 13.08 -14.91
N ASP A 211 17.48 13.86 -15.98
CA ASP A 211 18.26 13.58 -17.18
C ASP A 211 19.76 13.65 -16.87
N GLY A 212 20.11 14.33 -15.77
CA GLY A 212 21.51 14.43 -15.34
C GLY A 212 22.05 13.09 -14.93
N LEU A 213 21.14 12.18 -14.61
CA LEU A 213 21.54 10.87 -14.18
C LEU A 213 21.44 9.84 -15.31
N GLY A 214 21.17 10.29 -16.53
CA GLY A 214 21.04 9.36 -17.68
C GLY A 214 19.68 8.67 -17.76
N ILE A 215 18.70 9.29 -17.13
CA ILE A 215 17.31 8.85 -17.17
C ILE A 215 16.46 9.80 -18.02
N LEU A 216 15.90 9.27 -19.10
CA LEU A 216 15.17 10.13 -20.04
C LEU A 216 13.83 10.50 -19.41
N GLY A 217 13.74 11.72 -18.92
CA GLY A 217 12.51 12.18 -18.29
C GLY A 217 12.25 13.62 -18.62
N TRP A 218 10.98 13.99 -18.72
CA TRP A 218 10.63 15.37 -18.91
C TRP A 218 9.25 15.67 -18.32
N GLY A 219 8.93 16.97 -18.29
CA GLY A 219 7.71 17.49 -17.69
C GLY A 219 6.57 17.46 -18.68
N VAL A 220 5.37 17.23 -18.15
CA VAL A 220 4.15 17.24 -18.96
C VAL A 220 3.03 17.78 -18.09
N GLY A 221 1.95 18.26 -18.72
CA GLY A 221 0.72 18.60 -18.00
C GLY A 221 0.09 17.38 -17.33
N GLY A 222 -0.73 17.62 -16.31
CA GLY A 222 -1.37 16.49 -15.61
C GLY A 222 -2.19 15.63 -16.56
N ILE A 223 -2.97 16.26 -17.44
CA ILE A 223 -3.82 15.49 -18.37
C ILE A 223 -3.02 14.55 -19.28
N GLU A 224 -1.81 14.95 -19.67
CA GLU A 224 -0.95 14.08 -20.45
C GLU A 224 -0.44 12.94 -19.58
N ALA A 225 0.04 13.27 -18.39
CA ALA A 225 0.47 12.25 -17.40
C ALA A 225 -0.61 11.27 -17.00
N GLU A 226 -1.83 11.77 -16.84
CA GLU A 226 -3.00 10.92 -16.60
C GLU A 226 -3.24 9.87 -17.68
N ALA A 227 -3.21 10.30 -18.95
CA ALA A 227 -3.37 9.36 -20.06
C ALA A 227 -2.25 8.31 -20.01
N VAL A 228 -1.03 8.76 -19.73
CA VAL A 228 0.14 7.87 -19.75
C VAL A 228 -0.01 6.81 -18.64
N MET A 229 -0.37 7.26 -17.45
CA MET A 229 -0.65 6.34 -16.34
C MET A 229 -1.70 5.31 -16.70
N LEU A 230 -2.62 5.70 -17.59
CA LEU A 230 -3.67 4.77 -18.07
C LEU A 230 -3.27 3.89 -19.25
N GLY A 231 -2.03 4.03 -19.72
CA GLY A 231 -1.49 3.13 -20.75
C GLY A 231 -1.38 3.73 -22.15
N GLN A 232 -1.76 5.01 -22.29
CA GLN A 232 -1.68 5.69 -23.58
C GLN A 232 -0.21 6.08 -23.82
N PRO A 233 0.36 5.68 -24.98
CA PRO A 233 1.69 6.13 -25.35
C PRO A 233 1.73 7.64 -25.49
N ILE A 234 2.89 8.23 -25.18
CA ILE A 234 3.10 9.62 -25.58
C ILE A 234 3.19 9.63 -27.12
N SER A 235 2.63 10.67 -27.73
CA SER A 235 2.67 10.86 -29.15
C SER A 235 3.53 12.06 -29.40
N MET A 236 4.59 11.88 -30.17
CA MET A 236 5.51 12.95 -30.45
C MET A 236 6.12 12.84 -31.83
N VAL A 237 6.42 14.00 -32.39
CA VAL A 237 7.24 14.09 -33.58
C VAL A 237 8.67 13.71 -33.17
N LEU A 238 9.26 12.74 -33.87
CA LEU A 238 10.58 12.24 -33.52
C LEU A 238 11.52 13.47 -33.51
N PRO A 239 12.21 13.74 -32.36
CA PRO A 239 12.90 15.03 -32.28
C PRO A 239 14.31 15.09 -32.87
N GLN A 240 14.70 16.26 -33.35
CA GLN A 240 16.09 16.54 -33.59
C GLN A 240 16.81 16.62 -32.25
N VAL A 241 18.11 16.34 -32.29
CA VAL A 241 18.95 16.31 -31.10
C VAL A 241 20.17 17.17 -31.28
N ILE A 242 20.26 18.21 -30.45
CA ILE A 242 21.40 19.13 -30.48
C ILE A 242 22.49 18.56 -29.58
N GLY A 243 23.68 18.36 -30.13
CA GLY A 243 24.81 17.88 -29.33
C GLY A 243 25.46 19.08 -28.66
N TYR A 244 25.44 19.10 -27.34
CA TYR A 244 26.10 20.15 -26.59
C TYR A 244 27.43 19.58 -26.09
N ARG A 245 28.50 20.03 -26.71
CA ARG A 245 29.82 19.54 -26.42
C ARG A 245 30.48 20.41 -25.36
N LEU A 246 30.83 19.81 -24.24
CA LEU A 246 31.58 20.50 -23.19
C LEU A 246 33.09 20.24 -23.30
N MET A 247 33.89 21.29 -23.18
CA MET A 247 35.33 21.11 -23.25
C MET A 247 35.96 21.98 -22.18
N GLY A 248 37.23 21.74 -21.91
CA GLY A 248 37.99 22.55 -20.97
C GLY A 248 37.68 22.21 -19.53
N LYS A 249 38.14 23.09 -18.66
CA LYS A 249 37.96 22.95 -17.23
C LYS A 249 37.39 24.26 -16.72
N PRO A 250 36.48 24.17 -15.73
CA PRO A 250 36.04 25.37 -15.07
C PRO A 250 37.12 25.80 -14.08
N HIS A 251 37.31 27.11 -13.95
CA HIS A 251 38.21 27.64 -12.94
C HIS A 251 37.76 27.17 -11.55
N PRO A 252 38.71 26.89 -10.63
CA PRO A 252 38.39 26.39 -9.30
C PRO A 252 37.37 27.20 -8.47
N LEU A 253 37.16 28.48 -8.80
CA LEU A 253 36.20 29.33 -8.07
C LEU A 253 34.77 29.21 -8.61
N VAL A 254 34.65 28.66 -9.83
CA VAL A 254 33.38 28.49 -10.54
C VAL A 254 32.55 27.34 -9.95
N THR A 255 31.23 27.50 -9.95
CA THR A 255 30.30 26.54 -9.32
C THR A 255 29.39 25.92 -10.36
N SER A 256 28.73 24.81 -10.01
CA SER A 256 27.72 24.20 -10.89
C SER A 256 26.71 25.25 -11.37
N THR A 257 26.39 26.19 -10.48
CA THR A 257 25.33 27.17 -10.70
C THR A 257 25.75 28.14 -11.79
N ASP A 258 26.98 28.65 -11.69
CA ASP A 258 27.57 29.49 -12.76
C ASP A 258 27.42 28.83 -14.11
N ILE A 259 27.71 27.52 -14.15
CA ILE A 259 27.71 26.81 -15.43
C ILE A 259 26.28 26.75 -15.99
N VAL A 260 25.31 26.37 -15.18
CA VAL A 260 23.96 26.26 -15.73
C VAL A 260 23.36 27.60 -16.19
N LEU A 261 23.64 28.69 -15.49
CA LEU A 261 23.15 30.01 -15.91
C LEU A 261 23.80 30.43 -17.24
N THR A 262 25.07 30.06 -17.41
CA THR A 262 25.78 30.28 -18.68
C THR A 262 25.13 29.52 -19.86
N ILE A 263 24.87 28.23 -19.64
CA ILE A 263 24.24 27.34 -20.64
C ILE A 263 22.79 27.74 -20.95
N THR A 264 22.05 28.13 -19.91
CA THR A 264 20.68 28.61 -20.11
C THR A 264 20.69 29.76 -21.11
N LYS A 265 21.48 30.79 -20.82
CA LYS A 265 21.58 31.95 -21.67
C LYS A 265 21.99 31.50 -23.08
N HIS A 266 22.92 30.56 -23.14
CA HIS A 266 23.44 30.11 -24.42
C HIS A 266 22.39 29.44 -25.29
N LEU A 267 21.59 28.55 -24.70
CA LEU A 267 20.64 27.74 -25.46
C LEU A 267 19.30 28.44 -25.81
N ARG A 268 18.90 29.45 -25.01
CA ARG A 268 17.78 30.33 -25.41
C ARG A 268 18.13 31.09 -26.68
N GLN A 269 19.39 31.49 -26.81
CA GLN A 269 19.88 32.18 -28.01
C GLN A 269 19.85 31.23 -29.21
N VAL A 270 20.33 30.01 -29.00
CA VAL A 270 20.35 29.00 -30.04
C VAL A 270 18.93 28.61 -30.50
N GLY A 271 18.04 28.39 -29.54
CA GLY A 271 16.65 28.01 -29.86
C GLY A 271 16.53 26.53 -30.04
N VAL A 272 16.00 25.86 -29.01
CA VAL A 272 15.94 24.39 -28.93
C VAL A 272 14.55 23.88 -28.55
N VAL A 273 13.54 24.74 -28.76
CA VAL A 273 12.16 24.37 -28.46
C VAL A 273 11.77 23.22 -29.37
N GLY A 274 11.21 22.18 -28.79
CA GLY A 274 10.81 21.02 -29.57
C GLY A 274 11.93 20.05 -29.87
N LYS A 275 13.12 20.26 -29.28
CA LYS A 275 14.28 19.41 -29.54
C LYS A 275 14.82 18.84 -28.24
N PHE A 276 15.60 17.76 -28.36
CA PHE A 276 16.39 17.24 -27.25
C PHE A 276 17.72 17.96 -27.28
N VAL A 277 18.32 18.17 -26.12
CA VAL A 277 19.73 18.49 -26.10
C VAL A 277 20.39 17.28 -25.46
N GLU A 278 21.54 16.87 -26.00
CA GLU A 278 22.29 15.75 -25.41
C GLU A 278 23.75 16.15 -25.27
N PHE A 279 24.26 16.05 -24.06
CA PHE A 279 25.61 16.48 -23.74
C PHE A 279 26.69 15.46 -24.07
N PHE A 280 27.89 15.94 -24.43
CA PHE A 280 29.02 15.04 -24.73
C PHE A 280 30.29 15.85 -24.63
N GLY A 281 31.43 15.22 -24.91
CA GLY A 281 32.69 15.97 -24.95
C GLY A 281 33.54 15.70 -23.71
N PRO A 282 34.82 16.07 -23.78
CA PRO A 282 35.80 15.77 -22.73
C PRO A 282 35.38 16.40 -21.40
N GLY A 283 34.66 17.53 -21.45
CA GLY A 283 34.26 18.28 -20.26
C GLY A 283 33.15 17.68 -19.41
N VAL A 284 32.47 16.64 -19.89
CA VAL A 284 31.37 16.07 -19.12
C VAL A 284 31.87 15.19 -17.97
N ALA A 285 32.97 14.48 -18.19
CA ALA A 285 33.43 13.47 -17.23
C ALA A 285 33.86 14.07 -15.89
N GLN A 286 34.29 15.33 -15.92
CA GLN A 286 34.68 16.05 -14.71
C GLN A 286 33.49 16.53 -13.88
N LEU A 287 32.32 16.65 -14.51
CA LEU A 287 31.07 16.99 -13.84
C LEU A 287 30.47 15.80 -13.08
N SER A 288 30.22 15.97 -11.79
CA SER A 288 29.52 14.99 -10.96
C SER A 288 28.07 14.86 -11.42
N ILE A 289 27.37 13.85 -10.92
CA ILE A 289 25.93 13.73 -11.20
C ILE A 289 25.16 14.97 -10.73
N ALA A 290 25.42 15.44 -9.52
CA ALA A 290 24.80 16.68 -9.03
C ALA A 290 24.99 17.88 -9.97
N ASP A 291 26.18 18.02 -10.54
CA ASP A 291 26.51 19.08 -11.51
C ASP A 291 25.66 18.92 -12.76
N ARG A 292 25.62 17.70 -13.31
CA ARG A 292 24.88 17.41 -14.53
C ARG A 292 23.40 17.64 -14.33
N ALA A 293 22.91 17.24 -13.15
CA ALA A 293 21.51 17.45 -12.76
C ALA A 293 21.12 18.93 -12.64
N THR A 294 22.00 19.75 -12.05
CA THR A 294 21.82 21.21 -12.06
C THR A 294 21.58 21.70 -13.52
N ILE A 295 22.46 21.30 -14.44
CA ILE A 295 22.32 21.76 -15.83
C ILE A 295 21.02 21.26 -16.45
N ALA A 296 20.70 19.99 -16.22
CA ALA A 296 19.55 19.34 -16.81
C ALA A 296 18.27 19.92 -16.21
N ASN A 297 18.32 20.36 -14.96
CA ASN A 297 17.15 20.89 -14.27
C ASN A 297 16.50 21.98 -15.10
N MET A 298 17.34 22.90 -15.59
CA MET A 298 16.88 24.14 -16.15
C MET A 298 16.47 24.04 -17.62
N CYS A 299 16.29 22.82 -18.10
CA CYS A 299 15.81 22.56 -19.46
C CYS A 299 14.61 23.43 -19.87
N PRO A 300 13.56 23.54 -19.01
CA PRO A 300 12.46 24.37 -19.52
C PRO A 300 12.83 25.85 -19.67
N GLU A 301 13.82 26.31 -18.89
CA GLU A 301 14.21 27.71 -18.93
C GLU A 301 14.93 28.02 -20.24
N TYR A 302 15.62 27.04 -20.80
CA TYR A 302 16.24 27.27 -22.10
C TYR A 302 15.39 26.75 -23.29
N GLY A 303 14.32 25.99 -23.00
CA GLY A 303 13.31 25.65 -23.99
C GLY A 303 13.17 24.21 -24.47
N ALA A 304 14.19 23.39 -24.24
CA ALA A 304 14.27 22.03 -24.81
C ALA A 304 13.30 21.09 -24.11
N THR A 305 13.05 19.93 -24.72
CA THR A 305 12.22 18.92 -24.10
C THR A 305 13.08 18.05 -23.18
N ALA A 306 14.32 17.80 -23.59
CA ALA A 306 15.25 17.05 -22.74
C ALA A 306 16.65 17.61 -22.87
N ALA A 307 17.43 17.36 -21.82
CA ALA A 307 18.79 17.86 -21.68
C ALA A 307 19.57 16.68 -21.10
N PHE A 308 20.02 15.78 -21.98
CA PHE A 308 20.30 14.42 -21.55
C PHE A 308 21.80 14.23 -21.33
N PHE A 309 22.15 13.61 -20.19
CA PHE A 309 23.50 13.13 -19.92
C PHE A 309 23.48 11.61 -19.77
N PRO A 310 23.92 10.87 -20.81
CA PRO A 310 23.94 9.39 -20.68
C PRO A 310 24.67 8.84 -19.44
N VAL A 311 24.31 7.62 -19.06
CA VAL A 311 24.89 7.00 -17.89
C VAL A 311 26.33 6.61 -18.19
N ASP A 312 27.26 6.97 -17.30
CA ASP A 312 28.66 6.61 -17.42
C ASP A 312 29.14 6.14 -16.04
N GLU A 313 30.44 5.94 -15.87
CA GLU A 313 30.94 5.44 -14.60
C GLU A 313 30.67 6.44 -13.45
N VAL A 314 30.64 7.74 -13.76
CA VAL A 314 30.34 8.76 -12.74
C VAL A 314 28.91 8.57 -12.20
N SER A 315 27.97 8.23 -13.09
CA SER A 315 26.60 7.93 -12.68
C SER A 315 26.60 6.72 -11.73
N ILE A 316 27.29 5.65 -12.10
CA ILE A 316 27.39 4.44 -11.26
C ILE A 316 27.94 4.80 -9.87
N THR A 317 28.95 5.67 -9.84
CA THR A 317 29.58 6.09 -8.60
C THR A 317 28.56 6.84 -7.72
N TYR A 318 27.70 7.64 -8.36
CA TYR A 318 26.65 8.37 -7.64
C TYR A 318 25.67 7.40 -7.00
N LEU A 319 25.22 6.41 -7.79
CA LEU A 319 24.34 5.35 -7.29
C LEU A 319 24.95 4.58 -6.12
N VAL A 320 26.25 4.29 -6.16
CA VAL A 320 26.85 3.61 -5.00
C VAL A 320 26.95 4.55 -3.80
N GLN A 321 27.23 5.83 -4.06
CA GLN A 321 27.29 6.82 -2.99
C GLN A 321 25.94 7.07 -2.32
N THR A 322 24.85 7.06 -3.10
CA THR A 322 23.48 7.27 -2.59
C THR A 322 22.92 5.97 -1.99
N GLY A 323 23.77 4.98 -1.86
CA GLY A 323 23.41 3.72 -1.21
C GLY A 323 22.46 2.82 -1.94
N ARG A 324 22.45 2.84 -3.27
CA ARG A 324 21.62 1.89 -4.02
C ARG A 324 22.08 0.44 -3.79
N ASP A 325 21.14 -0.49 -3.78
CA ASP A 325 21.42 -1.90 -3.49
C ASP A 325 22.49 -2.52 -4.37
N GLU A 326 23.40 -3.26 -3.74
CA GLU A 326 24.53 -3.93 -4.40
C GLU A 326 24.10 -4.79 -5.59
N GLU A 327 23.01 -5.53 -5.39
CA GLU A 327 22.48 -6.45 -6.37
C GLU A 327 22.02 -5.68 -7.58
N LYS A 328 21.36 -4.56 -7.31
CA LYS A 328 20.79 -3.72 -8.36
C LYS A 328 21.90 -3.07 -9.18
N LEU A 329 22.87 -2.46 -8.51
CA LEU A 329 24.02 -1.86 -9.18
C LEU A 329 24.66 -2.82 -10.18
N LYS A 330 24.85 -4.06 -9.77
CA LYS A 330 25.41 -5.09 -10.64
C LYS A 330 24.76 -5.02 -12.01
N TYR A 331 23.44 -5.20 -12.05
CA TYR A 331 22.74 -5.30 -13.32
C TYR A 331 22.50 -3.97 -14.03
N ILE A 332 22.52 -2.85 -13.29
CA ILE A 332 22.39 -1.51 -13.93
C ILE A 332 23.54 -1.30 -14.92
N LYS A 333 24.79 -1.37 -14.44
CA LYS A 333 25.94 -1.21 -15.34
C LYS A 333 26.02 -2.36 -16.36
N LYS A 334 25.89 -3.60 -15.88
CA LYS A 334 25.89 -4.77 -16.76
C LYS A 334 24.82 -4.71 -17.87
N TYR A 335 23.59 -4.32 -17.54
CA TYR A 335 22.55 -4.14 -18.55
C TYR A 335 22.87 -3.05 -19.59
N LEU A 336 23.29 -1.87 -19.10
CA LEU A 336 23.58 -0.76 -20.00
C LEU A 336 24.73 -1.07 -20.96
N GLN A 337 25.72 -1.81 -20.45
CA GLN A 337 26.84 -2.23 -21.27
C GLN A 337 26.43 -3.24 -22.32
N ALA A 338 25.67 -4.25 -21.92
CA ALA A 338 25.18 -5.26 -22.87
C ALA A 338 24.30 -4.69 -23.98
N VAL A 339 23.51 -3.67 -23.67
CA VAL A 339 22.54 -3.12 -24.63
C VAL A 339 23.12 -1.99 -25.49
N GLY A 340 24.21 -1.38 -25.02
CA GLY A 340 24.90 -0.31 -25.77
C GLY A 340 24.39 1.05 -25.35
N MET A 341 23.99 1.15 -24.08
CA MET A 341 23.55 2.44 -23.52
C MET A 341 24.46 2.93 -22.39
N PHE A 342 25.71 2.45 -22.37
CA PHE A 342 26.65 2.86 -21.33
C PHE A 342 27.74 3.72 -21.95
N ARG A 343 27.88 4.92 -21.41
CA ARG A 343 28.74 5.94 -22.02
C ARG A 343 30.13 6.02 -21.40
N ASP A 344 31.10 6.39 -22.25
CA ASP A 344 32.39 6.88 -21.83
C ASP A 344 32.60 8.19 -22.55
N PHE A 345 32.41 9.29 -21.83
CA PHE A 345 32.46 10.60 -22.47
C PHE A 345 33.87 10.93 -22.96
N ASN A 346 34.84 10.14 -22.51
CA ASN A 346 36.25 10.32 -22.86
C ASN A 346 36.64 9.56 -24.13
N ASP A 347 35.64 9.04 -24.84
CA ASP A 347 35.86 8.30 -26.07
C ASP A 347 35.08 8.92 -27.24
N PRO A 348 35.73 9.81 -28.01
CA PRO A 348 35.05 10.49 -29.12
C PRO A 348 34.49 9.54 -30.18
N SER A 349 35.10 8.37 -30.37
CA SER A 349 34.58 7.40 -31.34
C SER A 349 33.15 6.96 -30.99
N GLN A 350 32.78 7.08 -29.71
CA GLN A 350 31.45 6.71 -29.24
C GLN A 350 30.41 7.85 -29.32
N ASP A 351 30.86 9.09 -29.56
CA ASP A 351 29.93 10.20 -29.77
C ASP A 351 28.93 9.99 -30.92
N PRO A 352 27.62 10.11 -30.62
CA PRO A 352 26.54 10.02 -31.61
C PRO A 352 26.67 11.02 -32.77
N ASP A 353 25.88 10.81 -33.82
CA ASP A 353 25.81 11.73 -34.96
C ASP A 353 24.71 12.76 -34.74
N PHE A 354 24.92 13.78 -33.91
CA PHE A 354 23.83 14.72 -33.61
C PHE A 354 23.37 15.58 -34.81
N THR A 355 22.16 16.12 -34.71
CA THR A 355 21.63 17.02 -35.76
C THR A 355 22.64 18.15 -36.01
N GLN A 356 22.98 18.86 -34.94
CA GLN A 356 24.09 19.79 -35.00
C GLN A 356 24.75 19.86 -33.64
N VAL A 357 25.97 20.38 -33.61
CA VAL A 357 26.71 20.52 -32.37
C VAL A 357 26.89 21.99 -32.01
N VAL A 358 26.68 22.29 -30.74
CA VAL A 358 27.01 23.59 -30.18
C VAL A 358 28.01 23.32 -29.07
N GLU A 359 28.88 24.29 -28.81
CA GLU A 359 30.01 24.08 -27.89
C GLU A 359 30.06 25.04 -26.71
N LEU A 360 30.57 24.54 -25.59
CA LEU A 360 30.99 25.39 -24.49
C LEU A 360 32.36 25.02 -23.93
N ASP A 361 33.28 25.97 -23.93
CA ASP A 361 34.55 25.78 -23.28
C ASP A 361 34.40 26.25 -21.84
N LEU A 362 34.44 25.30 -20.90
CA LEU A 362 34.13 25.62 -19.48
C LEU A 362 35.06 26.67 -18.84
N LYS A 363 36.21 26.91 -19.46
CA LYS A 363 37.11 27.96 -18.95
C LYS A 363 36.53 29.34 -19.15
N THR A 364 35.56 29.45 -20.06
CA THR A 364 34.95 30.77 -20.32
C THR A 364 33.86 31.08 -19.27
N VAL A 365 33.50 30.09 -18.44
CA VAL A 365 32.51 30.32 -17.39
C VAL A 365 33.11 31.17 -16.30
N VAL A 366 32.38 32.20 -15.90
CA VAL A 366 32.79 33.07 -14.79
C VAL A 366 31.72 33.03 -13.70
N PRO A 367 32.10 33.34 -12.44
CA PRO A 367 31.10 33.44 -11.39
C PRO A 367 30.04 34.43 -11.84
N CYS A 368 28.78 34.06 -11.70
CA CYS A 368 27.71 34.87 -12.28
C CYS A 368 26.39 34.68 -11.55
N CYS A 369 25.50 35.64 -11.77
CA CYS A 369 24.12 35.57 -11.31
C CYS A 369 23.22 35.81 -12.54
N SER A 370 21.92 35.62 -12.38
CA SER A 370 20.97 35.91 -13.46
C SER A 370 19.79 36.69 -12.94
N GLY A 371 19.50 37.78 -13.64
CA GLY A 371 18.41 38.68 -13.30
C GLY A 371 18.59 40.03 -13.97
N PRO A 372 17.86 41.05 -13.48
CA PRO A 372 16.99 40.96 -12.30
C PRO A 372 15.63 40.30 -12.52
N LYS A 373 15.29 39.95 -13.77
CA LYS A 373 13.90 39.56 -14.11
C LYS A 373 13.69 38.31 -15.01
N ARG A 374 14.79 37.70 -15.48
CA ARG A 374 14.71 36.48 -16.30
C ARG A 374 15.86 35.52 -16.02
N PRO A 375 15.60 34.20 -16.09
CA PRO A 375 16.64 33.19 -15.87
C PRO A 375 17.79 33.24 -16.87
N GLN A 376 17.53 33.73 -18.09
CA GLN A 376 18.57 33.80 -19.14
C GLN A 376 19.39 35.11 -19.09
N ASP A 377 19.04 36.01 -18.19
CA ASP A 377 19.78 37.27 -18.09
C ASP A 377 21.06 37.19 -17.27
N LYS A 378 22.04 36.47 -17.81
CA LYS A 378 23.28 36.24 -17.07
C LYS A 378 24.01 37.56 -16.83
N VAL A 379 24.49 37.71 -15.60
CA VAL A 379 25.33 38.84 -15.20
C VAL A 379 26.53 38.32 -14.44
N ALA A 380 27.72 38.60 -14.95
CA ALA A 380 28.96 38.30 -14.24
C ALA A 380 28.91 38.92 -12.86
N VAL A 381 29.40 38.18 -11.85
CA VAL A 381 29.53 38.75 -10.50
C VAL A 381 30.37 40.04 -10.53
N SER A 382 31.43 40.03 -11.33
CA SER A 382 32.24 41.25 -11.58
C SER A 382 31.43 42.45 -12.06
N ASP A 383 30.29 42.20 -12.71
CA ASP A 383 29.46 43.26 -13.32
C ASP A 383 28.13 43.48 -12.62
N MET A 384 27.89 42.77 -11.52
CA MET A 384 26.62 42.90 -10.83
C MET A 384 26.30 44.34 -10.43
N LYS A 385 27.28 45.05 -9.87
CA LYS A 385 27.06 46.42 -9.40
C LYS A 385 26.73 47.35 -10.57
N LYS A 386 27.55 47.27 -11.61
CA LYS A 386 27.37 48.03 -12.83
C LYS A 386 26.05 47.79 -13.52
N ASP A 387 25.68 46.51 -13.66
CA ASP A 387 24.48 46.15 -14.41
C ASP A 387 23.20 46.60 -13.71
N PHE A 388 23.17 46.44 -12.38
CA PHE A 388 22.05 46.92 -11.59
C PHE A 388 21.93 48.43 -11.67
N GLU A 389 23.05 49.14 -11.52
CA GLU A 389 23.01 50.59 -11.53
C GLU A 389 22.57 51.10 -12.91
N SER A 390 22.96 50.37 -13.97
CA SER A 390 22.43 50.58 -15.32
C SER A 390 20.93 50.32 -15.40
N CYS A 391 20.47 49.31 -14.67
CA CYS A 391 19.06 48.95 -14.59
C CYS A 391 18.20 50.00 -13.88
N LEU A 392 18.76 50.62 -12.85
CA LEU A 392 18.01 51.63 -12.10
C LEU A 392 17.34 52.65 -13.03
N GLY A 393 18.12 53.22 -13.94
CA GLY A 393 17.64 54.29 -14.82
C GLY A 393 17.13 53.86 -16.18
N ALA A 394 17.25 52.58 -16.51
CA ALA A 394 16.80 52.08 -17.82
C ALA A 394 15.28 51.98 -17.88
N LYS A 395 14.74 52.15 -19.08
CA LYS A 395 13.29 52.06 -19.27
C LYS A 395 12.74 50.75 -18.74
N GLN A 396 11.67 50.86 -17.96
CA GLN A 396 11.02 49.70 -17.36
C GLN A 396 10.97 48.50 -18.31
N GLY A 397 11.60 47.41 -17.89
CA GLY A 397 11.66 46.16 -18.66
C GLY A 397 12.45 45.11 -17.91
N PHE A 398 12.83 44.03 -18.61
CA PHE A 398 13.65 42.97 -17.99
C PHE A 398 14.96 43.55 -17.44
N LYS A 399 15.46 44.60 -18.12
CA LYS A 399 16.69 45.27 -17.70
C LYS A 399 16.50 46.78 -17.41
N GLY A 400 15.37 47.13 -16.82
CA GLY A 400 15.10 48.50 -16.40
C GLY A 400 14.07 48.57 -15.29
N PHE A 401 14.35 49.40 -14.28
CA PHE A 401 13.43 49.63 -13.17
C PHE A 401 12.76 51.01 -13.30
N GLN A 402 13.31 51.86 -14.17
CA GLN A 402 12.75 53.19 -14.41
C GLN A 402 12.68 54.01 -13.11
N VAL A 403 13.84 54.25 -12.51
CA VAL A 403 13.97 55.14 -11.36
C VAL A 403 14.69 56.40 -11.85
N ALA A 404 14.10 57.57 -11.58
CA ALA A 404 14.73 58.84 -11.97
C ALA A 404 16.14 58.91 -11.41
N PRO A 405 17.11 59.34 -12.24
CA PRO A 405 18.53 59.28 -11.89
C PRO A 405 18.82 59.88 -10.52
N GLU A 406 18.07 60.91 -10.15
CA GLU A 406 18.29 61.67 -8.93
C GLU A 406 18.14 60.80 -7.69
N HIS A 407 17.36 59.73 -7.81
CA HIS A 407 16.98 58.89 -6.67
C HIS A 407 17.81 57.62 -6.55
N HIS A 408 18.76 57.44 -7.45
CA HIS A 408 19.59 56.23 -7.49
C HIS A 408 20.36 55.97 -6.19
N ASN A 409 20.57 57.02 -5.42
CA ASN A 409 21.28 56.93 -4.14
C ASN A 409 20.37 57.13 -2.92
N ASP A 410 19.06 57.08 -3.15
CA ASP A 410 18.04 57.06 -2.09
C ASP A 410 18.33 56.01 -1.04
N HIS A 411 17.90 56.29 0.19
CA HIS A 411 18.02 55.34 1.30
C HIS A 411 16.98 55.68 2.34
N LYS A 412 16.46 54.67 3.00
CA LYS A 412 15.47 54.88 4.04
C LYS A 412 15.89 54.18 5.33
N THR A 413 15.94 54.94 6.42
CA THR A 413 16.18 54.35 7.73
C THR A 413 14.95 53.57 8.14
N PHE A 414 15.16 52.54 8.96
CA PHE A 414 14.05 51.84 9.60
C PHE A 414 14.54 51.19 10.88
N ILE A 415 13.61 50.88 11.77
CA ILE A 415 13.95 50.21 13.03
C ILE A 415 13.47 48.76 13.00
N TYR A 416 14.42 47.86 13.21
CA TYR A 416 14.10 46.46 13.32
C TYR A 416 14.73 45.93 14.60
N ASP A 417 13.90 45.34 15.46
CA ASP A 417 14.36 44.84 16.75
C ASP A 417 15.12 45.95 17.48
N ASN A 418 14.46 47.12 17.55
CA ASN A 418 14.94 48.31 18.27
C ASN A 418 16.35 48.77 17.90
N THR A 419 16.75 48.49 16.66
CA THR A 419 18.03 48.94 16.12
C THR A 419 17.78 49.59 14.78
N GLU A 420 18.49 50.67 14.50
CA GLU A 420 18.27 51.40 13.27
C GLU A 420 19.11 50.83 12.16
N PHE A 421 18.48 50.68 11.01
CA PHE A 421 19.15 50.20 9.81
C PHE A 421 18.78 51.15 8.68
N THR A 422 19.56 51.13 7.60
CA THR A 422 19.24 51.93 6.43
C THR A 422 19.10 51.01 5.25
N LEU A 423 17.96 51.11 4.56
CA LEU A 423 17.73 50.38 3.31
C LEU A 423 17.96 51.31 2.12
N ALA A 424 18.38 50.73 1.00
CA ALA A 424 18.63 51.49 -0.23
C ALA A 424 18.32 50.65 -1.46
N HIS A 425 18.43 51.26 -2.64
CA HIS A 425 18.30 50.51 -3.90
C HIS A 425 19.40 49.46 -3.92
N GLY A 426 19.00 48.21 -4.17
CA GLY A 426 19.94 47.11 -4.27
C GLY A 426 20.21 46.38 -2.98
N SER A 427 19.58 46.85 -1.89
CA SER A 427 19.69 46.18 -0.60
C SER A 427 19.08 44.79 -0.71
N VAL A 428 19.82 43.80 -0.20
CA VAL A 428 19.34 42.41 -0.18
C VAL A 428 18.37 42.24 1.00
N VAL A 429 17.14 41.82 0.71
CA VAL A 429 16.14 41.60 1.76
C VAL A 429 15.66 40.14 1.84
N ILE A 430 15.95 39.38 0.79
CA ILE A 430 15.68 37.94 0.74
C ILE A 430 16.98 37.28 0.25
N ALA A 431 17.42 36.26 0.96
CA ALA A 431 18.61 35.50 0.59
C ALA A 431 18.32 34.08 1.01
N ALA A 432 17.88 33.29 0.03
CA ALA A 432 17.32 31.97 0.28
C ALA A 432 18.15 30.93 -0.44
N ILE A 433 18.68 29.98 0.32
CA ILE A 433 19.30 28.81 -0.30
C ILE A 433 18.15 27.84 -0.44
N THR A 434 17.70 27.71 -1.69
CA THR A 434 16.45 27.07 -1.99
C THR A 434 16.64 26.36 -3.32
N SER A 435 15.75 25.41 -3.60
CA SER A 435 15.58 24.83 -4.93
C SER A 435 16.35 23.54 -5.14
N CYS A 436 15.62 22.50 -5.55
CA CYS A 436 16.22 21.21 -5.87
C CYS A 436 17.39 21.41 -6.85
N THR A 437 17.29 22.42 -7.71
CA THR A 437 18.34 22.77 -8.70
C THR A 437 19.70 22.73 -8.02
N ASN A 438 19.79 23.35 -6.84
CA ASN A 438 21.07 23.47 -6.18
C ASN A 438 21.28 22.72 -4.86
N THR A 439 20.21 22.42 -4.13
CA THR A 439 20.33 21.72 -2.85
C THR A 439 20.61 20.22 -3.06
N SER A 440 20.42 19.73 -4.27
CA SER A 440 20.81 18.34 -4.57
C SER A 440 22.34 18.24 -4.74
N ASN A 441 23.02 19.40 -4.66
CA ASN A 441 24.46 19.47 -5.03
C ASN A 441 25.38 19.75 -3.85
N PRO A 442 26.00 18.71 -3.26
CA PRO A 442 26.87 18.94 -2.07
C PRO A 442 28.01 19.90 -2.30
N SER A 443 28.46 20.05 -3.54
CA SER A 443 29.53 21.01 -3.90
C SER A 443 29.17 22.43 -3.52
N VAL A 444 27.93 22.81 -3.80
CA VAL A 444 27.50 24.19 -3.50
C VAL A 444 26.88 24.30 -2.10
N MET A 445 26.27 23.22 -1.61
CA MET A 445 25.77 23.19 -0.24
C MET A 445 26.94 23.23 0.74
N LEU A 446 27.92 22.34 0.57
CA LEU A 446 29.11 22.42 1.42
C LEU A 446 29.94 23.67 1.17
N GLY A 447 30.03 24.10 -0.09
CA GLY A 447 30.63 25.38 -0.48
C GLY A 447 30.04 26.50 0.37
N ALA A 448 28.71 26.56 0.40
CA ALA A 448 27.99 27.55 1.22
C ALA A 448 28.33 27.43 2.70
N GLY A 449 28.32 26.21 3.25
CA GLY A 449 28.74 26.01 4.64
C GLY A 449 30.17 26.43 4.96
N LEU A 450 31.12 26.09 4.09
CA LEU A 450 32.54 26.39 4.33
C LEU A 450 32.79 27.87 4.22
N LEU A 451 32.02 28.53 3.37
CA LEU A 451 32.08 29.99 3.29
C LEU A 451 31.51 30.57 4.57
N ALA A 452 30.39 30.02 5.04
CA ALA A 452 29.81 30.43 6.33
C ALA A 452 30.80 30.35 7.49
N LYS A 453 31.48 29.20 7.62
CA LYS A 453 32.51 29.00 8.67
C LYS A 453 33.65 29.98 8.54
N LYS A 454 34.19 30.14 7.33
CA LYS A 454 35.26 31.11 7.10
C LYS A 454 34.81 32.49 7.53
N ALA A 455 33.65 32.92 7.05
CA ALA A 455 33.09 34.24 7.40
C ALA A 455 32.92 34.43 8.91
N VAL A 456 32.33 33.45 9.58
CA VAL A 456 32.08 33.55 11.02
C VAL A 456 33.39 33.73 11.80
N ASP A 457 34.35 32.86 11.50
CA ASP A 457 35.68 32.94 12.10
C ASP A 457 36.35 34.29 11.82
N ALA A 458 36.01 34.88 10.68
CA ALA A 458 36.55 36.18 10.25
C ALA A 458 35.80 37.33 10.92
N GLY A 459 34.82 36.98 11.74
CA GLY A 459 34.05 37.98 12.48
C GLY A 459 33.04 38.71 11.62
N LEU A 460 32.42 37.99 10.69
CA LEU A 460 31.40 38.58 9.85
C LEU A 460 30.00 38.17 10.30
N ASN A 461 29.02 39.02 9.99
CA ASN A 461 27.62 38.75 10.28
C ASN A 461 26.70 39.16 9.14
N VAL A 462 25.50 38.59 9.15
CA VAL A 462 24.41 39.00 8.28
C VAL A 462 23.46 39.84 9.11
N MET A 463 23.13 41.02 8.60
CA MET A 463 22.22 41.93 9.29
C MET A 463 20.90 41.25 9.62
N PRO A 464 20.35 41.48 10.82
CA PRO A 464 19.31 40.59 11.34
C PRO A 464 17.93 40.78 10.72
N TYR A 465 17.70 41.88 10.01
CA TYR A 465 16.43 42.11 9.32
C TYR A 465 16.33 41.36 7.99
N ILE A 466 17.44 40.80 7.53
CA ILE A 466 17.46 40.12 6.22
C ILE A 466 16.77 38.77 6.35
N LYS A 467 15.85 38.47 5.45
CA LYS A 467 15.14 37.19 5.46
C LYS A 467 15.99 36.13 4.77
N THR A 468 16.91 35.58 5.54
CA THR A 468 17.74 34.47 5.14
C THR A 468 16.95 33.18 5.36
N SER A 469 17.18 32.16 4.52
CA SER A 469 16.57 30.83 4.71
C SER A 469 17.35 29.73 4.02
N LEU A 470 17.24 28.53 4.57
CA LEU A 470 17.78 27.32 3.99
C LEU A 470 16.63 26.31 3.89
N SER A 471 16.32 25.90 2.65
CA SER A 471 15.21 24.99 2.36
C SER A 471 15.72 23.81 1.52
N PRO A 472 16.32 22.78 2.19
CA PRO A 472 16.90 21.63 1.48
C PRO A 472 15.86 20.72 0.80
N GLY A 473 16.25 20.08 -0.30
CA GLY A 473 15.36 19.14 -0.98
C GLY A 473 15.46 17.71 -0.48
N SER A 474 16.25 17.51 0.56
CA SER A 474 16.22 16.27 1.33
C SER A 474 16.97 16.45 2.62
N GLY A 475 16.77 15.51 3.52
CA GLY A 475 17.32 15.55 4.87
C GLY A 475 18.77 15.13 4.84
N VAL A 476 19.23 14.57 3.71
CA VAL A 476 20.65 14.22 3.60
C VAL A 476 21.47 15.49 3.65
N VAL A 477 20.93 16.60 3.12
CA VAL A 477 21.67 17.83 3.09
C VAL A 477 22.02 18.27 4.53
N THR A 478 21.00 18.32 5.39
CA THR A 478 21.16 18.77 6.77
C THR A 478 22.09 17.84 7.48
N TYR A 479 22.03 16.57 7.10
CA TYR A 479 22.78 15.54 7.76
C TYR A 479 24.28 15.78 7.54
N TYR A 480 24.68 16.03 6.29
CA TYR A 480 26.08 16.33 6.01
C TYR A 480 26.55 17.72 6.41
N LEU A 481 25.65 18.70 6.43
CA LEU A 481 26.02 20.01 6.96
C LEU A 481 26.28 19.96 8.46
N GLN A 482 25.62 19.05 9.17
CA GLN A 482 25.84 18.83 10.59
C GLN A 482 27.08 17.98 10.91
N GLU A 483 27.22 16.84 10.23
CA GLU A 483 28.37 15.99 10.40
C GLU A 483 29.69 16.72 10.11
N SER A 484 29.68 17.59 9.10
CA SER A 484 30.86 18.32 8.69
C SER A 484 31.18 19.48 9.62
N GLY A 485 30.30 19.77 10.57
CA GLY A 485 30.51 20.86 11.52
C GLY A 485 30.15 22.23 11.00
N VAL A 486 29.76 22.31 9.72
CA VAL A 486 29.42 23.63 9.14
C VAL A 486 28.03 24.20 9.53
N MET A 487 27.10 23.37 9.97
CA MET A 487 25.71 23.87 10.17
C MET A 487 25.60 24.97 11.23
N PRO A 488 26.36 24.87 12.35
CA PRO A 488 26.25 25.93 13.34
C PRO A 488 26.61 27.29 12.77
N TYR A 489 27.53 27.32 11.80
CA TYR A 489 28.00 28.58 11.24
C TYR A 489 26.98 29.12 10.23
N LEU A 490 26.35 28.21 9.47
CA LEU A 490 25.18 28.56 8.67
C LEU A 490 24.10 29.17 9.59
N SER A 491 23.77 28.48 10.69
CA SER A 491 22.76 28.97 11.65
C SER A 491 23.04 30.40 12.08
N GLN A 492 24.29 30.70 12.44
CA GLN A 492 24.60 32.04 12.98
C GLN A 492 24.41 33.14 11.93
N LEU A 493 24.60 32.77 10.66
CA LEU A 493 24.42 33.72 9.58
C LEU A 493 22.92 33.82 9.20
N GLY A 494 22.07 33.01 9.86
CA GLY A 494 20.61 33.08 9.66
C GLY A 494 20.07 32.01 8.72
N PHE A 495 20.92 31.04 8.39
CA PHE A 495 20.54 29.93 7.48
C PHE A 495 20.22 28.62 8.19
N ASP A 496 19.53 28.69 9.35
CA ASP A 496 18.87 27.52 9.90
C ASP A 496 17.94 26.90 8.84
N VAL A 497 17.76 25.57 8.90
CA VAL A 497 16.76 24.90 8.04
C VAL A 497 15.36 25.42 8.37
N VAL A 498 14.59 25.81 7.34
CA VAL A 498 13.21 26.27 7.58
C VAL A 498 12.13 25.33 7.05
N GLY A 499 12.56 24.32 6.30
CA GLY A 499 11.62 23.36 5.71
C GLY A 499 12.29 22.55 4.63
N TYR A 500 11.68 21.42 4.29
CA TYR A 500 12.14 20.53 3.21
C TYR A 500 11.03 20.53 2.15
N GLY A 501 10.99 21.58 1.34
CA GLY A 501 10.03 21.74 0.24
C GLY A 501 10.51 22.89 -0.61
N CYS A 502 9.75 23.22 -1.66
CA CYS A 502 10.10 24.27 -2.64
C CYS A 502 10.28 25.62 -2.00
N MET A 503 9.29 26.05 -1.21
CA MET A 503 9.45 27.27 -0.41
C MET A 503 9.79 28.48 -1.28
N THR A 504 10.92 29.12 -1.06
CA THR A 504 11.17 30.38 -1.82
C THR A 504 11.26 30.13 -3.33
N CYS A 505 11.73 28.95 -3.73
CA CYS A 505 11.89 28.66 -5.16
C CYS A 505 10.59 28.94 -5.93
N ILE A 506 9.47 28.55 -5.33
CA ILE A 506 8.18 28.63 -6.00
C ILE A 506 7.38 29.88 -5.63
N GLY A 507 8.00 30.80 -4.87
CA GLY A 507 7.28 31.95 -4.34
C GLY A 507 6.57 31.72 -3.02
N ASN A 508 6.75 30.54 -2.41
CA ASN A 508 6.24 30.25 -1.06
C ASN A 508 7.19 30.89 -0.05
N SER A 509 7.39 32.19 -0.19
CA SER A 509 8.50 32.89 0.48
C SER A 509 8.13 33.56 1.81
N GLY A 510 6.84 33.61 2.13
CA GLY A 510 6.37 34.11 3.41
C GLY A 510 6.52 35.63 3.51
N PRO A 511 6.18 36.21 4.67
CA PRO A 511 6.26 37.67 4.92
C PRO A 511 7.67 38.22 5.12
N LEU A 512 7.87 39.46 4.70
CA LEU A 512 9.03 40.25 5.10
C LEU A 512 8.71 41.02 6.40
N PRO A 513 9.74 41.38 7.19
CA PRO A 513 9.48 42.18 8.38
C PRO A 513 8.70 43.47 8.06
N GLU A 514 7.74 43.83 8.90
CA GLU A 514 6.92 45.03 8.69
C GLU A 514 7.72 46.31 8.45
N PRO A 515 8.78 46.57 9.26
CA PRO A 515 9.62 47.76 9.11
C PRO A 515 10.48 47.79 7.85
N VAL A 516 10.79 46.62 7.29
CA VAL A 516 11.50 46.51 6.00
C VAL A 516 10.56 46.79 4.81
N VAL A 517 9.35 46.24 4.86
CA VAL A 517 8.33 46.52 3.84
C VAL A 517 8.01 48.03 3.78
N GLU A 518 7.86 48.65 4.95
CA GLU A 518 7.62 50.08 5.10
C GLU A 518 8.66 50.89 4.33
N ALA A 519 9.93 50.67 4.66
CA ALA A 519 11.05 51.36 4.01
C ALA A 519 11.03 51.19 2.51
N ILE A 520 10.74 49.97 2.05
CA ILE A 520 10.70 49.69 0.62
C ILE A 520 9.64 50.53 -0.11
N THR A 521 8.41 50.50 0.39
CA THR A 521 7.30 51.25 -0.22
C THR A 521 7.38 52.77 0.01
N GLN A 522 7.76 53.18 1.21
CA GLN A 522 7.88 54.60 1.55
C GLN A 522 9.03 55.28 0.80
N GLY A 523 10.10 54.53 0.55
CA GLY A 523 11.27 55.07 -0.10
C GLY A 523 11.27 54.89 -1.60
N ASP A 524 10.33 54.05 -2.07
CA ASP A 524 10.29 53.65 -3.47
C ASP A 524 11.57 52.94 -3.87
N LEU A 525 11.93 51.91 -3.11
CA LEU A 525 13.23 51.26 -3.29
C LEU A 525 13.13 50.00 -4.14
N VAL A 526 14.20 49.74 -4.90
CA VAL A 526 14.38 48.50 -5.63
C VAL A 526 15.08 47.52 -4.69
N ALA A 527 14.27 46.75 -3.97
CA ALA A 527 14.76 45.78 -2.98
C ALA A 527 15.01 44.42 -3.63
N VAL A 528 16.04 43.72 -3.15
CA VAL A 528 16.58 42.62 -3.92
C VAL A 528 16.41 41.29 -3.20
N GLY A 529 15.91 40.29 -3.90
CA GLY A 529 16.00 38.91 -3.44
C GLY A 529 17.08 38.17 -4.22
N VAL A 530 17.94 37.44 -3.52
CA VAL A 530 18.94 36.57 -4.14
C VAL A 530 18.68 35.12 -3.71
N LEU A 531 18.57 34.22 -4.67
CA LEU A 531 18.15 32.85 -4.40
C LEU A 531 18.79 31.81 -5.33
N SER A 532 18.97 30.60 -4.81
CA SER A 532 19.65 29.57 -5.61
C SER A 532 18.63 28.78 -6.41
N GLY A 533 17.63 29.47 -6.94
CA GLY A 533 16.58 28.86 -7.77
C GLY A 533 16.85 28.84 -9.27
N ASN A 534 15.79 28.65 -10.06
CA ASN A 534 15.87 28.60 -11.51
C ASN A 534 14.88 29.58 -12.15
N ARG A 535 14.10 30.31 -11.34
CA ARG A 535 13.11 31.27 -11.89
C ARG A 535 13.03 32.51 -11.00
N ASN A 536 12.99 33.67 -11.66
CA ASN A 536 13.11 35.00 -11.01
C ASN A 536 12.26 36.05 -11.71
N PHE A 537 11.13 35.62 -12.26
CA PHE A 537 10.27 36.52 -13.05
C PHE A 537 9.61 37.54 -12.15
N GLU A 538 9.39 38.76 -12.65
CA GLU A 538 8.87 39.83 -11.79
C GLU A 538 7.69 39.28 -10.96
N GLY A 539 7.76 39.53 -9.65
CA GLY A 539 6.68 39.17 -8.72
C GLY A 539 6.59 37.73 -8.23
N ARG A 540 7.36 36.82 -8.82
CA ARG A 540 7.22 35.41 -8.45
C ARG A 540 8.10 34.92 -7.27
N VAL A 541 8.92 35.81 -6.72
CA VAL A 541 9.72 35.43 -5.54
C VAL A 541 9.07 36.01 -4.30
N HIS A 542 8.94 37.34 -4.26
CA HIS A 542 8.22 38.02 -3.19
C HIS A 542 7.58 39.27 -3.77
N PRO A 543 6.38 39.64 -3.30
CA PRO A 543 5.69 40.85 -3.75
C PRO A 543 6.48 42.15 -3.57
N ASN A 544 7.37 42.20 -2.59
CA ASN A 544 8.15 43.41 -2.30
C ASN A 544 9.60 43.43 -2.85
N THR A 545 10.00 42.44 -3.65
CA THR A 545 11.31 42.53 -4.31
C THR A 545 11.18 42.77 -5.81
N ARG A 546 11.64 43.93 -6.28
CA ARG A 546 11.59 44.25 -7.71
C ARG A 546 12.74 43.63 -8.51
N ALA A 547 13.76 43.16 -7.78
CA ALA A 547 14.94 42.55 -8.38
C ALA A 547 15.21 41.19 -7.71
N ASN A 548 15.28 40.14 -8.53
CA ASN A 548 15.63 38.83 -8.04
C ASN A 548 16.74 38.21 -8.89
N TYR A 549 17.79 37.74 -8.22
CA TYR A 549 18.96 37.20 -8.91
C TYR A 549 19.20 35.75 -8.53
N LEU A 550 19.30 34.88 -9.53
CA LEU A 550 19.64 33.48 -9.29
C LEU A 550 21.14 33.44 -9.09
N ALA A 551 21.62 32.69 -8.12
CA ALA A 551 23.05 32.65 -7.81
C ALA A 551 23.34 31.40 -7.02
N SER A 552 24.59 30.91 -7.05
CA SER A 552 24.94 29.71 -6.25
C SER A 552 24.66 29.95 -4.76
N PRO A 553 24.38 28.88 -3.99
CA PRO A 553 24.31 28.98 -2.54
C PRO A 553 25.42 29.78 -1.85
N PRO A 554 26.73 29.58 -2.19
CA PRO A 554 27.72 30.44 -1.52
C PRO A 554 27.58 31.93 -1.87
N LEU A 555 27.17 32.26 -3.11
CA LEU A 555 26.88 33.65 -3.48
C LEU A 555 25.69 34.20 -2.73
N VAL A 556 24.66 33.39 -2.53
CA VAL A 556 23.53 33.79 -1.68
C VAL A 556 24.04 34.27 -0.31
N ILE A 557 24.95 33.51 0.30
CA ILE A 557 25.58 33.87 1.57
C ILE A 557 26.41 35.15 1.47
N ALA A 558 27.21 35.25 0.41
CA ALA A 558 28.07 36.40 0.15
C ALA A 558 27.24 37.67 0.08
N TYR A 559 26.15 37.66 -0.69
CA TYR A 559 25.27 38.85 -0.75
C TYR A 559 24.52 39.11 0.54
N ALA A 560 24.22 38.06 1.31
CA ALA A 560 23.59 38.25 2.61
C ALA A 560 24.54 39.04 3.53
N ILE A 561 25.82 38.65 3.53
CA ILE A 561 26.85 39.24 4.39
C ILE A 561 27.10 40.69 3.99
N ALA A 562 27.25 40.89 2.68
CA ALA A 562 27.44 42.23 2.15
C ALA A 562 26.18 43.07 2.30
N GLY A 563 25.01 42.42 2.21
CA GLY A 563 23.70 43.06 2.42
C GLY A 563 23.19 43.89 1.23
N THR A 564 23.93 43.85 0.14
CA THR A 564 23.60 44.59 -1.09
C THR A 564 24.21 43.84 -2.28
N ILE A 565 23.61 43.94 -3.45
CA ILE A 565 24.28 43.45 -4.68
C ILE A 565 25.09 44.53 -5.42
N ARG A 566 24.94 45.79 -5.02
CA ARG A 566 25.75 46.91 -5.52
C ARG A 566 27.13 46.91 -4.87
N ILE A 567 27.92 45.90 -5.18
CA ILE A 567 29.21 45.70 -4.53
C ILE A 567 30.23 45.12 -5.49
N ASP A 568 31.43 45.69 -5.46
CA ASP A 568 32.55 45.10 -6.14
C ASP A 568 33.35 44.31 -5.12
N PHE A 569 33.18 42.98 -5.12
CA PHE A 569 33.82 42.13 -4.12
C PHE A 569 35.34 42.21 -4.15
N GLU A 570 35.90 42.59 -5.30
CA GLU A 570 37.33 42.74 -5.47
C GLU A 570 37.80 44.03 -4.82
N LYS A 571 37.05 45.09 -5.08
CA LYS A 571 37.42 46.46 -4.71
C LYS A 571 37.03 46.81 -3.28
N GLU A 572 35.93 46.24 -2.80
CA GLU A 572 35.38 46.55 -1.48
C GLU A 572 35.40 45.33 -0.57
N PRO A 573 35.81 45.51 0.70
CA PRO A 573 35.77 44.41 1.66
C PRO A 573 34.34 44.19 2.13
N LEU A 574 34.09 43.01 2.72
CA LEU A 574 32.82 42.70 3.37
C LEU A 574 32.70 43.39 4.73
N GLY A 575 33.77 43.31 5.51
CA GLY A 575 33.86 43.95 6.81
C GLY A 575 35.29 43.99 7.29
N VAL A 576 35.48 44.28 8.57
CA VAL A 576 36.81 44.38 9.15
C VAL A 576 37.03 43.31 10.23
N ASN A 577 38.11 42.57 10.09
CA ASN A 577 38.50 41.55 11.06
C ASN A 577 39.29 42.19 12.19
N ALA A 578 38.97 41.81 13.42
CA ALA A 578 39.56 42.40 14.63
C ALA A 578 41.09 42.33 14.71
N LYS A 579 41.73 41.60 13.79
CA LYS A 579 43.19 41.44 13.77
C LYS A 579 43.78 41.94 12.43
N GLY A 580 43.65 41.11 11.39
CA GLY A 580 44.22 41.42 10.08
C GLY A 580 43.46 42.46 9.29
N GLN A 581 42.44 43.05 9.91
CA GLN A 581 41.63 44.13 9.34
C GLN A 581 40.73 43.65 8.17
N GLN A 582 40.97 44.20 6.98
CA GLN A 582 40.12 44.01 5.80
C GLN A 582 39.80 42.54 5.50
N VAL A 583 38.51 42.22 5.41
CA VAL A 583 38.08 40.87 5.00
C VAL A 583 37.35 40.96 3.65
N PHE A 584 37.96 40.34 2.64
CA PHE A 584 37.43 40.34 1.28
C PHE A 584 36.83 39.00 0.96
N LEU A 585 35.84 38.99 0.06
CA LEU A 585 35.19 37.76 -0.37
C LEU A 585 36.24 36.69 -0.72
N LYS A 586 37.33 37.14 -1.34
CA LYS A 586 38.39 36.23 -1.81
C LYS A 586 38.98 35.43 -0.65
N ASP A 587 39.06 36.06 0.52
CA ASP A 587 39.67 35.46 1.70
C ASP A 587 38.81 34.39 2.31
N ILE A 588 37.49 34.50 2.12
CA ILE A 588 36.54 33.59 2.74
C ILE A 588 36.01 32.51 1.76
N TRP A 589 36.21 32.72 0.47
CA TRP A 589 35.74 31.82 -0.57
C TRP A 589 36.49 30.48 -0.54
N PRO A 590 35.76 29.37 -0.38
CA PRO A 590 36.43 28.07 -0.44
C PRO A 590 36.78 27.69 -1.88
N THR A 591 37.95 27.07 -2.05
CA THR A 591 38.40 26.60 -3.35
C THR A 591 37.74 25.26 -3.71
N ARG A 592 37.75 24.91 -4.99
CA ARG A 592 37.17 23.64 -5.43
C ARG A 592 37.74 22.47 -4.64
N ASP A 593 39.02 22.58 -4.26
CA ASP A 593 39.77 21.49 -3.64
C ASP A 593 39.42 21.29 -2.17
N GLU A 594 39.24 22.40 -1.45
CA GLU A 594 38.76 22.37 -0.08
C GLU A 594 37.32 21.83 0.03
N ILE A 595 36.52 22.10 -0.99
CA ILE A 595 35.14 21.61 -1.06
C ILE A 595 35.13 20.09 -1.32
N GLN A 596 35.98 19.64 -2.25
CA GLN A 596 35.99 18.24 -2.69
C GLN A 596 36.38 17.30 -1.58
N ALA A 597 37.24 17.78 -0.68
CA ALA A 597 37.69 16.99 0.45
C ALA A 597 36.53 16.73 1.43
N VAL A 598 35.86 17.80 1.83
CA VAL A 598 34.72 17.76 2.76
C VAL A 598 33.59 16.91 2.20
N GLU A 599 33.36 17.01 0.89
CA GLU A 599 32.36 16.22 0.20
C GLU A 599 32.75 14.74 0.17
N ARG A 600 33.99 14.47 -0.22
CA ARG A 600 34.48 13.10 -0.29
C ARG A 600 34.38 12.45 1.08
N GLN A 601 34.66 13.23 2.12
CA GLN A 601 34.65 12.78 3.52
C GLN A 601 33.25 12.59 4.11
N TYR A 602 32.34 13.53 3.83
CA TYR A 602 31.04 13.60 4.54
C TYR A 602 29.78 13.19 3.80
N VAL A 603 29.89 12.71 2.57
CA VAL A 603 28.71 12.32 1.80
C VAL A 603 28.79 10.84 1.45
N ILE A 604 28.41 10.02 2.44
CA ILE A 604 28.58 8.57 2.39
C ILE A 604 27.23 7.85 2.37
N PRO A 605 27.17 6.67 1.72
CA PRO A 605 25.90 5.96 1.52
C PRO A 605 25.10 5.73 2.80
N GLY A 606 25.79 5.63 3.94
CA GLY A 606 25.14 5.46 5.26
C GLY A 606 24.13 6.54 5.58
N MET A 607 24.48 7.80 5.31
CA MET A 607 23.55 8.92 5.48
C MET A 607 22.28 8.76 4.66
N PHE A 608 22.44 8.39 3.39
CA PHE A 608 21.31 8.18 2.50
C PHE A 608 20.44 7.05 3.05
N LYS A 609 21.07 5.94 3.40
CA LYS A 609 20.36 4.82 4.05
C LYS A 609 19.49 5.33 5.18
N GLU A 610 20.10 6.13 6.06
CA GLU A 610 19.47 6.63 7.26
C GLU A 610 18.34 7.59 6.98
N VAL A 611 18.58 8.53 6.07
CA VAL A 611 17.56 9.52 5.77
C VAL A 611 16.35 8.83 5.17
N TYR A 612 16.58 7.92 4.23
CA TYR A 612 15.51 7.40 3.40
C TYR A 612 14.87 6.11 3.93
N GLN A 613 15.48 5.52 4.96
CA GLN A 613 15.01 4.27 5.58
C GLN A 613 13.51 4.26 5.89
N LYS A 614 13.02 5.37 6.44
CA LYS A 614 11.65 5.46 6.95
C LYS A 614 10.86 6.54 6.23
N ILE A 615 11.33 6.98 5.06
CA ILE A 615 10.76 8.17 4.43
C ILE A 615 9.23 8.12 4.32
N GLU A 616 8.69 6.96 3.95
CA GLU A 616 7.24 6.84 3.72
C GLU A 616 6.40 6.78 5.00
N THR A 617 7.03 6.43 6.11
CA THR A 617 6.31 6.03 7.34
C THR A 617 6.60 6.91 8.54
N VAL A 618 7.62 7.77 8.44
CA VAL A 618 8.06 8.54 9.60
C VAL A 618 7.11 9.67 10.02
N ASN A 619 6.33 10.19 9.08
CA ASN A 619 5.46 11.32 9.36
C ASN A 619 4.19 10.90 10.08
N GLU A 620 4.19 11.06 11.41
CA GLU A 620 3.11 10.58 12.27
C GLU A 620 1.80 11.32 11.99
N SER A 621 1.90 12.61 11.66
CA SER A 621 0.76 13.46 11.30
C SER A 621 0.06 13.00 10.02
N TRP A 622 0.87 12.67 9.03
CA TRP A 622 0.41 11.98 7.83
C TRP A 622 -0.25 10.65 8.11
N ASN A 623 0.42 9.81 8.91
CA ASN A 623 -0.07 8.48 9.20
C ASN A 623 -1.43 8.57 9.89
N ALA A 624 -1.61 9.63 10.67
CA ALA A 624 -2.83 9.86 11.44
C ALA A 624 -4.05 10.18 10.58
N LEU A 625 -3.82 10.80 9.42
CA LEU A 625 -4.90 11.19 8.51
C LEU A 625 -5.81 10.00 8.20
N ALA A 626 -7.09 10.16 8.51
CA ALA A 626 -8.06 9.16 8.19
C ALA A 626 -8.50 9.35 6.74
N THR A 627 -8.79 8.23 6.10
CA THR A 627 -9.24 8.24 4.72
C THR A 627 -10.48 7.37 4.62
N PRO A 628 -11.42 7.74 3.72
CA PRO A 628 -12.53 6.81 3.50
C PRO A 628 -12.05 5.54 2.78
N SER A 629 -12.90 4.54 2.74
CA SER A 629 -12.55 3.31 2.03
C SER A 629 -13.11 3.30 0.61
N ASP A 630 -13.76 4.38 0.22
CA ASP A 630 -14.40 4.51 -1.11
C ASP A 630 -13.45 4.33 -2.27
N LYS A 631 -13.98 3.81 -3.38
CA LYS A 631 -13.28 3.76 -4.66
C LYS A 631 -13.81 4.88 -5.54
N LEU A 632 -15.05 5.31 -5.29
CA LEU A 632 -15.61 6.40 -6.03
C LEU A 632 -15.69 7.56 -5.05
N PHE A 633 -15.14 8.70 -5.44
CA PHE A 633 -15.02 9.86 -4.53
C PHE A 633 -16.36 10.47 -4.07
N PHE A 634 -16.52 10.59 -2.76
CA PHE A 634 -17.73 11.17 -2.19
C PHE A 634 -17.61 12.69 -2.22
N TRP A 635 -17.92 13.30 -3.36
CA TRP A 635 -17.74 14.74 -3.49
C TRP A 635 -18.55 15.44 -2.40
N ASN A 636 -17.92 16.39 -1.70
CA ASN A 636 -18.57 17.11 -0.61
C ASN A 636 -18.91 18.51 -1.08
N SER A 637 -20.21 18.83 -1.15
CA SER A 637 -20.63 20.18 -1.56
C SER A 637 -20.06 21.29 -0.69
N LYS A 638 -19.66 20.96 0.54
CA LYS A 638 -19.20 21.98 1.47
C LYS A 638 -17.76 22.40 1.20
N SER A 639 -17.06 21.57 0.43
CA SER A 639 -15.64 21.80 0.19
C SER A 639 -15.36 22.99 -0.69
N THR A 640 -14.36 23.77 -0.27
CA THR A 640 -13.79 24.83 -1.10
C THR A 640 -12.44 24.43 -1.71
N TYR A 641 -11.98 23.21 -1.40
CA TYR A 641 -10.71 22.67 -1.94
C TYR A 641 -10.91 21.64 -3.03
N ILE A 642 -11.90 20.76 -2.85
CA ILE A 642 -12.15 19.60 -3.76
C ILE A 642 -13.58 19.63 -4.37
N LYS A 643 -13.66 19.69 -5.68
CA LYS A 643 -14.91 19.92 -6.40
C LYS A 643 -14.95 19.07 -7.64
N SER A 644 -16.10 18.46 -7.88
CA SER A 644 -16.27 17.66 -9.08
C SER A 644 -16.25 18.61 -10.27
N PRO A 645 -15.29 18.39 -11.19
CA PRO A 645 -15.11 19.32 -12.30
C PRO A 645 -16.13 19.07 -13.41
N PRO A 646 -16.41 20.12 -14.19
CA PRO A 646 -17.47 20.00 -15.19
C PRO A 646 -17.02 19.35 -16.51
N PHE A 647 -15.73 18.99 -16.62
CA PHE A 647 -15.13 18.59 -17.91
C PHE A 647 -15.89 17.49 -18.67
N PHE A 648 -16.51 16.57 -17.93
CA PHE A 648 -17.06 15.37 -18.54
C PHE A 648 -18.59 15.40 -18.48
N GLU A 649 -19.13 16.57 -18.13
CA GLU A 649 -20.56 16.79 -18.10
C GLU A 649 -21.16 16.44 -19.46
N ASN A 650 -22.20 15.63 -19.45
CA ASN A 650 -22.95 15.27 -20.66
C ASN A 650 -22.09 14.63 -21.75
N LEU A 651 -20.98 14.01 -21.36
CA LEU A 651 -20.13 13.33 -22.31
C LEU A 651 -20.93 12.21 -22.97
N THR A 652 -20.85 12.14 -24.30
CA THR A 652 -21.48 11.06 -25.08
C THR A 652 -20.40 10.13 -25.64
N LEU A 653 -20.77 8.87 -25.89
CA LEU A 653 -19.85 7.89 -26.47
C LEU A 653 -19.51 8.24 -27.92
N ASP A 654 -20.53 8.62 -28.67
CA ASP A 654 -20.33 8.97 -30.07
C ASP A 654 -19.80 10.39 -30.21
N LEU A 655 -19.01 10.61 -31.25
CA LEU A 655 -18.41 11.91 -31.56
C LEU A 655 -19.21 12.60 -32.64
N GLN A 656 -19.41 13.89 -32.49
CA GLN A 656 -19.87 14.71 -33.59
C GLN A 656 -18.71 15.55 -34.10
N PRO A 657 -18.71 15.86 -35.40
CA PRO A 657 -17.64 16.63 -36.04
C PRO A 657 -17.42 17.99 -35.36
N PRO A 658 -16.19 18.52 -35.44
CA PRO A 658 -15.88 19.90 -35.08
C PRO A 658 -16.49 20.90 -36.05
N LYS A 659 -17.03 21.99 -35.52
CA LYS A 659 -17.54 23.07 -36.32
C LYS A 659 -16.59 24.27 -36.25
N SER A 660 -16.67 25.15 -37.23
CA SER A 660 -15.89 26.37 -37.22
C SER A 660 -16.17 27.18 -35.96
N ILE A 661 -15.21 28.02 -35.57
CA ILE A 661 -15.44 29.01 -34.55
C ILE A 661 -15.96 30.27 -35.28
N VAL A 662 -17.16 30.71 -34.92
CA VAL A 662 -17.86 31.75 -35.70
C VAL A 662 -17.99 33.07 -34.95
N ASP A 663 -17.49 34.15 -35.57
CA ASP A 663 -17.51 35.51 -34.99
C ASP A 663 -17.05 35.52 -33.54
N ALA A 664 -15.90 34.91 -33.28
CA ALA A 664 -15.30 34.96 -31.96
C ALA A 664 -14.83 36.38 -31.62
N TYR A 665 -15.00 36.76 -30.36
CA TYR A 665 -14.32 37.91 -29.77
C TYR A 665 -12.97 37.52 -29.19
N VAL A 666 -12.08 38.49 -29.16
CA VAL A 666 -10.75 38.32 -28.59
C VAL A 666 -10.84 38.73 -27.13
N LEU A 667 -10.73 37.74 -26.23
CA LEU A 667 -10.79 38.01 -24.79
C LEU A 667 -9.58 38.79 -24.25
N LEU A 668 -8.39 38.47 -24.74
CA LEU A 668 -7.15 39.18 -24.39
C LEU A 668 -6.24 39.28 -25.60
N ASN A 669 -5.61 40.45 -25.73
CA ASN A 669 -4.59 40.71 -26.72
C ASN A 669 -3.23 40.75 -26.01
N LEU A 670 -2.48 39.65 -26.07
CA LEU A 670 -1.19 39.54 -25.33
C LEU A 670 0.09 39.70 -26.19
N GLY A 671 1.20 39.99 -25.50
CA GLY A 671 2.51 40.12 -26.15
C GLY A 671 3.38 38.89 -25.95
N ASP A 672 4.69 39.12 -25.88
CA ASP A 672 5.68 38.03 -25.84
C ASP A 672 5.88 37.41 -24.46
N SER A 673 6.45 36.21 -24.48
CA SER A 673 6.84 35.50 -23.25
C SER A 673 5.79 35.55 -22.12
N VAL A 674 4.53 35.31 -22.47
CA VAL A 674 3.46 35.15 -21.48
C VAL A 674 3.65 33.81 -20.77
N THR A 675 3.95 33.85 -19.47
CA THR A 675 4.24 32.61 -18.75
C THR A 675 2.98 31.92 -18.24
N THR A 676 3.08 30.64 -17.88
CA THR A 676 1.93 29.99 -17.33
C THR A 676 1.62 30.54 -15.95
N ASP A 677 2.50 31.39 -15.41
CA ASP A 677 2.20 32.10 -14.17
C ASP A 677 1.20 33.23 -14.36
N HIS A 678 1.33 33.89 -15.52
CA HIS A 678 0.43 34.92 -15.96
C HIS A 678 -0.92 34.31 -16.32
N ILE A 679 -0.91 33.15 -16.98
CA ILE A 679 -2.16 32.50 -17.39
C ILE A 679 -2.91 31.89 -16.20
N SER A 680 -2.17 31.21 -15.33
CA SER A 680 -2.71 30.47 -14.20
C SER A 680 -1.78 30.65 -12.98
N PRO A 681 -1.87 31.83 -12.33
CA PRO A 681 -1.05 32.12 -11.17
C PRO A 681 -1.20 31.04 -10.11
N ALA A 682 -0.13 30.79 -9.34
CA ALA A 682 -0.18 29.76 -8.32
C ALA A 682 0.02 30.24 -6.87
N GLY A 683 0.27 31.54 -6.67
CA GLY A 683 0.60 32.05 -5.34
C GLY A 683 -0.54 32.73 -4.63
N ASN A 684 -0.24 33.88 -4.04
CA ASN A 684 -1.22 34.70 -3.36
C ASN A 684 -2.49 34.92 -4.17
N ILE A 685 -3.62 34.86 -3.48
CA ILE A 685 -4.93 35.25 -4.05
C ILE A 685 -5.22 36.71 -3.65
N ALA A 686 -5.25 37.63 -4.62
CA ALA A 686 -5.46 39.07 -4.33
C ALA A 686 -6.84 39.36 -3.76
N ARG A 687 -6.92 40.29 -2.82
CA ARG A 687 -8.20 40.63 -2.18
C ARG A 687 -9.19 41.20 -3.22
N ASN A 688 -8.66 41.90 -4.20
CA ASN A 688 -9.51 42.44 -5.26
C ASN A 688 -9.46 41.53 -6.47
N SER A 689 -10.06 40.34 -6.33
CA SER A 689 -10.11 39.39 -7.44
C SER A 689 -11.37 38.52 -7.43
N PRO A 690 -11.80 38.06 -8.62
CA PRO A 690 -12.93 37.12 -8.65
C PRO A 690 -12.78 35.96 -7.67
N ALA A 691 -11.58 35.38 -7.54
CA ALA A 691 -11.41 34.21 -6.67
C ALA A 691 -11.54 34.53 -5.22
N ALA A 692 -11.15 35.74 -4.85
CA ALA A 692 -11.31 36.22 -3.47
C ALA A 692 -12.79 36.44 -3.16
N ARG A 693 -13.52 37.02 -4.10
CA ARG A 693 -14.97 37.23 -3.90
C ARG A 693 -15.70 35.90 -3.73
N TYR A 694 -15.31 34.91 -4.51
CA TYR A 694 -15.94 33.59 -4.40
C TYR A 694 -15.65 33.01 -3.03
N LEU A 695 -14.40 33.11 -2.59
CA LEU A 695 -14.03 32.48 -1.32
C LEU A 695 -14.63 33.23 -0.13
N THR A 696 -14.73 34.54 -0.26
CA THR A 696 -15.41 35.40 0.72
C THR A 696 -16.89 35.02 0.83
N ASN A 697 -17.54 34.87 -0.31
CA ASN A 697 -18.92 34.41 -0.33
C ASN A 697 -19.10 33.09 0.41
N ARG A 698 -18.05 32.25 0.38
CA ARG A 698 -18.08 30.93 1.05
C ARG A 698 -17.68 31.06 2.52
N GLY A 699 -17.48 32.30 2.96
CA GLY A 699 -17.24 32.63 4.37
C GLY A 699 -15.80 32.59 4.88
N LEU A 700 -14.83 32.71 3.98
CA LEU A 700 -13.40 32.64 4.33
C LEU A 700 -12.77 34.03 4.43
N THR A 701 -11.84 34.21 5.37
CA THR A 701 -11.05 35.46 5.45
C THR A 701 -9.80 35.34 4.56
N PRO A 702 -9.15 36.47 4.19
CA PRO A 702 -7.93 36.38 3.36
C PRO A 702 -6.83 35.43 3.88
N ARG A 703 -6.60 35.43 5.18
CA ARG A 703 -5.62 34.51 5.77
C ARG A 703 -5.97 33.04 5.54
N GLU A 704 -7.24 32.76 5.23
CA GLU A 704 -7.68 31.38 4.94
C GLU A 704 -7.69 31.07 3.45
N PHE A 705 -7.48 32.08 2.60
CA PHE A 705 -7.48 31.88 1.15
C PHE A 705 -6.55 30.75 0.69
N ASN A 706 -5.36 30.68 1.30
CA ASN A 706 -4.30 29.80 0.83
C ASN A 706 -3.88 30.23 -0.59
N SER A 707 -3.05 29.45 -1.26
CA SER A 707 -2.56 29.85 -2.58
C SER A 707 -3.47 29.32 -3.68
N TYR A 708 -3.30 29.87 -4.88
CA TYR A 708 -3.98 29.34 -6.06
C TYR A 708 -3.60 27.90 -6.34
N GLY A 709 -2.32 27.56 -6.25
CA GLY A 709 -1.88 26.18 -6.51
C GLY A 709 -2.60 25.23 -5.57
N SER A 710 -2.81 25.68 -4.34
CA SER A 710 -3.51 24.85 -3.35
C SER A 710 -5.01 24.65 -3.68
N ARG A 711 -5.56 25.51 -4.53
CA ARG A 711 -6.99 25.46 -4.84
C ARG A 711 -7.29 24.76 -6.14
N ARG A 712 -6.30 24.05 -6.69
CA ARG A 712 -6.41 23.47 -8.03
C ARG A 712 -7.41 22.34 -8.16
N GLY A 713 -7.82 21.77 -7.02
CA GLY A 713 -8.89 20.76 -7.05
C GLY A 713 -10.28 21.39 -7.11
N ASN A 714 -10.35 22.71 -7.16
CA ASN A 714 -11.63 23.45 -7.19
C ASN A 714 -11.70 24.30 -8.43
N ASP A 715 -12.37 23.81 -9.48
CA ASP A 715 -12.39 24.56 -10.76
C ASP A 715 -13.03 25.94 -10.67
N ALA A 716 -13.91 26.11 -9.69
CA ALA A 716 -14.58 27.38 -9.45
C ALA A 716 -13.57 28.46 -9.11
N VAL A 717 -12.61 28.14 -8.23
CA VAL A 717 -11.50 29.06 -7.91
C VAL A 717 -10.54 29.25 -9.09
N MET A 718 -10.21 28.14 -9.78
CA MET A 718 -9.17 28.16 -10.80
C MET A 718 -9.62 28.91 -12.05
N ALA A 719 -10.89 28.74 -12.45
CA ALA A 719 -11.43 29.57 -13.54
C ALA A 719 -11.31 31.06 -13.18
N ARG A 720 -11.68 31.38 -11.95
CA ARG A 720 -11.63 32.76 -11.44
C ARG A 720 -10.19 33.30 -11.36
N GLY A 721 -9.24 32.40 -11.11
CA GLY A 721 -7.79 32.72 -11.09
C GLY A 721 -7.13 32.82 -12.47
N THR A 722 -7.89 32.58 -13.54
CA THR A 722 -7.30 32.49 -14.87
C THR A 722 -7.10 33.89 -15.40
N PHE A 723 -5.90 34.17 -15.89
CA PHE A 723 -5.43 35.50 -16.26
C PHE A 723 -5.58 36.52 -15.13
N ALA A 724 -5.59 36.03 -13.90
CA ALA A 724 -5.69 36.89 -12.71
C ALA A 724 -4.35 37.39 -12.16
N ASN A 725 -3.25 37.09 -12.84
CA ASN A 725 -1.91 37.52 -12.41
C ASN A 725 -1.85 39.05 -12.44
N ILE A 726 -1.45 39.67 -11.33
CA ILE A 726 -1.55 41.14 -11.25
C ILE A 726 -0.59 41.86 -12.18
N ARG A 727 0.23 41.10 -12.88
CA ARG A 727 1.25 41.68 -13.78
C ARG A 727 0.99 41.35 -15.23
N LEU A 728 -0.17 40.75 -15.48
CA LEU A 728 -0.60 40.53 -16.85
C LEU A 728 -0.55 41.84 -17.63
N LEU A 729 0.06 41.79 -18.81
CA LEU A 729 0.09 42.95 -19.67
C LEU A 729 -0.80 42.74 -20.89
N ASN A 730 -2.08 43.10 -20.76
CA ASN A 730 -3.05 42.96 -21.82
C ASN A 730 -2.93 44.20 -22.72
N ARG A 731 -2.68 44.00 -24.02
CA ARG A 731 -2.43 45.15 -24.93
C ARG A 731 -3.70 45.97 -25.15
N PHE A 732 -4.84 45.44 -24.75
CA PHE A 732 -6.09 46.23 -24.75
C PHE A 732 -6.03 47.38 -23.75
N LEU A 733 -5.28 47.20 -22.68
CA LEU A 733 -5.27 48.21 -21.64
C LEU A 733 -3.95 48.97 -21.56
N ASN A 734 -2.97 48.54 -22.37
CA ASN A 734 -1.61 49.09 -22.33
C ASN A 734 -1.13 49.36 -20.90
N LYS A 735 -1.25 48.36 -20.01
CA LYS A 735 -0.80 48.47 -18.62
C LYS A 735 -0.88 47.12 -17.90
N GLN A 736 -0.17 46.99 -16.79
CA GLN A 736 -0.25 45.76 -16.01
C GLN A 736 -1.54 45.74 -15.20
N ALA A 737 -2.38 44.73 -15.46
CA ALA A 737 -3.70 44.62 -14.81
C ALA A 737 -4.28 43.25 -15.18
N PRO A 738 -4.87 42.54 -14.20
CA PRO A 738 -5.45 41.25 -14.55
C PRO A 738 -6.86 41.43 -15.12
N GLN A 739 -6.97 42.32 -16.09
CA GLN A 739 -8.26 42.74 -16.61
C GLN A 739 -8.27 42.71 -18.12
N THR A 740 -9.45 42.95 -18.67
CA THR A 740 -9.62 43.13 -20.09
C THR A 740 -10.87 43.97 -20.38
N ILE A 741 -11.10 44.22 -21.66
CA ILE A 741 -12.24 45.00 -22.08
C ILE A 741 -13.31 44.04 -22.59
N HIS A 742 -14.51 44.11 -22.02
CA HIS A 742 -15.66 43.40 -22.57
C HIS A 742 -16.15 44.31 -23.66
N LEU A 743 -15.82 43.94 -24.90
CA LEU A 743 -16.01 44.82 -26.04
C LEU A 743 -17.46 45.25 -26.33
N PRO A 744 -18.41 44.30 -26.26
CA PRO A 744 -19.79 44.73 -26.47
C PRO A 744 -20.18 45.97 -25.65
N SER A 745 -19.77 46.03 -24.38
CA SER A 745 -20.14 47.14 -23.49
C SER A 745 -19.09 48.26 -23.37
N GLY A 746 -17.84 47.96 -23.69
CA GLY A 746 -16.72 48.86 -23.45
C GLY A 746 -16.20 48.87 -22.03
N GLU A 747 -16.78 48.04 -21.16
CA GLU A 747 -16.42 48.00 -19.75
C GLU A 747 -15.11 47.25 -19.51
N ILE A 748 -14.32 47.75 -18.58
CA ILE A 748 -13.10 47.09 -18.14
C ILE A 748 -13.46 46.22 -16.94
N LEU A 749 -13.13 44.93 -17.03
CA LEU A 749 -13.52 43.94 -16.04
C LEU A 749 -12.37 42.98 -15.75
N ASP A 750 -12.35 42.41 -14.55
CA ASP A 750 -11.46 41.29 -14.30
C ASP A 750 -11.75 40.24 -15.37
N VAL A 751 -10.70 39.56 -15.86
CA VAL A 751 -10.83 38.68 -17.03
C VAL A 751 -11.95 37.65 -16.89
N PHE A 752 -12.09 37.04 -15.70
CA PHE A 752 -13.13 36.02 -15.49
C PHE A 752 -14.53 36.62 -15.61
N ASP A 753 -14.66 37.85 -15.14
CA ASP A 753 -15.94 38.53 -15.15
C ASP A 753 -16.37 38.85 -16.57
N ALA A 754 -15.41 39.36 -17.35
CA ALA A 754 -15.60 39.65 -18.76
C ALA A 754 -15.96 38.40 -19.59
N ALA A 755 -15.26 37.28 -19.33
CA ALA A 755 -15.56 35.99 -19.96
C ALA A 755 -16.97 35.48 -19.64
N GLU A 756 -17.43 35.67 -18.41
CA GLU A 756 -18.80 35.33 -18.02
C GLU A 756 -19.82 36.03 -18.90
N ARG A 757 -19.64 37.32 -19.10
CA ARG A 757 -20.58 38.09 -19.92
C ARG A 757 -20.68 37.51 -21.33
N TYR A 758 -19.52 37.24 -21.93
CA TYR A 758 -19.42 36.70 -23.26
C TYR A 758 -20.09 35.35 -23.35
N GLN A 759 -19.78 34.48 -22.38
CA GLN A 759 -20.38 33.12 -22.29
C GLN A 759 -21.89 33.11 -22.05
N GLN A 760 -22.36 34.04 -21.24
CA GLN A 760 -23.80 34.17 -21.02
C GLN A 760 -24.52 34.54 -22.33
N ALA A 761 -23.89 35.38 -23.14
CA ALA A 761 -24.39 35.76 -24.47
C ALA A 761 -24.14 34.73 -25.58
N GLY A 762 -23.53 33.60 -25.22
CA GLY A 762 -23.22 32.52 -26.17
C GLY A 762 -22.14 32.86 -27.18
N LEU A 763 -21.22 33.74 -26.80
CA LEU A 763 -20.19 34.21 -27.74
C LEU A 763 -18.86 33.46 -27.56
N PRO A 764 -18.36 32.80 -28.63
CA PRO A 764 -17.02 32.16 -28.60
C PRO A 764 -15.87 33.14 -28.37
N LEU A 765 -14.76 32.66 -27.80
CA LEU A 765 -13.63 33.50 -27.41
C LEU A 765 -12.34 32.94 -27.96
N ILE A 766 -11.40 33.84 -28.28
CA ILE A 766 -10.04 33.45 -28.58
C ILE A 766 -9.04 34.33 -27.85
N VAL A 767 -7.79 33.92 -27.82
CA VAL A 767 -6.71 34.73 -27.27
C VAL A 767 -5.69 35.02 -28.37
N LEU A 768 -5.30 36.28 -28.48
CA LEU A 768 -4.16 36.62 -29.33
C LEU A 768 -2.91 36.66 -28.46
N ALA A 769 -1.79 36.17 -28.97
CA ALA A 769 -0.55 36.20 -28.22
C ALA A 769 0.68 36.31 -29.12
N GLY A 770 1.81 36.66 -28.52
CA GLY A 770 3.06 36.85 -29.26
C GLY A 770 3.90 35.59 -29.27
N LYS A 771 5.21 35.76 -29.05
CA LYS A 771 6.16 34.64 -29.05
C LYS A 771 6.25 33.94 -27.68
N GLU A 772 6.65 32.67 -27.71
CA GLU A 772 6.94 31.89 -26.52
C GLU A 772 5.74 31.90 -25.57
N TYR A 773 4.55 31.73 -26.13
CA TYR A 773 3.35 31.78 -25.31
C TYR A 773 3.29 30.53 -24.46
N GLY A 774 3.09 30.73 -23.15
CA GLY A 774 2.95 29.62 -22.19
C GLY A 774 4.24 29.09 -21.61
N ALA A 775 5.25 29.96 -21.55
CA ALA A 775 6.58 29.56 -21.06
C ALA A 775 6.49 29.18 -19.59
N GLY A 776 7.34 28.27 -19.12
CA GLY A 776 7.47 28.02 -17.67
C GLY A 776 6.88 26.74 -17.10
N SER A 777 6.07 26.90 -16.07
CA SER A 777 5.47 25.78 -15.35
C SER A 777 4.60 24.90 -16.22
N SER A 778 4.47 23.62 -15.84
CA SER A 778 3.78 22.62 -16.66
C SER A 778 2.27 22.68 -16.43
N ARG A 779 1.84 23.40 -15.38
CA ARG A 779 0.43 23.42 -14.93
C ARG A 779 -0.63 23.38 -16.04
N ASP A 780 -1.39 22.28 -16.10
CA ASP A 780 -2.48 22.19 -17.09
C ASP A 780 -3.68 23.12 -16.79
N TRP A 781 -3.71 23.70 -15.60
CA TRP A 781 -4.69 24.78 -15.32
C TRP A 781 -4.49 26.00 -16.21
N ALA A 782 -3.33 26.11 -16.84
CA ALA A 782 -3.14 27.21 -17.78
C ALA A 782 -3.86 26.86 -19.10
N ALA A 783 -4.29 25.61 -19.25
CA ALA A 783 -5.20 25.20 -20.34
C ALA A 783 -6.66 24.96 -19.90
N LYS A 784 -6.85 24.24 -18.80
CA LYS A 784 -8.23 24.05 -18.28
C LYS A 784 -8.93 25.36 -17.95
N GLY A 785 -8.16 26.32 -17.41
CA GLY A 785 -8.68 27.64 -17.10
C GLY A 785 -9.31 28.32 -18.31
N PRO A 786 -8.50 28.63 -19.34
CA PRO A 786 -9.03 29.19 -20.57
C PRO A 786 -10.19 28.36 -21.14
N PHE A 787 -10.07 27.04 -21.14
CA PHE A 787 -11.17 26.21 -21.62
C PHE A 787 -12.48 26.56 -20.86
N LEU A 788 -12.41 26.77 -19.54
CA LEU A 788 -13.61 27.10 -18.75
C LEU A 788 -14.07 28.55 -18.90
N LEU A 789 -13.18 29.39 -19.39
CA LEU A 789 -13.52 30.78 -19.64
C LEU A 789 -14.19 30.92 -20.98
N GLY A 790 -14.35 29.79 -21.68
CA GLY A 790 -14.94 29.80 -22.99
C GLY A 790 -13.98 30.04 -24.15
N ILE A 791 -12.69 29.88 -23.90
CA ILE A 791 -11.69 30.06 -24.96
C ILE A 791 -11.58 28.81 -25.84
N LYS A 792 -11.83 29.02 -27.14
CA LYS A 792 -11.88 27.95 -28.15
C LYS A 792 -10.58 27.81 -28.96
N ALA A 793 -9.80 28.89 -29.04
CA ALA A 793 -8.50 28.87 -29.73
C ALA A 793 -7.58 29.95 -29.19
N VAL A 794 -6.28 29.76 -29.40
CA VAL A 794 -5.29 30.81 -29.20
C VAL A 794 -4.57 31.01 -30.52
N LEU A 795 -4.25 32.26 -30.83
CA LEU A 795 -3.47 32.55 -32.03
C LEU A 795 -2.20 33.30 -31.60
N ALA A 796 -1.06 32.62 -31.73
CA ALA A 796 0.23 33.08 -31.22
C ALA A 796 1.30 32.90 -32.26
N GLU A 797 2.43 33.61 -32.11
CA GLU A 797 3.58 33.47 -32.99
C GLU A 797 4.34 32.18 -32.76
N SER A 798 4.42 31.76 -31.50
CA SER A 798 5.11 30.52 -31.11
C SER A 798 4.66 30.08 -29.72
N TYR A 799 4.78 28.78 -29.47
CA TYR A 799 4.34 28.16 -28.22
C TYR A 799 5.48 27.46 -27.53
N GLU A 800 5.46 27.45 -26.21
CA GLU A 800 6.35 26.54 -25.51
C GLU A 800 5.69 25.17 -25.46
N ARG A 801 6.54 24.16 -25.33
CA ARG A 801 6.21 22.75 -25.58
C ARG A 801 5.11 22.22 -24.67
N ILE A 802 5.30 22.34 -23.34
CA ILE A 802 4.30 21.79 -22.46
C ILE A 802 2.98 22.52 -22.62
N HIS A 803 3.03 23.84 -22.80
CA HIS A 803 1.76 24.55 -22.87
C HIS A 803 0.92 24.11 -24.08
N ARG A 804 1.54 24.10 -25.24
CA ARG A 804 0.89 23.67 -26.49
C ARG A 804 0.21 22.29 -26.25
N SER A 805 0.93 21.35 -25.63
CA SER A 805 0.37 20.01 -25.41
C SER A 805 -0.86 20.05 -24.52
N ASN A 806 -0.86 20.95 -23.53
CA ASN A 806 -2.00 21.05 -22.61
C ASN A 806 -3.22 21.63 -23.31
N LEU A 807 -3.00 22.65 -24.13
CA LEU A 807 -4.07 23.22 -24.96
C LEU A 807 -4.75 22.12 -25.79
N VAL A 808 -3.93 21.34 -26.52
CA VAL A 808 -4.45 20.25 -27.34
C VAL A 808 -5.24 19.28 -26.49
N GLY A 809 -4.76 19.01 -25.28
CA GLY A 809 -5.38 18.00 -24.40
C GLY A 809 -6.77 18.42 -23.92
N MET A 810 -6.98 19.72 -23.87
CA MET A 810 -8.25 20.31 -23.42
C MET A 810 -9.18 20.68 -24.57
N GLY A 811 -8.71 20.46 -25.80
CA GLY A 811 -9.54 20.58 -26.99
C GLY A 811 -9.50 21.98 -27.58
N VAL A 812 -8.67 22.82 -26.98
CA VAL A 812 -8.48 24.19 -27.45
C VAL A 812 -7.52 24.19 -28.64
N ILE A 813 -7.82 24.98 -29.67
CA ILE A 813 -6.98 24.98 -30.87
C ILE A 813 -5.80 25.92 -30.75
N PRO A 814 -4.55 25.39 -30.83
CA PRO A 814 -3.43 26.32 -30.82
C PRO A 814 -3.12 26.71 -32.25
N LEU A 815 -3.48 27.92 -32.64
CA LEU A 815 -3.15 28.41 -33.97
C LEU A 815 -1.84 29.18 -33.93
N GLU A 816 -1.11 29.14 -35.05
CA GLU A 816 0.20 29.78 -35.11
C GLU A 816 0.27 30.59 -36.38
N TYR A 817 0.77 31.81 -36.27
CA TYR A 817 0.97 32.67 -37.44
C TYR A 817 1.96 32.00 -38.38
N LEU A 818 1.83 32.30 -39.67
CA LEU A 818 2.78 31.78 -40.66
C LEU A 818 4.07 32.57 -40.47
N PRO A 819 5.23 31.97 -40.83
CA PRO A 819 6.49 32.71 -40.75
C PRO A 819 6.37 34.12 -41.34
N GLY A 820 6.98 35.10 -40.68
CA GLY A 820 6.96 36.49 -41.13
C GLY A 820 5.62 37.19 -40.93
N GLU A 821 4.72 36.53 -40.19
CA GLU A 821 3.39 37.06 -39.91
C GLU A 821 3.13 37.13 -38.39
N ASN A 822 2.34 38.11 -37.98
CA ASN A 822 2.02 38.40 -36.58
C ASN A 822 0.94 39.48 -36.56
N ALA A 823 0.50 39.87 -35.36
CA ALA A 823 -0.61 40.82 -35.24
C ALA A 823 -0.35 42.18 -35.91
N ASP A 824 0.82 42.75 -35.65
CA ASP A 824 1.20 44.04 -36.28
C ASP A 824 1.30 43.94 -37.80
N ALA A 825 1.98 42.91 -38.27
CA ALA A 825 2.16 42.65 -39.71
C ALA A 825 0.85 42.44 -40.48
N LEU A 826 -0.16 41.88 -39.82
CA LEU A 826 -1.48 41.68 -40.43
C LEU A 826 -2.46 42.82 -40.15
N GLY A 827 -2.05 43.77 -39.32
CA GLY A 827 -2.90 44.91 -38.95
C GLY A 827 -4.10 44.56 -38.09
N LEU A 828 -3.99 43.48 -37.32
CA LEU A 828 -5.01 43.08 -36.34
C LEU A 828 -5.02 43.98 -35.11
N THR A 829 -6.21 44.40 -34.71
CA THR A 829 -6.40 45.20 -33.50
C THR A 829 -6.82 44.32 -32.32
N GLY A 830 -7.47 43.21 -32.62
CA GLY A 830 -8.00 42.33 -31.59
C GLY A 830 -9.42 42.71 -31.24
N GLN A 831 -9.87 43.83 -31.82
CA GLN A 831 -11.21 44.33 -31.63
C GLN A 831 -12.15 43.85 -32.73
N GLU A 832 -11.62 43.06 -33.67
CA GLU A 832 -12.42 42.44 -34.71
C GLU A 832 -13.06 41.14 -34.21
N ARG A 833 -13.92 40.59 -35.03
CA ARG A 833 -14.55 39.29 -34.76
C ARG A 833 -14.03 38.21 -35.69
N TYR A 834 -13.67 37.08 -35.10
CA TYR A 834 -12.81 36.10 -35.74
C TYR A 834 -13.54 34.81 -36.07
N THR A 835 -13.55 34.47 -37.35
CA THR A 835 -14.08 33.20 -37.81
C THR A 835 -12.92 32.32 -38.25
N ILE A 836 -12.78 31.18 -37.57
CA ILE A 836 -11.78 30.18 -37.91
C ILE A 836 -12.49 29.00 -38.55
N ILE A 837 -12.18 28.76 -39.82
CA ILE A 837 -12.88 27.76 -40.62
C ILE A 837 -12.29 26.37 -40.39
N ILE A 838 -13.08 25.48 -39.79
CA ILE A 838 -12.63 24.11 -39.61
C ILE A 838 -13.23 23.20 -40.70
N PRO A 839 -12.35 22.61 -41.54
CA PRO A 839 -12.78 21.75 -42.66
C PRO A 839 -13.23 20.37 -42.19
N GLU A 840 -13.97 19.65 -43.03
CA GLU A 840 -14.47 18.32 -42.69
C GLU A 840 -13.37 17.27 -42.53
N ASN A 841 -12.29 17.44 -43.29
CA ASN A 841 -11.16 16.54 -43.23
C ASN A 841 -9.94 17.30 -42.73
N LEU A 842 -9.34 16.81 -41.65
CA LEU A 842 -8.23 17.51 -41.00
C LEU A 842 -6.88 16.77 -41.14
N LYS A 843 -5.79 17.53 -41.25
CA LYS A 843 -4.43 16.98 -41.30
C LYS A 843 -3.52 17.69 -40.30
N PRO A 844 -2.56 16.96 -39.71
CA PRO A 844 -1.71 17.64 -38.71
C PRO A 844 -0.88 18.79 -39.30
N GLN A 845 -0.82 19.91 -38.58
CA GLN A 845 -0.03 21.06 -39.01
C GLN A 845 -0.70 21.80 -40.17
N MET A 846 -1.94 21.42 -40.52
CA MET A 846 -2.62 22.04 -41.67
C MET A 846 -2.82 23.52 -41.44
N LYS A 847 -2.82 24.28 -42.53
CA LYS A 847 -3.20 25.68 -42.49
C LYS A 847 -4.71 25.78 -42.59
N VAL A 848 -5.30 26.67 -41.81
CA VAL A 848 -6.74 26.97 -41.87
C VAL A 848 -6.92 28.45 -42.22
N GLN A 849 -8.10 28.82 -42.68
CA GLN A 849 -8.36 30.24 -42.91
C GLN A 849 -9.06 30.88 -41.72
N VAL A 850 -8.58 32.08 -41.39
CA VAL A 850 -9.23 32.93 -40.41
C VAL A 850 -9.88 34.06 -41.21
N LYS A 851 -11.15 34.31 -40.93
CA LYS A 851 -11.87 35.40 -41.57
C LYS A 851 -12.31 36.38 -40.52
N LEU A 852 -12.12 37.67 -40.79
CA LEU A 852 -12.57 38.72 -39.89
C LEU A 852 -13.88 39.31 -40.40
N ASP A 853 -14.67 39.89 -39.49
CA ASP A 853 -15.91 40.56 -39.87
C ASP A 853 -15.66 41.81 -40.72
N THR A 854 -14.40 42.23 -40.78
CA THR A 854 -14.01 43.41 -41.55
C THR A 854 -13.76 43.06 -43.02
N GLY A 855 -13.69 41.76 -43.32
CA GLY A 855 -13.44 41.30 -44.69
C GLY A 855 -12.04 40.75 -44.88
N LYS A 856 -11.10 41.21 -44.05
CA LYS A 856 -9.73 40.70 -44.04
C LYS A 856 -9.70 39.20 -43.79
N THR A 857 -8.87 38.49 -44.57
CA THR A 857 -8.62 37.07 -44.32
C THR A 857 -7.13 36.77 -44.32
N PHE A 858 -6.74 35.82 -43.48
CA PHE A 858 -5.37 35.33 -43.45
C PHE A 858 -5.35 33.84 -43.09
N GLN A 859 -4.15 33.27 -43.03
CA GLN A 859 -4.00 31.86 -42.72
C GLN A 859 -3.22 31.68 -41.44
N ALA A 860 -3.48 30.57 -40.77
CA ALA A 860 -2.74 30.20 -39.60
C ALA A 860 -2.49 28.70 -39.66
N VAL A 861 -1.38 28.30 -39.06
CA VAL A 861 -1.05 26.89 -38.92
C VAL A 861 -1.87 26.36 -37.73
N MET A 862 -2.55 25.23 -37.91
CA MET A 862 -3.26 24.58 -36.80
C MET A 862 -2.33 23.56 -36.13
N ARG A 863 -1.86 23.87 -34.92
CA ARG A 863 -0.78 23.13 -34.28
C ARG A 863 -1.23 21.85 -33.56
N PHE A 864 -2.00 21.04 -34.26
CA PHE A 864 -2.12 19.63 -33.92
C PHE A 864 -1.04 18.92 -34.72
N ASP A 865 0.00 18.46 -34.02
CA ASP A 865 1.29 18.08 -34.61
C ASP A 865 1.40 16.59 -34.99
N THR A 866 0.47 15.77 -34.51
CA THR A 866 0.43 14.34 -34.79
C THR A 866 -1.00 13.91 -35.01
N ASP A 867 -1.18 12.76 -35.64
CA ASP A 867 -2.50 12.15 -35.82
C ASP A 867 -3.21 11.90 -34.51
N VAL A 868 -2.48 11.42 -33.51
CA VAL A 868 -3.05 11.21 -32.20
C VAL A 868 -3.59 12.52 -31.59
N GLU A 869 -2.82 13.60 -31.69
CA GLU A 869 -3.29 14.92 -31.21
C GLU A 869 -4.59 15.33 -31.90
N LEU A 870 -4.71 15.00 -33.19
CA LEU A 870 -5.94 15.27 -33.91
C LEU A 870 -7.11 14.48 -33.36
N THR A 871 -6.87 13.20 -33.01
CA THR A 871 -7.91 12.38 -32.40
C THR A 871 -8.30 12.96 -31.06
N TYR A 872 -7.35 13.57 -30.35
CA TYR A 872 -7.66 14.24 -29.10
C TYR A 872 -8.58 15.42 -29.39
N PHE A 873 -8.26 16.21 -30.42
CA PHE A 873 -9.12 17.35 -30.78
C PHE A 873 -10.55 16.94 -31.13
N LEU A 874 -10.68 15.95 -32.01
CA LEU A 874 -11.96 15.36 -32.37
C LEU A 874 -12.75 14.82 -31.18
N ASN A 875 -12.05 14.37 -30.15
CA ASN A 875 -12.67 13.84 -28.94
C ASN A 875 -13.03 14.90 -27.90
N GLY A 876 -12.62 16.13 -28.14
CA GLY A 876 -12.93 17.20 -27.21
C GLY A 876 -11.94 17.24 -26.07
N GLY A 877 -10.91 16.41 -26.15
CA GLY A 877 -9.85 16.38 -25.14
C GLY A 877 -9.20 15.00 -25.00
N ILE A 878 -8.00 14.98 -24.41
CA ILE A 878 -7.31 13.74 -24.19
C ILE A 878 -8.04 12.86 -23.17
N LEU A 879 -8.58 13.46 -22.10
CA LEU A 879 -9.27 12.62 -21.11
C LEU A 879 -10.64 12.19 -21.60
N ASN A 880 -11.24 13.00 -22.46
CA ASN A 880 -12.50 12.57 -23.09
C ASN A 880 -12.21 11.31 -23.90
N TYR A 881 -11.18 11.37 -24.73
CA TYR A 881 -10.77 10.22 -25.51
C TYR A 881 -10.55 9.00 -24.62
N MET A 882 -9.79 9.16 -23.52
CA MET A 882 -9.50 8.03 -22.60
C MET A 882 -10.75 7.44 -21.91
N ILE A 883 -11.70 8.30 -21.51
CA ILE A 883 -12.98 7.79 -20.97
C ILE A 883 -13.71 6.94 -22.00
N ARG A 884 -13.82 7.44 -23.23
CA ARG A 884 -14.48 6.68 -24.30
C ARG A 884 -13.83 5.32 -24.51
N LYS A 885 -12.50 5.28 -24.49
CA LYS A 885 -11.78 4.04 -24.72
C LYS A 885 -11.99 3.06 -23.57
N MET A 886 -12.05 3.57 -22.35
CA MET A 886 -12.21 2.74 -21.15
C MET A 886 -13.64 2.33 -20.87
N ALA A 887 -14.58 3.12 -21.38
CA ALA A 887 -16.00 2.84 -21.21
C ALA A 887 -16.42 1.69 -22.10
N LYS A 888 -15.69 1.51 -23.21
CA LYS A 888 -15.94 0.43 -24.16
C LYS A 888 -14.71 -0.44 -24.47
N SER B 1 -29.10 -4.49 -13.68
CA SER B 1 -29.77 -3.72 -12.59
C SER B 1 -30.08 -4.58 -11.36
N ASN B 2 -30.04 -3.91 -10.21
CA ASN B 2 -30.50 -4.50 -8.98
C ASN B 2 -32.00 -4.23 -8.81
N PRO B 3 -32.81 -5.31 -8.81
CA PRO B 3 -34.26 -5.26 -8.65
C PRO B 3 -34.73 -4.70 -7.30
N PHE B 4 -33.82 -4.64 -6.32
CA PHE B 4 -34.13 -4.12 -4.98
C PHE B 4 -33.59 -2.70 -4.75
N ALA B 5 -33.19 -2.03 -5.83
CA ALA B 5 -32.61 -0.69 -5.77
C ALA B 5 -33.50 0.32 -5.04
N HIS B 6 -34.81 0.14 -5.13
CA HIS B 6 -35.77 1.04 -4.48
C HIS B 6 -35.64 1.08 -2.96
N LEU B 7 -35.06 0.02 -2.38
CA LEU B 7 -34.90 -0.11 -0.91
C LEU B 7 -33.79 0.74 -0.34
N ALA B 8 -32.87 1.15 -1.22
CA ALA B 8 -31.76 2.01 -0.86
C ALA B 8 -32.26 3.41 -0.52
N GLU B 9 -31.88 3.88 0.66
CA GLU B 9 -32.24 5.21 1.10
C GLU B 9 -31.19 5.73 2.07
N PRO B 10 -31.08 7.06 2.22
CA PRO B 10 -30.13 7.59 3.21
C PRO B 10 -30.49 7.20 4.64
N LEU B 11 -29.46 6.94 5.42
CA LEU B 11 -29.61 6.59 6.82
C LEU B 11 -29.97 7.87 7.56
N ASP B 12 -29.35 8.98 7.15
CA ASP B 12 -29.51 10.27 7.81
C ASP B 12 -29.59 11.40 6.76
N PRO B 13 -30.75 12.10 6.68
CA PRO B 13 -30.99 13.24 5.77
C PRO B 13 -29.93 14.35 5.82
N VAL B 14 -29.13 14.36 6.88
CA VAL B 14 -28.04 15.32 7.05
C VAL B 14 -26.86 14.92 6.16
N GLN B 15 -26.77 13.62 5.86
CA GLN B 15 -25.71 13.07 5.02
C GLN B 15 -26.37 12.20 3.94
N PRO B 16 -27.06 12.83 2.96
CA PRO B 16 -27.93 12.11 2.03
C PRO B 16 -27.26 11.01 1.18
N GLY B 17 -25.95 11.11 1.01
CA GLY B 17 -25.25 10.25 0.06
C GLY B 17 -24.85 8.93 0.69
N LYS B 18 -25.07 8.81 1.99
CA LYS B 18 -24.76 7.59 2.73
C LYS B 18 -26.02 6.77 2.91
N LYS B 19 -26.15 5.73 2.10
CA LYS B 19 -27.40 4.97 1.99
C LYS B 19 -27.25 3.56 2.52
N PHE B 20 -28.38 2.89 2.68
CA PHE B 20 -28.39 1.46 3.00
C PHE B 20 -29.61 0.82 2.38
N PHE B 21 -29.53 -0.50 2.15
CA PHE B 21 -30.69 -1.25 1.70
C PHE B 21 -31.64 -1.53 2.86
N ASN B 22 -32.80 -0.89 2.85
CA ASN B 22 -33.67 -0.97 4.02
C ASN B 22 -34.63 -2.15 3.96
N LEU B 23 -34.16 -3.27 4.53
CA LEU B 23 -34.93 -4.52 4.53
C LEU B 23 -36.31 -4.35 5.17
N ASN B 24 -36.47 -3.30 5.98
CA ASN B 24 -37.80 -3.01 6.55
C ASN B 24 -38.82 -2.53 5.52
N LYS B 25 -38.32 -2.07 4.38
CA LYS B 25 -39.12 -1.60 3.27
C LYS B 25 -39.55 -2.77 2.37
N LEU B 26 -39.10 -3.98 2.71
CA LEU B 26 -39.62 -5.19 2.07
C LEU B 26 -41.09 -5.37 2.45
N GLU B 27 -41.49 -4.79 3.58
CA GLU B 27 -42.86 -4.89 4.08
C GLU B 27 -43.25 -6.37 4.15
N ASP B 28 -42.40 -7.19 4.75
CA ASP B 28 -42.62 -8.63 4.77
C ASP B 28 -42.40 -9.14 6.20
N SER B 29 -43.45 -9.72 6.76
CA SER B 29 -43.46 -10.09 8.19
C SER B 29 -42.51 -11.23 8.51
N ARG B 30 -42.06 -11.94 7.46
CA ARG B 30 -41.13 -13.04 7.67
C ARG B 30 -39.80 -12.49 8.15
N TYR B 31 -39.45 -11.28 7.73
CA TYR B 31 -38.13 -10.74 8.05
C TYR B 31 -37.91 -10.66 9.57
N GLY B 32 -38.93 -10.20 10.28
CA GLY B 32 -38.81 -9.94 11.71
C GLY B 32 -38.74 -11.16 12.59
N ARG B 33 -38.92 -12.35 12.02
CA ARG B 33 -38.80 -13.58 12.81
C ARG B 33 -37.54 -14.36 12.44
N LEU B 34 -36.76 -13.84 11.49
CA LEU B 34 -35.55 -14.54 11.02
C LEU B 34 -34.45 -14.57 12.10
N PRO B 35 -33.68 -15.67 12.20
CA PRO B 35 -32.47 -15.60 13.05
C PRO B 35 -31.67 -14.42 12.56
N PHE B 36 -30.96 -13.74 13.46
CA PHE B 36 -30.24 -12.55 13.05
C PHE B 36 -29.08 -12.92 12.11
N SER B 37 -28.56 -14.14 12.28
CA SER B 37 -27.54 -14.67 11.32
C SER B 37 -28.09 -14.74 9.89
N ILE B 38 -29.36 -15.12 9.74
CA ILE B 38 -29.97 -15.24 8.40
C ILE B 38 -30.22 -13.84 7.75
N ARG B 39 -30.56 -12.87 8.59
CA ARG B 39 -30.66 -11.47 8.16
C ARG B 39 -29.42 -10.94 7.44
N VAL B 40 -28.23 -11.35 7.91
CA VAL B 40 -26.95 -11.01 7.28
C VAL B 40 -26.89 -11.59 5.88
N LEU B 41 -27.18 -12.88 5.75
CA LEU B 41 -27.30 -13.51 4.44
C LEU B 41 -28.28 -12.77 3.51
N LEU B 42 -29.44 -12.47 4.05
CA LEU B 42 -30.48 -11.81 3.28
C LEU B 42 -29.96 -10.48 2.74
N GLU B 43 -29.41 -9.66 3.62
CA GLU B 43 -28.87 -8.36 3.18
C GLU B 43 -27.81 -8.53 2.09
N ALA B 44 -26.87 -9.44 2.27
CA ALA B 44 -25.82 -9.66 1.24
C ALA B 44 -26.40 -10.01 -0.12
N ALA B 45 -27.50 -10.78 -0.13
CA ALA B 45 -28.14 -11.19 -1.38
C ALA B 45 -28.77 -9.99 -2.08
N ILE B 46 -29.57 -9.23 -1.32
CA ILE B 46 -30.29 -8.07 -1.82
C ILE B 46 -29.35 -7.02 -2.44
N ARG B 47 -28.31 -6.64 -1.68
CA ARG B 47 -27.38 -5.61 -2.15
C ARG B 47 -26.66 -6.09 -3.40
N ASN B 48 -26.47 -7.40 -3.49
CA ASN B 48 -25.67 -8.01 -4.54
C ASN B 48 -26.45 -8.63 -5.68
N CYS B 49 -27.78 -8.48 -5.64
CA CYS B 49 -28.65 -9.02 -6.67
C CYS B 49 -28.34 -8.37 -8.02
N ASP B 50 -28.00 -9.20 -8.99
CA ASP B 50 -27.70 -8.73 -10.32
C ASP B 50 -28.50 -9.50 -11.37
N GLU B 51 -29.16 -10.57 -10.92
CA GLU B 51 -29.86 -11.54 -11.76
C GLU B 51 -28.92 -12.47 -12.52
N PHE B 52 -27.65 -12.50 -12.09
CA PHE B 52 -26.66 -13.44 -12.62
C PHE B 52 -26.13 -14.30 -11.48
N LEU B 53 -25.14 -13.79 -10.75
CA LEU B 53 -24.58 -14.49 -9.59
C LEU B 53 -25.60 -14.63 -8.48
N VAL B 54 -26.40 -13.60 -8.32
CA VAL B 54 -27.40 -13.55 -7.25
C VAL B 54 -28.74 -13.15 -7.85
N LYS B 55 -29.72 -14.05 -7.77
CA LYS B 55 -31.00 -13.87 -8.44
C LYS B 55 -32.11 -13.48 -7.45
N LYS B 56 -33.15 -12.84 -7.96
CA LYS B 56 -34.30 -12.44 -7.15
C LYS B 56 -34.88 -13.61 -6.37
N GLN B 57 -35.02 -14.76 -7.02
CA GLN B 57 -35.47 -15.97 -6.31
C GLN B 57 -34.59 -16.30 -5.09
N ASP B 58 -33.29 -16.03 -5.19
CA ASP B 58 -32.36 -16.28 -4.08
C ASP B 58 -32.80 -15.46 -2.88
N ILE B 59 -33.15 -14.20 -3.13
CA ILE B 59 -33.66 -13.34 -2.07
C ILE B 59 -34.94 -13.91 -1.45
N GLU B 60 -35.89 -14.35 -2.28
CA GLU B 60 -37.12 -14.99 -1.77
C GLU B 60 -36.80 -16.22 -0.91
N ASN B 61 -35.99 -17.15 -1.44
CA ASN B 61 -35.59 -18.35 -0.70
C ASN B 61 -34.99 -18.09 0.67
N ILE B 62 -34.15 -17.06 0.79
CA ILE B 62 -33.56 -16.69 2.07
C ILE B 62 -34.63 -16.17 3.06
N LEU B 63 -35.41 -15.19 2.61
CA LEU B 63 -36.56 -14.65 3.35
C LEU B 63 -37.56 -15.71 3.79
N HIS B 64 -37.72 -16.74 2.95
CA HIS B 64 -38.60 -17.87 3.21
C HIS B 64 -37.91 -18.95 4.04
N TRP B 65 -36.83 -18.55 4.74
CA TRP B 65 -36.02 -19.46 5.55
C TRP B 65 -36.79 -20.43 6.43
N ASN B 66 -37.83 -19.94 7.12
CA ASN B 66 -38.50 -20.85 8.04
C ASN B 66 -38.93 -22.14 7.36
N VAL B 67 -39.29 -22.04 6.08
CA VAL B 67 -39.73 -23.17 5.28
C VAL B 67 -38.59 -23.76 4.45
N THR B 68 -37.83 -22.90 3.78
CA THR B 68 -36.81 -23.37 2.86
C THR B 68 -35.61 -24.05 3.56
N GLN B 69 -35.40 -23.76 4.84
CA GLN B 69 -34.35 -24.48 5.62
C GLN B 69 -34.51 -26.03 5.57
N HIS B 70 -35.72 -26.51 5.27
CA HIS B 70 -36.02 -27.95 5.22
C HIS B 70 -36.10 -28.53 3.81
N LYS B 71 -35.88 -27.67 2.81
CA LYS B 71 -36.03 -28.07 1.43
C LYS B 71 -34.71 -28.22 0.66
N ASN B 72 -33.58 -28.27 1.36
CA ASN B 72 -32.27 -28.54 0.71
C ASN B 72 -32.03 -27.57 -0.45
N ILE B 73 -32.06 -26.28 -0.16
CA ILE B 73 -32.04 -25.23 -1.18
C ILE B 73 -30.73 -24.47 -1.10
N GLU B 74 -30.00 -24.39 -2.21
CA GLU B 74 -28.76 -23.62 -2.22
C GLU B 74 -28.97 -22.12 -2.38
N VAL B 75 -28.10 -21.37 -1.72
CA VAL B 75 -28.13 -19.92 -1.81
C VAL B 75 -26.70 -19.42 -1.96
N PRO B 76 -26.54 -18.26 -2.61
CA PRO B 76 -25.26 -17.60 -2.67
C PRO B 76 -24.99 -16.75 -1.44
N PHE B 77 -23.72 -16.63 -1.07
CA PHE B 77 -23.34 -15.64 -0.07
C PHE B 77 -22.03 -14.92 -0.45
N LYS B 78 -22.11 -13.58 -0.55
CA LYS B 78 -20.96 -12.74 -0.85
C LYS B 78 -20.53 -11.95 0.39
N PRO B 79 -19.50 -12.45 1.13
CA PRO B 79 -19.11 -11.80 2.39
C PRO B 79 -18.43 -10.45 2.14
N ALA B 80 -18.30 -9.64 3.18
CA ALA B 80 -17.69 -8.30 3.00
C ALA B 80 -16.16 -8.31 2.82
N ARG B 81 -15.50 -9.30 3.40
CA ARG B 81 -14.04 -9.32 3.40
C ARG B 81 -13.53 -10.70 3.72
N VAL B 82 -12.22 -10.86 3.69
CA VAL B 82 -11.55 -12.11 4.00
C VAL B 82 -10.39 -11.81 4.97
N ILE B 83 -10.10 -12.74 5.86
CA ILE B 83 -8.96 -12.62 6.75
C ILE B 83 -8.09 -13.87 6.62
N LEU B 84 -6.79 -13.68 6.75
CA LEU B 84 -5.84 -14.79 6.66
C LEU B 84 -4.78 -14.70 7.75
N GLN B 85 -4.12 -15.83 7.97
CA GLN B 85 -2.90 -15.86 8.79
C GLN B 85 -1.77 -16.46 7.94
N ASP B 86 -0.55 -16.56 8.49
CA ASP B 86 0.61 -16.87 7.63
C ASP B 86 0.73 -18.33 7.25
N PHE B 87 0.26 -19.22 8.13
CA PHE B 87 0.30 -20.66 7.85
C PHE B 87 -0.53 -20.99 6.61
N THR B 88 -1.75 -20.47 6.55
CA THR B 88 -2.63 -20.73 5.41
C THR B 88 -2.47 -19.66 4.34
N GLY B 89 -1.81 -18.59 4.72
CA GLY B 89 -1.62 -17.45 3.82
C GLY B 89 -0.52 -17.64 2.81
N VAL B 90 0.58 -18.30 3.19
CA VAL B 90 1.62 -18.57 2.22
C VAL B 90 1.08 -19.41 1.03
N PRO B 91 0.52 -20.60 1.32
CA PRO B 91 -0.04 -21.38 0.21
C PRO B 91 -1.14 -20.66 -0.57
N ALA B 92 -1.90 -19.77 0.07
CA ALA B 92 -2.84 -18.91 -0.67
C ALA B 92 -2.17 -18.01 -1.71
N VAL B 93 -1.11 -17.30 -1.31
CA VAL B 93 -0.39 -16.44 -2.22
C VAL B 93 0.27 -17.27 -3.33
N VAL B 94 0.75 -18.45 -2.98
CA VAL B 94 1.30 -19.38 -3.98
C VAL B 94 0.20 -19.73 -4.99
N ASP B 95 -0.99 -20.14 -4.51
CA ASP B 95 -2.14 -20.39 -5.42
C ASP B 95 -2.38 -19.17 -6.33
N PHE B 96 -2.47 -17.97 -5.76
CA PHE B 96 -2.70 -16.77 -6.58
C PHE B 96 -1.62 -16.62 -7.65
N ALA B 97 -0.36 -16.82 -7.25
CA ALA B 97 0.79 -16.68 -8.18
C ALA B 97 0.67 -17.71 -9.29
N ALA B 98 0.40 -18.95 -8.91
CA ALA B 98 0.16 -20.06 -9.85
C ALA B 98 -1.05 -19.82 -10.76
N MET B 99 -2.13 -19.26 -10.22
CA MET B 99 -3.29 -18.95 -11.05
C MET B 99 -2.92 -17.91 -12.07
N ARG B 100 -2.09 -16.95 -11.68
CA ARG B 100 -1.63 -15.93 -12.62
C ARG B 100 -0.85 -16.53 -13.79
N ASP B 101 0.00 -17.52 -13.50
CA ASP B 101 0.74 -18.25 -14.53
C ASP B 101 -0.22 -19.03 -15.45
N ALA B 102 -1.22 -19.70 -14.87
CA ALA B 102 -2.17 -20.48 -15.68
C ALA B 102 -2.99 -19.55 -16.59
N VAL B 103 -3.52 -18.47 -16.03
CA VAL B 103 -4.31 -17.47 -16.79
C VAL B 103 -3.52 -16.86 -17.93
N LYS B 104 -2.23 -16.60 -17.71
CA LYS B 104 -1.37 -16.02 -18.74
C LYS B 104 -1.14 -17.01 -19.87
N LYS B 105 -0.91 -18.28 -19.51
CA LYS B 105 -0.63 -19.31 -20.51
C LYS B 105 -1.84 -19.57 -21.40
N LEU B 106 -3.04 -19.39 -20.84
CA LEU B 106 -4.29 -19.56 -21.58
C LEU B 106 -4.65 -18.36 -22.45
N GLY B 107 -3.85 -17.30 -22.38
CA GLY B 107 -4.08 -16.09 -23.18
C GLY B 107 -4.92 -15.04 -22.47
N GLY B 108 -5.05 -15.17 -21.16
CA GLY B 108 -5.84 -14.22 -20.38
C GLY B 108 -5.02 -13.12 -19.72
N ASP B 109 -5.70 -12.26 -18.98
CA ASP B 109 -5.05 -11.19 -18.26
C ASP B 109 -4.78 -11.63 -16.83
N PRO B 110 -3.51 -11.83 -16.47
CA PRO B 110 -3.24 -12.34 -15.13
C PRO B 110 -3.59 -11.31 -14.06
N GLU B 111 -3.76 -10.05 -14.47
CA GLU B 111 -4.24 -9.02 -13.56
C GLU B 111 -5.68 -9.27 -13.09
N LYS B 112 -6.38 -10.22 -13.70
CA LYS B 112 -7.71 -10.60 -13.22
C LYS B 112 -7.63 -11.42 -11.93
N ILE B 113 -6.46 -12.02 -11.70
CA ILE B 113 -6.21 -12.64 -10.43
C ILE B 113 -5.79 -11.55 -9.47
N ASN B 114 -6.75 -11.06 -8.71
CA ASN B 114 -6.58 -9.96 -7.75
C ASN B 114 -7.81 -9.92 -6.85
N PRO B 115 -7.62 -9.88 -5.52
CA PRO B 115 -8.76 -9.72 -4.62
C PRO B 115 -9.60 -8.48 -4.92
N VAL B 116 -10.92 -8.67 -4.88
CA VAL B 116 -11.89 -7.58 -5.10
C VAL B 116 -12.61 -7.20 -3.80
N CYS B 117 -12.20 -7.83 -2.70
CA CYS B 117 -12.60 -7.38 -1.38
C CYS B 117 -11.36 -7.14 -0.54
N PRO B 118 -11.52 -6.49 0.63
CA PRO B 118 -10.40 -6.38 1.56
C PRO B 118 -9.89 -7.74 2.04
N ALA B 119 -8.57 -7.88 2.05
CA ALA B 119 -7.90 -9.06 2.60
C ALA B 119 -6.90 -8.59 3.65
N ASP B 120 -7.04 -9.07 4.88
CA ASP B 120 -6.13 -8.74 5.96
C ASP B 120 -5.40 -10.02 6.33
N LEU B 121 -4.09 -9.95 6.43
CA LEU B 121 -3.30 -11.12 6.83
C LEU B 121 -2.43 -10.83 8.05
N VAL B 122 -2.48 -11.73 9.04
CA VAL B 122 -1.80 -11.56 10.33
C VAL B 122 -0.76 -12.64 10.50
N ILE B 123 0.48 -12.22 10.70
CA ILE B 123 1.57 -13.19 10.87
C ILE B 123 1.71 -13.61 12.34
N ASP B 124 1.19 -14.79 12.67
CA ASP B 124 1.05 -15.18 14.07
C ASP B 124 1.51 -16.61 14.28
N HIS B 125 1.63 -17.37 13.18
CA HIS B 125 1.86 -18.80 13.31
C HIS B 125 3.32 -19.19 13.20
N SER B 126 4.23 -18.22 13.18
CA SER B 126 5.65 -18.51 12.96
C SER B 126 6.52 -18.49 14.24
N ILE B 127 6.17 -17.64 15.21
CA ILE B 127 6.96 -17.59 16.47
C ILE B 127 6.77 -18.87 17.35
N GLN B 128 7.85 -19.32 17.97
CA GLN B 128 7.83 -20.56 18.78
C GLN B 128 8.37 -20.26 20.17
N VAL B 129 8.06 -21.08 21.17
CA VAL B 129 8.57 -20.87 22.52
C VAL B 129 9.98 -21.48 22.70
N ASP B 130 10.94 -20.98 21.92
CA ASP B 130 12.32 -21.41 22.06
C ASP B 130 12.82 -21.05 23.47
N PHE B 131 12.45 -19.86 23.94
CA PHE B 131 12.84 -19.39 25.27
C PHE B 131 11.62 -18.95 26.10
N ASN B 132 11.70 -19.15 27.40
CA ASN B 132 10.64 -18.74 28.33
C ASN B 132 11.21 -18.40 29.71
N ARG B 133 10.38 -17.77 30.57
CA ARG B 133 10.71 -17.45 31.98
C ARG B 133 11.75 -16.33 32.15
N ARG B 134 12.03 -15.59 31.09
CA ARG B 134 13.02 -14.53 31.15
C ARG B 134 12.47 -13.25 30.54
N ALA B 135 12.97 -12.11 31.00
CA ALA B 135 12.57 -10.82 30.45
C ALA B 135 12.93 -10.71 28.96
N ASP B 136 14.03 -11.34 28.56
CA ASP B 136 14.50 -11.25 27.17
C ASP B 136 14.03 -12.42 26.30
N SER B 137 13.17 -13.27 26.85
CA SER B 137 12.74 -14.43 26.09
C SER B 137 11.90 -14.03 24.88
N LEU B 138 11.10 -12.97 25.03
CA LEU B 138 10.33 -12.42 23.92
C LEU B 138 11.24 -12.02 22.74
N GLN B 139 12.27 -11.20 23.01
CA GLN B 139 13.17 -10.71 21.95
C GLN B 139 13.89 -11.88 21.28
N LYS B 140 14.33 -12.84 22.10
CA LYS B 140 15.00 -14.03 21.62
C LYS B 140 14.11 -14.93 20.75
N ASN B 141 12.83 -15.07 21.10
CA ASN B 141 11.91 -15.82 20.26
C ASN B 141 11.57 -15.08 18.97
N GLN B 142 11.46 -13.77 19.07
CA GLN B 142 11.18 -12.91 17.92
C GLN B 142 12.34 -12.92 16.94
N ASP B 143 13.57 -12.90 17.46
CA ASP B 143 14.77 -13.02 16.61
C ASP B 143 14.76 -14.33 15.82
N LEU B 144 14.57 -15.45 16.51
CA LEU B 144 14.56 -16.76 15.81
C LEU B 144 13.48 -16.86 14.74
N GLU B 145 12.28 -16.37 15.06
CA GLU B 145 11.18 -16.35 14.11
C GLU B 145 11.62 -15.68 12.80
N PHE B 146 12.20 -14.50 12.87
CA PHE B 146 12.66 -13.86 11.64
C PHE B 146 13.78 -14.66 10.93
N GLU B 147 14.74 -15.16 11.71
CA GLU B 147 15.87 -15.88 11.15
C GLU B 147 15.40 -17.16 10.46
N ARG B 148 14.34 -17.75 10.98
CA ARG B 148 13.84 -19.02 10.47
C ARG B 148 12.96 -18.83 9.25
N ASN B 149 12.30 -17.68 9.16
CA ASN B 149 11.17 -17.50 8.25
C ASN B 149 11.30 -16.37 7.28
N ARG B 150 12.52 -15.85 7.11
CA ARG B 150 12.74 -14.67 6.26
C ARG B 150 12.15 -14.82 4.84
N GLU B 151 12.37 -15.96 4.20
CA GLU B 151 11.89 -16.15 2.84
C GLU B 151 10.36 -16.12 2.76
N ARG B 152 9.69 -16.80 3.69
CA ARG B 152 8.24 -16.76 3.80
C ARG B 152 7.74 -15.35 4.03
N PHE B 153 8.40 -14.61 4.92
CA PHE B 153 8.03 -13.19 5.16
C PHE B 153 8.22 -12.33 3.92
N GLU B 154 9.35 -12.51 3.23
CA GLU B 154 9.61 -11.78 1.99
C GLU B 154 8.54 -12.10 0.94
N PHE B 155 8.17 -13.38 0.88
CA PHE B 155 7.15 -13.82 -0.06
C PHE B 155 5.78 -13.22 0.26
N LEU B 156 5.39 -13.20 1.54
CA LEU B 156 4.10 -12.59 1.92
C LEU B 156 4.13 -11.07 1.66
N LYS B 157 5.24 -10.44 2.02
CA LYS B 157 5.39 -9.01 1.70
C LYS B 157 5.19 -8.71 0.21
N TRP B 158 5.91 -9.42 -0.65
CA TRP B 158 5.68 -9.35 -2.09
C TRP B 158 4.21 -9.56 -2.49
N GLY B 159 3.58 -10.62 -1.98
CA GLY B 159 2.16 -10.80 -2.28
C GLY B 159 1.31 -9.58 -1.93
N SER B 160 1.58 -8.94 -0.79
CA SER B 160 0.82 -7.76 -0.35
C SER B 160 1.06 -6.55 -1.21
N GLN B 161 2.05 -6.67 -2.09
CA GLN B 161 2.34 -5.66 -3.06
C GLN B 161 1.90 -6.04 -4.47
N ALA B 162 1.90 -7.33 -4.80
CA ALA B 162 1.58 -7.78 -6.16
C ALA B 162 0.10 -8.09 -6.40
N PHE B 163 -0.66 -8.20 -5.30
CA PHE B 163 -2.11 -8.42 -5.31
C PHE B 163 -2.82 -7.27 -4.61
N HIS B 164 -3.94 -6.81 -5.18
CA HIS B 164 -4.68 -5.65 -4.63
C HIS B 164 -5.35 -5.97 -3.31
N ASN B 165 -5.64 -4.93 -2.54
CA ASN B 165 -6.51 -5.05 -1.36
C ASN B 165 -5.99 -5.92 -0.23
N MET B 166 -4.68 -6.13 -0.18
CA MET B 166 -4.07 -6.98 0.84
C MET B 166 -3.26 -6.17 1.84
N ARG B 167 -3.71 -6.16 3.09
CA ARG B 167 -2.96 -5.53 4.17
C ARG B 167 -2.33 -6.61 5.03
N ILE B 168 -1.07 -6.42 5.41
CA ILE B 168 -0.40 -7.35 6.31
C ILE B 168 -0.17 -6.73 7.67
N ILE B 169 -0.51 -7.49 8.70
CA ILE B 169 -0.12 -7.14 10.06
C ILE B 169 1.16 -7.93 10.33
N PRO B 170 2.28 -7.24 10.62
CA PRO B 170 3.60 -7.86 10.66
C PRO B 170 3.78 -8.77 11.88
N PRO B 171 4.85 -9.61 11.92
CA PRO B 171 5.23 -10.39 13.10
C PRO B 171 5.30 -9.56 14.37
N GLY B 172 5.00 -10.17 15.50
CA GLY B 172 5.05 -9.49 16.80
C GLY B 172 3.86 -8.62 17.15
N SER B 173 2.77 -8.74 16.39
CA SER B 173 1.57 -7.92 16.55
C SER B 173 0.43 -8.58 17.32
N GLY B 174 0.52 -9.91 17.47
CA GLY B 174 -0.54 -10.63 18.15
C GLY B 174 -1.14 -11.66 17.21
N ILE B 175 -2.32 -12.15 17.57
CA ILE B 175 -2.96 -13.29 16.93
C ILE B 175 -4.18 -12.87 16.09
N ILE B 176 -4.33 -13.49 14.92
CA ILE B 176 -5.38 -13.17 13.95
C ILE B 176 -6.71 -12.75 14.56
N HIS B 177 -7.31 -13.61 15.36
CA HIS B 177 -8.65 -13.35 15.87
C HIS B 177 -8.68 -12.28 16.93
N GLN B 178 -7.61 -12.14 17.71
CA GLN B 178 -7.61 -11.04 18.69
C GLN B 178 -7.48 -9.70 17.97
N VAL B 179 -6.54 -9.64 17.03
CA VAL B 179 -6.38 -8.46 16.18
C VAL B 179 -7.66 -8.16 15.37
N ASN B 180 -8.36 -9.20 14.93
CA ASN B 180 -9.63 -9.01 14.25
C ASN B 180 -10.63 -8.30 15.16
N LEU B 181 -10.77 -8.81 16.38
CA LEU B 181 -11.77 -8.28 17.32
C LEU B 181 -11.46 -6.84 17.71
N GLU B 182 -10.18 -6.57 18.03
CA GLU B 182 -9.79 -5.28 18.66
C GLU B 182 -9.47 -4.22 17.64
N TYR B 183 -9.18 -4.63 16.40
CA TYR B 183 -8.70 -3.67 15.40
C TYR B 183 -9.26 -3.79 13.98
N LEU B 184 -9.21 -4.98 13.39
CA LEU B 184 -9.59 -5.15 11.98
C LEU B 184 -11.09 -5.11 11.72
N ALA B 185 -11.88 -5.57 12.69
CA ALA B 185 -13.33 -5.65 12.49
C ALA B 185 -13.94 -4.27 12.24
N ARG B 186 -14.82 -4.22 11.24
CA ARG B 186 -15.54 -3.01 10.85
C ARG B 186 -16.89 -2.92 11.58
N VAL B 187 -17.50 -4.10 11.82
CA VAL B 187 -18.91 -4.27 12.29
C VAL B 187 -19.90 -3.83 11.23
N VAL B 188 -19.75 -2.61 10.72
CA VAL B 188 -20.55 -2.09 9.61
C VAL B 188 -19.66 -1.42 8.56
N PHE B 189 -19.82 -1.82 7.30
CA PHE B 189 -19.06 -1.23 6.20
C PHE B 189 -19.66 0.07 5.72
N ASP B 190 -18.79 1.00 5.31
CA ASP B 190 -19.20 2.25 4.68
C ASP B 190 -18.41 2.42 3.38
N GLN B 191 -18.90 1.79 2.32
CA GLN B 191 -18.15 1.66 1.08
C GLN B 191 -18.96 2.26 -0.07
N ASP B 192 -18.34 3.18 -0.82
CA ASP B 192 -18.97 3.80 -2.00
C ASP B 192 -20.44 4.23 -1.83
N GLY B 193 -20.78 4.73 -0.65
CA GLY B 193 -22.09 5.33 -0.43
C GLY B 193 -23.12 4.34 0.11
N TYR B 194 -22.67 3.17 0.53
CA TYR B 194 -23.55 2.14 1.07
C TYR B 194 -23.02 1.61 2.41
N TYR B 195 -23.89 1.60 3.42
CA TYR B 195 -23.63 0.87 4.65
C TYR B 195 -24.12 -0.56 4.53
N TYR B 196 -23.34 -1.50 5.06
CA TYR B 196 -23.80 -2.86 5.18
C TYR B 196 -23.02 -3.58 6.27
N PRO B 197 -23.52 -4.74 6.75
CA PRO B 197 -22.82 -5.46 7.81
C PRO B 197 -21.45 -6.00 7.38
N ASP B 198 -20.51 -5.95 8.32
CA ASP B 198 -19.26 -6.69 8.25
C ASP B 198 -19.61 -8.16 8.29
N SER B 199 -18.97 -8.93 7.43
CA SER B 199 -19.09 -10.37 7.45
C SER B 199 -17.84 -10.85 6.74
N LEU B 200 -17.51 -12.11 6.90
CA LEU B 200 -16.24 -12.59 6.37
C LEU B 200 -16.09 -14.10 6.42
N VAL B 201 -15.12 -14.58 5.66
CA VAL B 201 -14.60 -15.89 5.83
C VAL B 201 -13.10 -15.67 6.05
N GLY B 202 -12.48 -16.59 6.74
CA GLY B 202 -11.04 -16.49 6.98
C GLY B 202 -10.40 -17.83 6.82
N THR B 203 -9.12 -17.83 6.49
CA THR B 203 -8.40 -19.08 6.27
C THR B 203 -7.89 -19.61 7.63
N ASP B 204 -8.85 -19.82 8.51
CA ASP B 204 -8.58 -20.37 9.82
C ASP B 204 -9.91 -20.77 10.42
N SER B 205 -9.97 -22.00 10.92
CA SER B 205 -11.20 -22.53 11.52
C SER B 205 -11.79 -21.71 12.70
N HIS B 206 -10.97 -20.93 13.40
CA HIS B 206 -11.49 -20.20 14.58
C HIS B 206 -11.88 -18.76 14.25
N THR B 207 -12.03 -18.52 12.95
CA THR B 207 -12.49 -17.23 12.44
C THR B 207 -13.85 -16.91 13.06
N THR B 208 -14.58 -17.96 13.43
CA THR B 208 -15.88 -17.82 14.13
C THR B 208 -15.83 -17.07 15.46
N MET B 209 -14.64 -16.96 16.04
CA MET B 209 -14.46 -16.06 17.18
C MET B 209 -15.12 -14.69 17.02
N ILE B 210 -15.08 -14.15 15.79
CA ILE B 210 -15.59 -12.80 15.52
C ILE B 210 -17.12 -12.75 15.67
N ASP B 211 -17.76 -13.93 15.62
CA ASP B 211 -19.19 -14.04 15.75
C ASP B 211 -19.65 -13.52 17.10
N GLY B 212 -18.70 -13.44 18.05
CA GLY B 212 -19.00 -12.96 19.41
C GLY B 212 -19.34 -11.48 19.40
N LEU B 213 -18.88 -10.81 18.35
CA LEU B 213 -19.09 -9.38 18.18
C LEU B 213 -20.29 -9.08 17.23
N GLY B 214 -20.99 -10.13 16.80
CA GLY B 214 -22.18 -9.97 15.94
C GLY B 214 -21.81 -9.82 14.47
N ILE B 215 -20.58 -10.22 14.14
CA ILE B 215 -20.11 -10.25 12.77
C ILE B 215 -20.16 -11.69 12.27
N LEU B 216 -20.99 -11.94 11.25
CA LEU B 216 -21.07 -13.26 10.64
C LEU B 216 -19.80 -13.63 9.89
N GLY B 217 -19.00 -14.50 10.50
CA GLY B 217 -17.75 -14.96 9.88
C GLY B 217 -17.46 -16.42 10.23
N TRP B 218 -16.80 -17.14 9.32
CA TRP B 218 -16.40 -18.48 9.65
C TRP B 218 -15.23 -18.88 8.80
N GLY B 219 -14.75 -20.09 9.06
CA GLY B 219 -13.50 -20.57 8.53
C GLY B 219 -13.77 -21.30 7.23
N VAL B 220 -12.84 -21.15 6.30
CA VAL B 220 -12.91 -21.88 5.04
C VAL B 220 -11.49 -22.22 4.65
N GLY B 221 -11.33 -23.19 3.74
CA GLY B 221 -10.00 -23.55 3.23
C GLY B 221 -9.47 -22.42 2.37
N GLY B 222 -8.16 -22.37 2.16
CA GLY B 222 -7.58 -21.35 1.30
C GLY B 222 -8.21 -21.30 -0.07
N ILE B 223 -8.39 -22.46 -0.70
CA ILE B 223 -8.98 -22.48 -2.06
C ILE B 223 -10.38 -21.85 -2.15
N GLU B 224 -11.20 -22.03 -1.13
CA GLU B 224 -12.50 -21.35 -1.10
C GLU B 224 -12.33 -19.86 -0.88
N ALA B 225 -11.46 -19.48 0.06
CA ALA B 225 -11.16 -18.06 0.29
C ALA B 225 -10.59 -17.32 -0.91
N GLU B 226 -9.69 -18.00 -1.64
CA GLU B 226 -9.19 -17.53 -2.95
C GLU B 226 -10.27 -17.21 -3.99
N ALA B 227 -11.22 -18.11 -4.15
CA ALA B 227 -12.32 -17.93 -5.08
C ALA B 227 -13.18 -16.75 -4.62
N VAL B 228 -13.46 -16.71 -3.31
CA VAL B 228 -14.25 -15.62 -2.72
C VAL B 228 -13.57 -14.28 -2.97
N MET B 229 -12.27 -14.22 -2.69
CA MET B 229 -11.47 -12.99 -2.96
C MET B 229 -11.54 -12.59 -4.43
N LEU B 230 -11.74 -13.54 -5.31
CA LEU B 230 -11.87 -13.24 -6.76
C LEU B 230 -13.28 -12.92 -7.22
N GLY B 231 -14.24 -12.97 -6.30
CA GLY B 231 -15.61 -12.53 -6.58
C GLY B 231 -16.65 -13.62 -6.66
N GLN B 232 -16.22 -14.87 -6.49
CA GLN B 232 -17.14 -15.98 -6.47
C GLN B 232 -17.96 -15.96 -5.16
N PRO B 233 -19.29 -16.04 -5.28
CA PRO B 233 -20.11 -16.24 -4.07
C PRO B 233 -19.82 -17.57 -3.41
N ILE B 234 -19.92 -17.59 -2.09
CA ILE B 234 -19.99 -18.85 -1.39
C ILE B 234 -21.30 -19.57 -1.79
N SER B 235 -21.20 -20.88 -1.98
CA SER B 235 -22.36 -21.68 -2.26
C SER B 235 -22.61 -22.58 -1.08
N MET B 236 -23.81 -22.47 -0.50
CA MET B 236 -24.18 -23.27 0.64
C MET B 236 -25.65 -23.65 0.63
N VAL B 237 -25.95 -24.78 1.23
CA VAL B 237 -27.33 -25.12 1.50
C VAL B 237 -27.82 -24.16 2.61
N LEU B 238 -29.00 -23.58 2.44
CA LEU B 238 -29.51 -22.61 3.41
C LEU B 238 -29.59 -23.37 4.73
N PRO B 239 -28.91 -22.86 5.80
CA PRO B 239 -28.73 -23.65 7.02
C PRO B 239 -29.89 -23.60 8.03
N GLN B 240 -30.16 -24.73 8.70
CA GLN B 240 -30.92 -24.68 9.94
C GLN B 240 -30.14 -23.90 10.99
N VAL B 241 -30.87 -23.27 11.91
CA VAL B 241 -30.29 -22.48 12.96
C VAL B 241 -30.78 -22.98 14.29
N ILE B 242 -29.85 -23.47 15.11
CA ILE B 242 -30.14 -23.90 16.49
C ILE B 242 -30.05 -22.69 17.41
N GLY B 243 -31.12 -22.44 18.15
CA GLY B 243 -31.13 -21.35 19.12
C GLY B 243 -30.60 -21.87 20.43
N TYR B 244 -29.50 -21.27 20.90
CA TYR B 244 -28.89 -21.66 22.14
C TYR B 244 -29.24 -20.62 23.18
N ARG B 245 -30.17 -20.98 24.04
CA ARG B 245 -30.69 -20.12 25.07
C ARG B 245 -29.85 -20.19 26.34
N LEU B 246 -29.33 -19.04 26.74
CA LEU B 246 -28.62 -18.89 28.01
C LEU B 246 -29.50 -18.24 29.05
N MET B 247 -29.48 -18.81 30.26
CA MET B 247 -30.30 -18.33 31.34
C MET B 247 -29.50 -18.45 32.62
N GLY B 248 -29.96 -17.74 33.64
CA GLY B 248 -29.32 -17.81 34.94
C GLY B 248 -28.05 -17.02 35.01
N LYS B 249 -27.29 -17.25 36.08
CA LYS B 249 -26.07 -16.53 36.38
C LYS B 249 -24.94 -17.53 36.65
N PRO B 250 -23.73 -17.25 36.11
CA PRO B 250 -22.59 -18.08 36.47
C PRO B 250 -22.13 -17.72 37.88
N HIS B 251 -21.73 -18.71 38.65
CA HIS B 251 -21.26 -18.45 40.01
C HIS B 251 -20.02 -17.57 39.90
N PRO B 252 -19.85 -16.61 40.84
CA PRO B 252 -18.68 -15.69 40.82
C PRO B 252 -17.28 -16.29 40.70
N LEU B 253 -17.12 -17.60 40.87
CA LEU B 253 -15.81 -18.26 40.67
C LEU B 253 -15.62 -18.81 39.25
N VAL B 254 -16.71 -18.98 38.53
CA VAL B 254 -16.71 -19.48 37.16
C VAL B 254 -16.12 -18.46 36.18
N THR B 255 -15.41 -18.97 35.17
CA THR B 255 -14.76 -18.15 34.17
C THR B 255 -15.42 -18.31 32.80
N SER B 256 -15.13 -17.39 31.88
CA SER B 256 -15.53 -17.56 30.48
C SER B 256 -15.10 -18.93 29.97
N THR B 257 -13.87 -19.34 30.27
CA THR B 257 -13.32 -20.63 29.86
C THR B 257 -14.17 -21.80 30.32
N ASP B 258 -14.57 -21.81 31.59
CA ASP B 258 -15.49 -22.85 32.10
C ASP B 258 -16.74 -22.94 31.22
N ILE B 259 -17.28 -21.79 30.87
CA ILE B 259 -18.54 -21.79 30.13
C ILE B 259 -18.34 -22.43 28.77
N VAL B 260 -17.27 -22.06 28.06
CA VAL B 260 -17.11 -22.55 26.68
C VAL B 260 -16.84 -24.05 26.62
N LEU B 261 -16.08 -24.55 27.57
CA LEU B 261 -15.80 -25.97 27.65
C LEU B 261 -17.09 -26.77 27.92
N THR B 262 -17.93 -26.26 28.82
CA THR B 262 -19.29 -26.80 29.02
C THR B 262 -20.16 -26.84 27.73
N ILE B 263 -20.25 -25.71 27.05
CA ILE B 263 -21.00 -25.56 25.80
C ILE B 263 -20.47 -26.45 24.69
N THR B 264 -19.14 -26.57 24.61
CA THR B 264 -18.49 -27.42 23.62
C THR B 264 -18.96 -28.84 23.79
N LYS B 265 -18.85 -29.33 25.02
CA LYS B 265 -19.28 -30.69 25.36
C LYS B 265 -20.78 -30.87 25.03
N HIS B 266 -21.56 -29.82 25.32
CA HIS B 266 -23.01 -29.83 25.09
C HIS B 266 -23.39 -29.99 23.61
N LEU B 267 -22.84 -29.12 22.77
CA LEU B 267 -23.15 -29.11 21.33
C LEU B 267 -22.59 -30.27 20.47
N ARG B 268 -21.45 -30.84 20.84
CA ARG B 268 -20.97 -32.07 20.20
C ARG B 268 -21.96 -33.22 20.39
N GLN B 269 -22.51 -33.32 21.61
CA GLN B 269 -23.60 -34.26 21.93
C GLN B 269 -24.83 -34.00 21.07
N VAL B 270 -25.26 -32.74 21.02
CA VAL B 270 -26.46 -32.36 20.24
C VAL B 270 -26.28 -32.61 18.74
N GLY B 271 -25.11 -32.26 18.20
CA GLY B 271 -24.79 -32.50 16.81
C GLY B 271 -25.28 -31.35 15.96
N VAL B 272 -24.34 -30.48 15.57
CA VAL B 272 -24.65 -29.23 14.87
C VAL B 272 -23.83 -29.07 13.59
N VAL B 273 -23.31 -30.17 13.05
CA VAL B 273 -22.52 -30.08 11.83
C VAL B 273 -23.42 -29.62 10.69
N GLY B 274 -22.98 -28.61 9.97
CA GLY B 274 -23.75 -28.06 8.88
C GLY B 274 -24.83 -27.09 9.30
N LYS B 275 -24.83 -26.68 10.58
CA LYS B 275 -25.85 -25.74 11.09
C LYS B 275 -25.21 -24.46 11.64
N PHE B 276 -25.99 -23.38 11.70
CA PHE B 276 -25.61 -22.20 12.48
C PHE B 276 -26.04 -22.45 13.91
N VAL B 277 -25.31 -21.89 14.87
CA VAL B 277 -25.85 -21.78 16.22
C VAL B 277 -26.00 -20.30 16.43
N GLU B 278 -27.13 -19.89 17.01
CA GLU B 278 -27.33 -18.48 17.33
C GLU B 278 -27.80 -18.38 18.79
N PHE B 279 -27.07 -17.60 19.58
CA PHE B 279 -27.35 -17.41 20.99
C PHE B 279 -28.43 -16.39 21.30
N PHE B 280 -29.13 -16.59 22.41
CA PHE B 280 -30.17 -15.68 22.90
C PHE B 280 -30.48 -16.00 24.36
N GLY B 281 -31.45 -15.30 24.93
CA GLY B 281 -31.85 -15.61 26.29
C GLY B 281 -31.35 -14.54 27.24
N PRO B 282 -31.94 -14.49 28.45
CA PRO B 282 -31.64 -13.49 29.46
C PRO B 282 -30.17 -13.54 29.91
N GLY B 283 -29.52 -14.68 29.70
CA GLY B 283 -28.15 -14.91 30.14
C GLY B 283 -27.03 -14.39 29.25
N VAL B 284 -27.37 -13.90 28.06
CA VAL B 284 -26.38 -13.37 27.12
C VAL B 284 -25.92 -11.97 27.51
N ALA B 285 -26.87 -11.13 27.92
CA ALA B 285 -26.60 -9.71 28.22
C ALA B 285 -25.56 -9.48 29.32
N GLN B 286 -25.42 -10.45 30.22
CA GLN B 286 -24.38 -10.40 31.25
C GLN B 286 -23.00 -10.76 30.71
N LEU B 287 -22.96 -11.49 29.61
CA LEU B 287 -21.68 -11.85 29.00
C LEU B 287 -21.08 -10.68 28.23
N SER B 288 -19.84 -10.32 28.56
CA SER B 288 -19.07 -9.34 27.78
C SER B 288 -18.78 -9.86 26.39
N ILE B 289 -18.32 -8.99 25.50
CA ILE B 289 -17.94 -9.40 24.15
C ILE B 289 -16.78 -10.38 24.19
N ALA B 290 -15.82 -10.17 25.10
CA ALA B 290 -14.73 -11.13 25.26
C ALA B 290 -15.22 -12.54 25.64
N ASP B 291 -16.22 -12.60 26.54
CA ASP B 291 -16.88 -13.86 26.92
C ASP B 291 -17.56 -14.50 25.71
N ARG B 292 -18.37 -13.71 24.98
CA ARG B 292 -19.09 -14.19 23.81
C ARG B 292 -18.09 -14.69 22.77
N ALA B 293 -16.99 -13.95 22.62
CA ALA B 293 -15.94 -14.33 21.68
C ALA B 293 -15.28 -15.67 22.03
N THR B 294 -15.02 -15.91 23.30
CA THR B 294 -14.53 -17.21 23.77
C THR B 294 -15.45 -18.34 23.33
N ILE B 295 -16.75 -18.16 23.52
CA ILE B 295 -17.71 -19.17 23.17
C ILE B 295 -17.72 -19.41 21.67
N ALA B 296 -17.71 -18.32 20.90
CA ALA B 296 -17.88 -18.38 19.46
C ALA B 296 -16.61 -18.92 18.82
N ASN B 297 -15.48 -18.64 19.44
CA ASN B 297 -14.19 -19.20 18.97
C ASN B 297 -14.23 -20.73 18.75
N MET B 298 -14.78 -21.43 19.73
CA MET B 298 -14.73 -22.88 19.73
C MET B 298 -15.80 -23.55 18.82
N CYS B 299 -16.43 -22.76 17.96
CA CYS B 299 -17.40 -23.30 16.99
C CYS B 299 -16.93 -24.59 16.25
N PRO B 300 -15.69 -24.61 15.69
CA PRO B 300 -15.30 -25.87 15.04
C PRO B 300 -15.18 -27.06 15.98
N GLU B 301 -14.90 -26.80 17.27
CA GLU B 301 -14.71 -27.88 18.24
C GLU B 301 -16.04 -28.52 18.59
N TYR B 302 -17.13 -27.75 18.48
CA TYR B 302 -18.41 -28.39 18.58
C TYR B 302 -19.09 -28.68 17.22
N GLY B 303 -18.52 -28.13 16.15
CA GLY B 303 -18.86 -28.57 14.79
C GLY B 303 -19.72 -27.69 13.91
N ALA B 304 -20.38 -26.70 14.49
CA ALA B 304 -21.20 -25.72 13.74
C ALA B 304 -20.41 -24.88 12.72
N THR B 305 -21.13 -24.21 11.83
CA THR B 305 -20.48 -23.32 10.87
C THR B 305 -20.37 -21.94 11.46
N ALA B 306 -21.39 -21.55 12.24
CA ALA B 306 -21.36 -20.28 12.93
C ALA B 306 -21.97 -20.42 14.33
N ALA B 307 -21.51 -19.55 15.23
CA ALA B 307 -21.97 -19.51 16.61
C ALA B 307 -22.19 -18.08 16.98
N PHE B 308 -23.38 -17.57 16.71
CA PHE B 308 -23.56 -16.16 16.44
C PHE B 308 -24.17 -15.43 17.62
N PHE B 309 -23.57 -14.29 17.97
CA PHE B 309 -24.06 -13.41 19.01
C PHE B 309 -24.39 -12.06 18.36
N PRO B 310 -25.67 -11.81 18.05
CA PRO B 310 -26.05 -10.53 17.46
C PRO B 310 -25.51 -9.32 18.20
N VAL B 311 -25.33 -8.22 17.46
CA VAL B 311 -24.85 -6.95 18.06
C VAL B 311 -25.91 -6.35 18.96
N ASP B 312 -25.50 -6.03 20.19
CA ASP B 312 -26.39 -5.36 21.15
C ASP B 312 -25.62 -4.21 21.80
N GLU B 313 -26.19 -3.58 22.82
CA GLU B 313 -25.53 -2.45 23.46
C GLU B 313 -24.16 -2.82 24.02
N VAL B 314 -24.01 -4.06 24.48
CA VAL B 314 -22.74 -4.56 25.04
C VAL B 314 -21.67 -4.56 23.94
N SER B 315 -22.03 -4.99 22.73
CA SER B 315 -21.10 -4.93 21.60
C SER B 315 -20.62 -3.51 21.33
N ILE B 316 -21.58 -2.57 21.26
CA ILE B 316 -21.29 -1.14 21.06
C ILE B 316 -20.33 -0.61 22.12
N THR B 317 -20.61 -0.94 23.38
CA THR B 317 -19.74 -0.61 24.51
C THR B 317 -18.31 -1.13 24.31
N TYR B 318 -18.16 -2.34 23.78
CA TYR B 318 -16.84 -2.89 23.46
C TYR B 318 -16.13 -2.10 22.36
N LEU B 319 -16.87 -1.70 21.32
CA LEU B 319 -16.33 -0.85 20.28
C LEU B 319 -15.81 0.50 20.79
N VAL B 320 -16.56 1.11 21.70
CA VAL B 320 -16.08 2.37 22.29
C VAL B 320 -14.86 2.13 23.18
N GLN B 321 -14.88 1.07 23.98
CA GLN B 321 -13.75 0.69 24.83
C GLN B 321 -12.44 0.42 24.07
N THR B 322 -12.56 -0.29 22.95
CA THR B 322 -11.42 -0.57 22.06
C THR B 322 -11.08 0.60 21.12
N GLY B 323 -11.62 1.78 21.43
CA GLY B 323 -11.21 3.02 20.78
C GLY B 323 -11.64 3.20 19.34
N ARG B 324 -12.69 2.52 18.91
CA ARG B 324 -13.23 2.74 17.55
C ARG B 324 -13.69 4.20 17.35
N ASP B 325 -13.46 4.73 16.15
CA ASP B 325 -13.78 6.11 15.78
C ASP B 325 -15.22 6.54 16.14
N GLU B 326 -15.37 7.71 16.76
CA GLU B 326 -16.70 8.19 17.20
C GLU B 326 -17.68 8.38 16.04
N GLU B 327 -17.19 8.89 14.92
CA GLU B 327 -17.98 9.05 13.71
C GLU B 327 -18.60 7.73 13.31
N LYS B 328 -17.77 6.69 13.32
CA LYS B 328 -18.16 5.36 12.87
C LYS B 328 -19.15 4.70 13.82
N LEU B 329 -18.89 4.81 15.12
CA LEU B 329 -19.81 4.30 16.14
C LEU B 329 -21.21 4.88 15.94
N LYS B 330 -21.26 6.18 15.58
CA LYS B 330 -22.55 6.80 15.30
C LYS B 330 -23.36 5.92 14.35
N TYR B 331 -22.81 5.67 13.16
CA TYR B 331 -23.55 4.93 12.12
C TYR B 331 -23.64 3.43 12.32
N ILE B 332 -22.74 2.86 13.10
CA ILE B 332 -22.80 1.41 13.37
C ILE B 332 -24.13 1.09 14.07
N LYS B 333 -24.39 1.69 15.22
CA LYS B 333 -25.66 1.47 15.91
C LYS B 333 -26.88 2.03 15.15
N LYS B 334 -26.76 3.26 14.66
CA LYS B 334 -27.82 3.85 13.83
C LYS B 334 -28.25 2.93 12.68
N TYR B 335 -27.27 2.39 11.95
CA TYR B 335 -27.53 1.47 10.84
C TYR B 335 -28.21 0.17 11.26
N LEU B 336 -27.67 -0.46 12.29
CA LEU B 336 -28.23 -1.73 12.75
C LEU B 336 -29.68 -1.61 13.26
N GLN B 337 -29.95 -0.54 14.02
CA GLN B 337 -31.31 -0.25 14.45
C GLN B 337 -32.25 0.00 13.28
N ALA B 338 -31.83 0.84 12.33
CA ALA B 338 -32.64 1.16 11.14
C ALA B 338 -32.98 -0.10 10.30
N VAL B 339 -32.02 -1.01 10.13
CA VAL B 339 -32.20 -2.17 9.28
C VAL B 339 -32.81 -3.38 10.01
N GLY B 340 -32.91 -3.30 11.33
CA GLY B 340 -33.50 -4.37 12.11
C GLY B 340 -32.50 -5.45 12.48
N MET B 341 -31.25 -5.06 12.62
CA MET B 341 -30.20 -6.01 13.02
C MET B 341 -29.55 -5.65 14.35
N PHE B 342 -30.26 -4.87 15.15
CA PHE B 342 -29.74 -4.48 16.47
C PHE B 342 -30.54 -5.17 17.56
N ARG B 343 -29.83 -5.95 18.36
CA ARG B 343 -30.45 -6.86 19.32
C ARG B 343 -30.63 -6.26 20.71
N ASP B 344 -31.68 -6.69 21.40
CA ASP B 344 -31.78 -6.57 22.84
C ASP B 344 -32.05 -7.97 23.37
N PHE B 345 -31.06 -8.60 24.00
CA PHE B 345 -31.24 -9.98 24.42
C PHE B 345 -32.23 -10.09 25.58
N ASN B 346 -32.51 -8.96 26.22
CA ASN B 346 -33.49 -8.86 27.32
C ASN B 346 -34.94 -8.70 26.87
N ASP B 347 -35.18 -8.81 25.57
CA ASP B 347 -36.52 -8.69 25.02
C ASP B 347 -36.93 -9.98 24.28
N PRO B 348 -37.62 -10.91 24.98
CA PRO B 348 -38.06 -12.13 24.34
C PRO B 348 -38.96 -11.94 23.12
N SER B 349 -39.69 -10.83 23.02
CA SER B 349 -40.52 -10.58 21.84
C SER B 349 -39.67 -10.50 20.56
N GLN B 350 -38.41 -10.12 20.74
CA GLN B 350 -37.47 -10.01 19.63
C GLN B 350 -36.77 -11.34 19.25
N ASP B 351 -36.89 -12.39 20.08
CA ASP B 351 -36.22 -13.65 19.78
C ASP B 351 -36.74 -14.29 18.48
N PRO B 352 -35.82 -14.65 17.58
CA PRO B 352 -36.18 -15.27 16.30
C PRO B 352 -36.86 -16.61 16.50
N ASP B 353 -37.45 -17.14 15.43
CA ASP B 353 -38.05 -18.48 15.42
C ASP B 353 -37.04 -19.54 14.99
N PHE B 354 -36.21 -20.03 15.91
CA PHE B 354 -35.13 -20.96 15.53
C PHE B 354 -35.64 -22.35 15.11
N THR B 355 -34.79 -23.14 14.46
CA THR B 355 -35.21 -24.48 14.00
C THR B 355 -35.60 -25.29 15.23
N GLN B 356 -34.67 -25.36 16.17
CA GLN B 356 -34.97 -25.83 17.51
C GLN B 356 -34.14 -25.07 18.54
N VAL B 357 -34.60 -25.12 19.78
CA VAL B 357 -33.89 -24.47 20.88
C VAL B 357 -33.23 -25.49 21.80
N VAL B 358 -32.01 -25.17 22.23
CA VAL B 358 -31.34 -25.94 23.27
C VAL B 358 -30.95 -24.94 24.37
N GLU B 359 -30.92 -25.39 25.62
CA GLU B 359 -30.74 -24.47 26.74
C GLU B 359 -29.51 -24.79 27.58
N LEU B 360 -28.88 -23.73 28.10
CA LEU B 360 -27.97 -23.86 29.23
C LEU B 360 -28.31 -22.88 30.35
N ASP B 361 -28.54 -23.43 31.55
CA ASP B 361 -28.60 -22.62 32.78
C ASP B 361 -27.19 -22.45 33.29
N LEU B 362 -26.70 -21.21 33.24
CA LEU B 362 -25.31 -20.86 33.57
C LEU B 362 -24.92 -21.18 35.01
N LYS B 363 -25.90 -21.33 35.89
CA LYS B 363 -25.65 -21.70 37.27
C LYS B 363 -25.13 -23.14 37.37
N THR B 364 -25.38 -23.92 36.33
CA THR B 364 -24.94 -25.30 36.31
C THR B 364 -23.47 -25.43 35.91
N VAL B 365 -22.86 -24.34 35.44
CA VAL B 365 -21.44 -24.35 35.08
C VAL B 365 -20.58 -24.39 36.35
N VAL B 366 -19.54 -25.22 36.33
CA VAL B 366 -18.59 -25.37 37.42
C VAL B 366 -17.17 -25.29 36.86
N PRO B 367 -16.20 -24.81 37.67
CA PRO B 367 -14.81 -24.79 37.18
C PRO B 367 -14.42 -26.14 36.63
N CYS B 368 -13.88 -26.12 35.43
CA CYS B 368 -13.62 -27.34 34.68
C CYS B 368 -12.39 -27.22 33.78
N CYS B 369 -11.86 -28.38 33.40
CA CYS B 369 -10.83 -28.46 32.38
C CYS B 369 -11.34 -29.44 31.34
N SER B 370 -10.59 -29.63 30.27
CA SER B 370 -10.99 -30.59 29.23
C SER B 370 -9.78 -31.35 28.73
N GLY B 371 -9.89 -32.67 28.76
CA GLY B 371 -8.83 -33.58 28.31
C GLY B 371 -9.07 -34.97 28.87
N PRO B 372 -8.01 -35.80 28.92
CA PRO B 372 -6.64 -35.42 28.57
C PRO B 372 -6.36 -35.27 27.06
N LYS B 373 -7.33 -35.66 26.21
CA LYS B 373 -7.04 -35.88 24.77
C LYS B 373 -8.04 -35.29 23.76
N ARG B 374 -9.14 -34.69 24.23
CA ARG B 374 -10.20 -34.10 23.38
C ARG B 374 -10.77 -32.80 23.96
N PRO B 375 -11.17 -31.83 23.08
CA PRO B 375 -11.71 -30.58 23.61
C PRO B 375 -13.06 -30.75 24.29
N GLN B 376 -13.80 -31.79 23.88
CA GLN B 376 -15.13 -32.04 24.44
C GLN B 376 -15.15 -32.87 25.72
N ASP B 377 -13.98 -33.32 26.17
CA ASP B 377 -13.88 -34.14 27.36
C ASP B 377 -13.82 -33.30 28.64
N LYS B 378 -14.95 -32.68 28.96
CA LYS B 378 -15.02 -31.82 30.13
C LYS B 378 -14.79 -32.61 31.41
N VAL B 379 -13.90 -32.10 32.25
CA VAL B 379 -13.64 -32.65 33.57
C VAL B 379 -13.74 -31.51 34.57
N ALA B 380 -14.67 -31.64 35.51
CA ALA B 380 -14.75 -30.73 36.64
C ALA B 380 -13.41 -30.65 37.38
N VAL B 381 -13.00 -29.44 37.77
CA VAL B 381 -11.79 -29.29 38.57
C VAL B 381 -11.88 -30.18 39.82
N SER B 382 -13.07 -30.24 40.43
CA SER B 382 -13.36 -31.17 41.53
C SER B 382 -12.94 -32.61 41.24
N ASP B 383 -12.94 -32.98 39.97
CA ASP B 383 -12.80 -34.38 39.55
C ASP B 383 -11.51 -34.65 38.79
N MET B 384 -10.70 -33.62 38.63
CA MET B 384 -9.47 -33.73 37.87
C MET B 384 -8.52 -34.81 38.41
N LYS B 385 -8.45 -34.95 39.73
CA LYS B 385 -7.56 -35.92 40.35
C LYS B 385 -8.04 -37.34 40.08
N LYS B 386 -9.32 -37.59 40.35
CA LYS B 386 -9.92 -38.92 40.17
C LYS B 386 -9.97 -39.33 38.70
N ASP B 387 -10.32 -38.39 37.82
CA ASP B 387 -10.43 -38.71 36.39
C ASP B 387 -9.09 -39.14 35.80
N PHE B 388 -8.05 -38.37 36.10
CA PHE B 388 -6.70 -38.72 35.64
C PHE B 388 -6.23 -40.06 36.23
N GLU B 389 -6.50 -40.29 37.51
CA GLU B 389 -6.12 -41.56 38.15
C GLU B 389 -6.84 -42.74 37.51
N SER B 390 -8.10 -42.54 37.16
CA SER B 390 -8.85 -43.55 36.42
C SER B 390 -8.33 -43.74 34.99
N CYS B 391 -7.82 -42.65 34.40
CA CYS B 391 -7.21 -42.68 33.07
C CYS B 391 -5.91 -43.47 33.02
N LEU B 392 -5.10 -43.36 34.07
CA LEU B 392 -3.83 -44.08 34.15
C LEU B 392 -3.99 -45.56 33.75
N GLY B 393 -4.96 -46.23 34.36
CA GLY B 393 -5.14 -47.66 34.17
C GLY B 393 -6.17 -48.07 33.12
N ALA B 394 -6.87 -47.10 32.54
CA ALA B 394 -7.88 -47.40 31.52
C ALA B 394 -7.23 -47.73 30.18
N LYS B 395 -7.91 -48.55 29.39
CA LYS B 395 -7.44 -48.96 28.07
C LYS B 395 -7.05 -47.75 27.22
N GLN B 396 -5.90 -47.84 26.55
CA GLN B 396 -5.41 -46.75 25.69
C GLN B 396 -6.54 -46.17 24.85
N GLY B 397 -6.82 -44.88 25.05
CA GLY B 397 -7.85 -44.16 24.31
C GLY B 397 -7.93 -42.72 24.77
N PHE B 398 -9.01 -42.03 24.41
CA PHE B 398 -9.24 -40.64 24.81
C PHE B 398 -9.22 -40.47 26.34
N LYS B 399 -9.65 -41.51 27.05
CA LYS B 399 -9.66 -41.51 28.52
C LYS B 399 -8.89 -42.72 29.08
N GLY B 400 -7.72 -42.98 28.51
CA GLY B 400 -6.90 -44.10 28.96
C GLY B 400 -5.47 -43.96 28.50
N PHE B 401 -4.55 -44.13 29.43
CA PHE B 401 -3.11 -44.08 29.12
C PHE B 401 -2.51 -45.48 29.10
N GLN B 402 -3.26 -46.45 29.63
CA GLN B 402 -2.80 -47.83 29.73
C GLN B 402 -1.44 -47.95 30.46
N VAL B 403 -1.47 -47.65 31.75
CA VAL B 403 -0.33 -47.85 32.65
C VAL B 403 -0.69 -48.93 33.68
N ALA B 404 0.14 -49.96 33.79
CA ALA B 404 -0.10 -51.05 34.74
C ALA B 404 -0.27 -50.48 36.14
N PRO B 405 -1.30 -50.96 36.86
CA PRO B 405 -1.69 -50.35 38.14
C PRO B 405 -0.53 -50.11 39.11
N GLU B 406 0.43 -51.03 39.12
CA GLU B 406 1.55 -50.99 40.07
C GLU B 406 2.48 -49.78 39.85
N HIS B 407 2.41 -49.20 38.65
CA HIS B 407 3.28 -48.08 38.27
C HIS B 407 2.64 -46.71 38.47
N HIS B 408 1.36 -46.68 38.85
CA HIS B 408 0.60 -45.43 38.98
C HIS B 408 1.19 -44.45 40.00
N ASN B 409 2.04 -44.96 40.88
CA ASN B 409 2.69 -44.14 41.89
C ASN B 409 4.21 -43.97 41.65
N ASP B 410 4.65 -44.32 40.45
CA ASP B 410 6.06 -44.15 40.07
C ASP B 410 6.45 -42.68 40.11
N HIS B 411 7.76 -42.44 40.23
CA HIS B 411 8.32 -41.10 40.18
C HIS B 411 9.80 -41.18 39.83
N LYS B 412 10.28 -40.15 39.13
CA LYS B 412 11.65 -40.10 38.67
C LYS B 412 12.33 -38.82 39.15
N THR B 413 13.43 -38.99 39.88
CA THR B 413 14.26 -37.89 40.31
C THR B 413 15.03 -37.36 39.10
N PHE B 414 15.26 -36.06 39.07
CA PHE B 414 16.14 -35.46 38.07
C PHE B 414 16.78 -34.18 38.60
N ILE B 415 17.87 -33.76 37.95
CA ILE B 415 18.57 -32.54 38.34
C ILE B 415 18.36 -31.45 37.30
N TYR B 416 17.78 -30.34 37.74
CA TYR B 416 17.58 -29.18 36.90
C TYR B 416 18.15 -27.96 37.59
N ASP B 417 19.09 -27.28 36.92
CA ASP B 417 19.83 -26.17 37.50
C ASP B 417 20.44 -26.56 38.85
N ASN B 418 21.15 -27.68 38.85
CA ASN B 418 21.84 -28.24 40.02
C ASN B 418 20.98 -28.43 41.27
N THR B 419 19.68 -28.67 41.07
CA THR B 419 18.78 -28.95 42.16
C THR B 419 17.96 -30.17 41.81
N GLU B 420 17.69 -31.00 42.82
CA GLU B 420 16.97 -32.24 42.61
C GLU B 420 15.47 -32.01 42.66
N PHE B 421 14.79 -32.60 41.68
CA PHE B 421 13.35 -32.61 41.64
C PHE B 421 12.90 -34.03 41.39
N THR B 422 11.64 -34.30 41.68
CA THR B 422 11.09 -35.60 41.35
C THR B 422 9.83 -35.40 40.51
N LEU B 423 9.79 -36.12 39.39
CA LEU B 423 8.68 -36.09 38.45
C LEU B 423 7.87 -37.37 38.61
N ALA B 424 6.56 -37.27 38.41
CA ALA B 424 5.64 -38.40 38.54
C ALA B 424 4.52 -38.32 37.49
N HIS B 425 3.69 -39.37 37.41
CA HIS B 425 2.48 -39.34 36.59
C HIS B 425 1.61 -38.18 37.05
N GLY B 426 1.21 -37.33 36.11
CA GLY B 426 0.35 -36.19 36.42
C GLY B 426 1.07 -34.87 36.64
N SER B 427 2.41 -34.92 36.76
CA SER B 427 3.21 -33.72 36.93
C SER B 427 3.03 -32.79 35.73
N VAL B 428 2.80 -31.52 36.03
CA VAL B 428 2.69 -30.47 35.02
C VAL B 428 4.09 -30.03 34.57
N VAL B 429 4.34 -30.09 33.25
CA VAL B 429 5.63 -29.74 32.67
C VAL B 429 5.49 -28.63 31.63
N ILE B 430 4.27 -28.44 31.14
CA ILE B 430 3.95 -27.31 30.28
C ILE B 430 2.73 -26.59 30.87
N ALA B 431 2.86 -25.29 31.06
CA ALA B 431 1.78 -24.46 31.60
C ALA B 431 1.80 -23.15 30.83
N ALA B 432 0.92 -23.04 29.83
CA ALA B 432 0.99 -21.93 28.88
C ALA B 432 -0.33 -21.17 28.86
N ILE B 433 -0.25 -19.88 29.22
CA ILE B 433 -1.37 -18.99 29.00
C ILE B 433 -1.20 -18.53 27.56
N THR B 434 -2.03 -19.10 26.70
CA THR B 434 -1.88 -19.04 25.25
C THR B 434 -3.27 -19.01 24.62
N SER B 435 -3.35 -18.62 23.36
CA SER B 435 -4.54 -18.76 22.55
C SER B 435 -5.44 -17.55 22.58
N CYS B 436 -5.76 -17.05 21.39
CA CYS B 436 -6.72 -15.98 21.20
C CYS B 436 -8.07 -16.30 21.86
N THR B 437 -8.40 -17.59 21.93
CA THR B 437 -9.62 -18.03 22.64
C THR B 437 -9.77 -17.32 23.97
N ASN B 438 -8.65 -17.15 24.67
CA ASN B 438 -8.66 -16.68 26.07
C ASN B 438 -7.86 -15.41 26.36
N THR B 439 -6.80 -15.14 25.58
CA THR B 439 -5.98 -13.94 25.81
C THR B 439 -6.71 -12.68 25.33
N SER B 440 -7.81 -12.87 24.61
CA SER B 440 -8.64 -11.73 24.20
C SER B 440 -9.54 -11.30 25.37
N ASN B 441 -9.48 -12.03 26.49
CA ASN B 441 -10.45 -11.85 27.58
C ASN B 441 -9.78 -11.32 28.87
N PRO B 442 -9.92 -10.00 29.13
CA PRO B 442 -9.30 -9.37 30.30
C PRO B 442 -9.74 -10.03 31.61
N SER B 443 -10.95 -10.58 31.62
CA SER B 443 -11.50 -11.22 32.83
C SER B 443 -10.65 -12.38 33.32
N VAL B 444 -10.17 -13.19 32.39
CA VAL B 444 -9.32 -14.31 32.74
C VAL B 444 -7.83 -13.96 32.72
N MET B 445 -7.44 -12.96 31.91
CA MET B 445 -6.04 -12.49 31.90
C MET B 445 -5.71 -11.72 33.18
N LEU B 446 -6.55 -10.76 33.53
CA LEU B 446 -6.43 -10.09 34.85
C LEU B 446 -6.70 -11.07 36.02
N GLY B 447 -7.59 -12.04 35.78
CA GLY B 447 -7.90 -13.10 36.75
C GLY B 447 -6.62 -13.82 37.12
N ALA B 448 -5.91 -14.24 36.08
CA ALA B 448 -4.58 -14.86 36.19
C ALA B 448 -3.56 -14.00 36.90
N GLY B 449 -3.53 -12.72 36.57
CA GLY B 449 -2.61 -11.78 37.22
C GLY B 449 -2.89 -11.56 38.71
N LEU B 450 -4.17 -11.44 39.06
CA LEU B 450 -4.57 -11.22 40.46
C LEU B 450 -4.30 -12.46 41.30
N LEU B 451 -4.51 -13.63 40.72
CA LEU B 451 -4.13 -14.88 41.37
C LEU B 451 -2.62 -14.90 41.54
N ALA B 452 -1.86 -14.55 40.48
CA ALA B 452 -0.39 -14.45 40.58
C ALA B 452 0.05 -13.59 41.76
N LYS B 453 -0.50 -12.37 41.85
CA LYS B 453 -0.18 -11.45 42.96
C LYS B 453 -0.53 -12.05 44.32
N LYS B 454 -1.73 -12.60 44.44
CA LYS B 454 -2.16 -13.21 45.70
C LYS B 454 -1.23 -14.34 46.09
N ALA B 455 -0.86 -15.16 45.09
CA ALA B 455 0.06 -16.28 45.30
C ALA B 455 1.44 -15.83 45.76
N VAL B 456 2.01 -14.86 45.05
CA VAL B 456 3.34 -14.35 45.36
C VAL B 456 3.40 -13.78 46.78
N ASP B 457 2.42 -12.95 47.11
CA ASP B 457 2.32 -12.37 48.44
C ASP B 457 2.15 -13.44 49.51
N ALA B 458 1.51 -14.55 49.15
CA ALA B 458 1.29 -15.67 50.07
C ALA B 458 2.51 -16.57 50.17
N GLY B 459 3.59 -16.20 49.50
CA GLY B 459 4.84 -16.94 49.54
C GLY B 459 4.80 -18.24 48.75
N LEU B 460 4.12 -18.22 47.61
CA LEU B 460 4.09 -19.37 46.71
C LEU B 460 5.00 -19.15 45.49
N ASN B 461 5.46 -20.25 44.91
CA ASN B 461 6.26 -20.21 43.71
C ASN B 461 5.95 -21.39 42.79
N VAL B 462 6.41 -21.27 41.54
CA VAL B 462 6.31 -22.33 40.56
C VAL B 462 7.69 -22.93 40.38
N MET B 463 7.79 -24.25 40.54
CA MET B 463 9.06 -24.97 40.39
C MET B 463 9.74 -24.64 39.08
N PRO B 464 11.07 -24.41 39.11
CA PRO B 464 11.74 -23.72 38.01
C PRO B 464 11.88 -24.52 36.71
N TYR B 465 11.76 -25.83 36.78
CA TYR B 465 11.86 -26.69 35.60
C TYR B 465 10.57 -26.72 34.76
N ILE B 466 9.50 -26.13 35.29
CA ILE B 466 8.22 -26.12 34.59
C ILE B 466 8.28 -25.10 33.47
N LYS B 467 7.88 -25.53 32.27
CA LYS B 467 7.86 -24.66 31.11
C LYS B 467 6.56 -23.83 31.09
N THR B 468 6.60 -22.75 31.87
CA THR B 468 5.54 -21.78 31.94
C THR B 468 5.71 -20.80 30.79
N SER B 469 4.61 -20.25 30.30
CA SER B 469 4.69 -19.19 29.27
C SER B 469 3.41 -18.38 29.17
N LEU B 470 3.59 -17.14 28.70
CA LEU B 470 2.50 -16.23 28.44
C LEU B 470 2.66 -15.74 27.00
N SER B 471 1.69 -16.08 26.16
CA SER B 471 1.73 -15.71 24.76
C SER B 471 0.46 -14.96 24.37
N PRO B 472 0.41 -13.62 24.65
CA PRO B 472 -0.80 -12.81 24.40
C PRO B 472 -1.11 -12.68 22.93
N GLY B 473 -2.39 -12.51 22.61
CA GLY B 473 -2.85 -12.28 21.24
C GLY B 473 -2.93 -10.82 20.86
N SER B 474 -2.55 -9.92 21.77
CA SER B 474 -2.20 -8.53 21.41
C SER B 474 -1.42 -7.82 22.51
N GLY B 475 -0.85 -6.69 22.15
CA GLY B 475 -0.04 -5.90 23.05
C GLY B 475 -0.86 -5.26 24.14
N VAL B 476 -2.16 -5.10 23.90
CA VAL B 476 -3.03 -4.47 24.90
C VAL B 476 -2.99 -5.29 26.19
N VAL B 477 -2.90 -6.62 26.03
CA VAL B 477 -2.86 -7.52 27.19
C VAL B 477 -1.70 -7.18 28.13
N THR B 478 -0.50 -7.08 27.57
CA THR B 478 0.71 -6.82 28.34
C THR B 478 0.58 -5.44 28.95
N TYR B 479 -0.06 -4.55 28.21
CA TYR B 479 -0.19 -3.15 28.60
C TYR B 479 -1.04 -2.99 29.87
N TYR B 480 -2.21 -3.65 29.90
CA TYR B 480 -3.04 -3.66 31.11
C TYR B 480 -2.51 -4.54 32.24
N LEU B 481 -1.74 -5.57 31.91
CA LEU B 481 -1.12 -6.39 32.96
C LEU B 481 0.00 -5.62 33.66
N GLN B 482 0.60 -4.68 32.93
CA GLN B 482 1.68 -3.85 33.47
C GLN B 482 1.12 -2.64 34.23
N GLU B 483 0.19 -1.93 33.58
CA GLU B 483 -0.44 -0.75 34.17
C GLU B 483 -1.12 -1.09 35.50
N SER B 484 -1.68 -2.31 35.57
CA SER B 484 -2.39 -2.79 36.76
C SER B 484 -1.48 -3.31 37.88
N GLY B 485 -0.18 -3.39 37.60
CA GLY B 485 0.81 -3.84 38.57
C GLY B 485 0.87 -5.34 38.76
N VAL B 486 0.09 -6.09 37.98
CA VAL B 486 0.10 -7.54 38.13
C VAL B 486 1.28 -8.22 37.39
N MET B 487 1.79 -7.60 36.32
CA MET B 487 2.82 -8.24 35.47
C MET B 487 4.05 -8.75 36.26
N PRO B 488 4.58 -7.93 37.19
CA PRO B 488 5.78 -8.45 37.88
C PRO B 488 5.49 -9.76 38.59
N TYR B 489 4.27 -9.91 39.10
CA TYR B 489 3.90 -11.11 39.86
C TYR B 489 3.77 -12.31 38.92
N LEU B 490 3.27 -12.06 37.70
CA LEU B 490 3.21 -13.09 36.67
C LEU B 490 4.65 -13.50 36.33
N SER B 491 5.50 -12.50 36.08
CA SER B 491 6.92 -12.76 35.80
C SER B 491 7.58 -13.68 36.82
N GLN B 492 7.31 -13.45 38.11
CA GLN B 492 7.96 -14.23 39.17
C GLN B 492 7.53 -15.68 39.12
N LEU B 493 6.34 -15.95 38.65
CA LEU B 493 5.85 -17.31 38.60
C LEU B 493 6.31 -18.04 37.33
N GLY B 494 6.95 -17.29 36.42
CA GLY B 494 7.45 -17.83 35.17
C GLY B 494 6.63 -17.45 33.94
N PHE B 495 5.77 -16.46 34.09
CA PHE B 495 4.84 -16.08 33.02
C PHE B 495 5.19 -14.72 32.41
N ASP B 496 6.50 -14.51 32.20
CA ASP B 496 7.00 -13.43 31.35
C ASP B 496 6.38 -13.66 29.98
N VAL B 497 6.16 -12.58 29.24
CA VAL B 497 5.70 -12.65 27.84
C VAL B 497 6.81 -13.27 26.99
N VAL B 498 6.47 -14.21 26.12
CA VAL B 498 7.47 -14.91 25.29
C VAL B 498 7.24 -14.67 23.79
N GLY B 499 6.14 -14.01 23.45
CA GLY B 499 5.79 -13.72 22.07
C GLY B 499 4.32 -13.39 21.93
N TYR B 500 3.97 -12.68 20.87
CA TYR B 500 2.59 -12.39 20.53
C TYR B 500 2.28 -13.18 19.25
N GLY B 501 1.94 -14.45 19.44
CA GLY B 501 1.56 -15.33 18.32
C GLY B 501 0.88 -16.55 18.91
N CYS B 502 0.66 -17.58 18.09
CA CYS B 502 -0.13 -18.74 18.52
C CYS B 502 0.66 -19.59 19.51
N MET B 503 1.92 -19.86 19.14
CA MET B 503 2.89 -20.49 20.01
C MET B 503 2.37 -21.82 20.53
N THR B 504 2.28 -22.00 21.84
CA THR B 504 1.86 -23.29 22.36
C THR B 504 0.49 -23.77 21.83
N CYS B 505 -0.47 -22.85 21.67
CA CYS B 505 -1.80 -23.23 21.14
C CYS B 505 -1.69 -24.13 19.90
N ILE B 506 -0.77 -23.80 18.99
CA ILE B 506 -0.66 -24.52 17.71
C ILE B 506 0.39 -25.64 17.72
N GLY B 507 1.02 -25.87 18.87
CA GLY B 507 2.12 -26.82 18.95
C GLY B 507 3.48 -26.20 18.63
N ASN B 508 3.55 -24.87 18.58
CA ASN B 508 4.82 -24.14 18.47
C ASN B 508 5.37 -23.96 19.88
N SER B 509 5.52 -25.08 20.57
CA SER B 509 5.71 -25.08 22.02
C SER B 509 7.17 -25.10 22.44
N GLY B 510 8.06 -25.38 21.48
CA GLY B 510 9.48 -25.36 21.72
C GLY B 510 9.92 -26.59 22.49
N PRO B 511 11.21 -26.61 22.88
CA PRO B 511 11.80 -27.71 23.66
C PRO B 511 11.44 -27.68 25.15
N LEU B 512 11.38 -28.86 25.76
CA LEU B 512 11.39 -29.01 27.22
C LEU B 512 12.85 -29.17 27.68
N PRO B 513 13.14 -28.89 28.97
CA PRO B 513 14.52 -29.05 29.42
C PRO B 513 14.96 -30.52 29.34
N GLU B 514 16.23 -30.74 29.02
CA GLU B 514 16.75 -32.08 28.76
C GLU B 514 16.57 -33.06 29.93
N PRO B 515 16.79 -32.61 31.18
CA PRO B 515 16.60 -33.47 32.35
C PRO B 515 15.13 -33.83 32.63
N VAL B 516 14.19 -32.98 32.24
CA VAL B 516 12.76 -33.27 32.39
C VAL B 516 12.33 -34.32 31.37
N VAL B 517 12.75 -34.15 30.12
CA VAL B 517 12.47 -35.11 29.07
C VAL B 517 13.02 -36.49 29.42
N GLU B 518 14.27 -36.53 29.90
CA GLU B 518 14.89 -37.77 30.34
C GLU B 518 14.01 -38.50 31.34
N ALA B 519 13.64 -37.82 32.43
CA ALA B 519 12.79 -38.38 33.48
C ALA B 519 11.48 -38.94 32.94
N ILE B 520 10.90 -38.24 31.96
CA ILE B 520 9.67 -38.68 31.32
C ILE B 520 9.85 -40.00 30.59
N THR B 521 10.87 -40.07 29.73
CA THR B 521 11.10 -41.25 28.90
C THR B 521 11.70 -42.43 29.68
N GLN B 522 12.52 -42.13 30.67
CA GLN B 522 13.16 -43.18 31.47
C GLN B 522 12.24 -43.75 32.56
N GLY B 523 11.30 -42.94 33.04
CA GLY B 523 10.34 -43.38 34.04
C GLY B 523 9.02 -43.87 33.44
N ASP B 524 8.83 -43.62 32.14
CA ASP B 524 7.58 -43.92 31.43
C ASP B 524 6.43 -43.18 32.07
N LEU B 525 6.61 -41.87 32.25
CA LEU B 525 5.64 -41.05 32.95
C LEU B 525 4.61 -40.40 32.03
N VAL B 526 3.40 -40.23 32.55
CA VAL B 526 2.37 -39.43 31.90
C VAL B 526 2.54 -37.96 32.35
N ALA B 527 3.33 -37.21 31.58
CA ALA B 527 3.62 -35.80 31.89
C ALA B 527 2.56 -34.88 31.29
N VAL B 528 2.17 -33.87 32.05
CA VAL B 528 0.99 -33.08 31.69
C VAL B 528 1.31 -31.67 31.22
N GLY B 529 0.69 -31.29 30.10
CA GLY B 529 0.63 -29.90 29.66
C GLY B 529 -0.77 -29.32 29.92
N VAL B 530 -0.81 -28.23 30.70
CA VAL B 530 -2.04 -27.48 30.91
C VAL B 530 -1.94 -26.14 30.15
N LEU B 531 -2.99 -25.83 29.38
CA LEU B 531 -2.99 -24.64 28.52
C LEU B 531 -4.36 -24.02 28.33
N SER B 532 -4.41 -22.70 28.17
CA SER B 532 -5.67 -22.01 27.90
C SER B 532 -6.07 -22.01 26.41
N GLY B 533 -5.86 -23.14 25.74
CA GLY B 533 -6.22 -23.28 24.32
C GLY B 533 -7.58 -23.86 24.00
N ASN B 534 -7.76 -24.28 22.76
CA ASN B 534 -9.04 -24.88 22.32
C ASN B 534 -8.90 -26.28 21.73
N ARG B 535 -7.66 -26.78 21.69
CA ARG B 535 -7.32 -28.08 21.10
C ARG B 535 -6.20 -28.75 21.86
N ASN B 536 -6.38 -30.03 22.17
CA ASN B 536 -5.52 -30.80 23.07
C ASN B 536 -5.39 -32.24 22.61
N PHE B 537 -5.36 -32.43 21.30
CA PHE B 537 -5.32 -33.76 20.73
C PHE B 537 -3.96 -34.38 20.96
N GLU B 538 -3.93 -35.66 21.32
CA GLU B 538 -2.67 -36.34 21.61
C GLU B 538 -1.59 -35.91 20.61
N GLY B 539 -0.50 -35.33 21.14
CA GLY B 539 0.61 -34.92 20.30
C GLY B 539 0.67 -33.45 19.91
N ARG B 540 -0.49 -32.82 19.72
CA ARG B 540 -0.54 -31.47 19.13
C ARG B 540 0.05 -30.33 19.97
N VAL B 541 0.25 -30.53 21.28
CA VAL B 541 0.86 -29.49 22.11
C VAL B 541 2.38 -29.64 22.12
N HIS B 542 2.84 -30.76 22.69
CA HIS B 542 4.25 -31.09 22.81
C HIS B 542 4.47 -32.61 22.78
N PRO B 543 5.48 -33.09 22.02
CA PRO B 543 5.79 -34.53 21.89
C PRO B 543 5.96 -35.34 23.19
N ASN B 544 6.38 -34.69 24.28
CA ASN B 544 6.61 -35.37 25.56
C ASN B 544 5.49 -35.16 26.60
N THR B 545 4.29 -34.81 26.13
CA THR B 545 3.12 -34.65 27.01
C THR B 545 1.99 -35.58 26.56
N ARG B 546 1.79 -36.66 27.32
CA ARG B 546 0.73 -37.62 27.03
C ARG B 546 -0.67 -37.14 27.46
N ALA B 547 -0.70 -36.11 28.30
CA ALA B 547 -1.95 -35.55 28.81
C ALA B 547 -1.93 -34.03 28.67
N ASN B 548 -2.90 -33.50 27.94
CA ASN B 548 -3.03 -32.06 27.77
C ASN B 548 -4.45 -31.61 28.15
N TYR B 549 -4.54 -30.60 29.01
CA TYR B 549 -5.82 -30.12 29.53
C TYR B 549 -6.08 -28.65 29.25
N LEU B 550 -7.20 -28.38 28.61
CA LEU B 550 -7.60 -26.99 28.36
C LEU B 550 -8.12 -26.42 29.67
N ALA B 551 -7.74 -25.19 29.99
CA ALA B 551 -8.12 -24.60 31.29
C ALA B 551 -8.01 -23.10 31.21
N SER B 552 -8.80 -22.38 32.01
CA SER B 552 -8.71 -20.91 32.08
C SER B 552 -7.28 -20.51 32.44
N PRO B 553 -6.83 -19.32 31.99
CA PRO B 553 -5.56 -18.78 32.46
C PRO B 553 -5.28 -18.85 33.98
N PRO B 554 -6.24 -18.45 34.86
CA PRO B 554 -5.93 -18.64 36.30
C PRO B 554 -5.70 -20.10 36.70
N LEU B 555 -6.42 -21.04 36.07
CA LEU B 555 -6.19 -22.47 36.33
C LEU B 555 -4.85 -22.94 35.83
N VAL B 556 -4.40 -22.40 34.71
CA VAL B 556 -3.06 -22.68 34.18
C VAL B 556 -1.99 -22.35 35.25
N ILE B 557 -2.16 -21.21 35.92
CA ILE B 557 -1.24 -20.79 36.97
C ILE B 557 -1.42 -21.65 38.22
N ALA B 558 -2.66 -21.93 38.59
CA ALA B 558 -2.99 -22.80 39.73
C ALA B 558 -2.25 -24.13 39.63
N TYR B 559 -2.34 -24.79 38.48
CA TYR B 559 -1.64 -26.05 38.27
C TYR B 559 -0.13 -25.89 38.12
N ALA B 560 0.33 -24.73 37.67
CA ALA B 560 1.77 -24.43 37.69
C ALA B 560 2.32 -24.39 39.13
N ILE B 561 1.58 -23.74 40.01
CA ILE B 561 1.95 -23.59 41.42
C ILE B 561 1.89 -24.94 42.14
N ALA B 562 0.82 -25.70 41.89
CA ALA B 562 0.68 -27.03 42.46
C ALA B 562 1.70 -28.00 41.85
N GLY B 563 2.03 -27.79 40.57
CA GLY B 563 3.03 -28.61 39.87
C GLY B 563 2.53 -29.97 39.39
N THR B 564 1.25 -30.25 39.64
CA THR B 564 0.60 -31.51 39.26
C THR B 564 -0.90 -31.32 39.12
N ILE B 565 -1.55 -32.11 38.27
CA ILE B 565 -3.03 -32.08 38.19
C ILE B 565 -3.73 -33.06 39.13
N ARG B 566 -2.96 -33.99 39.69
CA ARG B 566 -3.49 -34.93 40.69
C ARG B 566 -3.54 -34.21 42.02
N ILE B 567 -4.49 -33.29 42.15
CA ILE B 567 -4.64 -32.50 43.36
C ILE B 567 -6.09 -32.18 43.63
N ASP B 568 -6.47 -32.24 44.90
CA ASP B 568 -7.78 -31.80 45.35
C ASP B 568 -7.60 -30.44 46.03
N PHE B 569 -7.87 -29.37 45.29
CA PHE B 569 -7.63 -28.01 45.75
C PHE B 569 -8.34 -27.64 47.05
N GLU B 570 -9.42 -28.35 47.37
CA GLU B 570 -10.12 -28.09 48.63
C GLU B 570 -9.52 -28.91 49.78
N LYS B 571 -9.08 -30.13 49.47
CA LYS B 571 -8.54 -31.05 50.47
C LYS B 571 -7.07 -30.76 50.80
N GLU B 572 -6.30 -30.37 49.79
CA GLU B 572 -4.87 -30.18 49.94
C GLU B 572 -4.41 -28.75 49.60
N PRO B 573 -3.54 -28.17 50.46
CA PRO B 573 -3.07 -26.81 50.23
C PRO B 573 -2.05 -26.79 49.12
N LEU B 574 -1.75 -25.60 48.61
CA LEU B 574 -0.70 -25.43 47.61
C LEU B 574 0.67 -25.45 48.27
N GLY B 575 0.80 -24.70 49.37
CA GLY B 575 2.02 -24.65 50.15
C GLY B 575 1.75 -24.10 51.53
N VAL B 576 2.80 -23.64 52.21
CA VAL B 576 2.66 -23.07 53.55
C VAL B 576 3.10 -21.61 53.60
N ASN B 577 2.24 -20.77 54.17
CA ASN B 577 2.52 -19.36 54.37
C ASN B 577 3.32 -19.17 55.67
N ALA B 578 4.38 -18.37 55.61
CA ALA B 578 5.27 -18.15 56.75
C ALA B 578 4.59 -17.65 58.04
N LYS B 579 3.30 -17.31 57.96
CA LYS B 579 2.56 -16.80 59.11
C LYS B 579 1.29 -17.62 59.36
N GLY B 580 0.26 -17.41 58.54
CA GLY B 580 -1.02 -18.10 58.68
C GLY B 580 -1.01 -19.55 58.23
N GLN B 581 0.18 -20.06 57.89
CA GLN B 581 0.41 -21.45 57.49
C GLN B 581 -0.28 -21.86 56.17
N GLN B 582 -1.26 -22.77 56.27
CA GLN B 582 -1.92 -23.38 55.10
C GLN B 582 -2.42 -22.37 54.07
N VAL B 583 -1.94 -22.48 52.83
CA VAL B 583 -2.45 -21.64 51.74
C VAL B 583 -3.14 -22.48 50.68
N PHE B 584 -4.46 -22.32 50.61
CA PHE B 584 -5.29 -23.07 49.68
C PHE B 584 -5.66 -22.22 48.48
N LEU B 585 -5.97 -22.88 47.36
CA LEU B 585 -6.36 -22.17 46.15
C LEU B 585 -7.45 -21.17 46.47
N LYS B 586 -8.37 -21.60 47.33
CA LYS B 586 -9.49 -20.82 47.80
C LYS B 586 -9.05 -19.42 48.27
N ASP B 587 -7.93 -19.37 48.97
CA ASP B 587 -7.45 -18.14 49.60
C ASP B 587 -6.83 -17.16 48.59
N ILE B 588 -6.38 -17.69 47.46
CA ILE B 588 -5.67 -16.91 46.43
C ILE B 588 -6.53 -16.58 45.20
N TRP B 589 -7.63 -17.31 45.02
CA TRP B 589 -8.51 -17.10 43.87
C TRP B 589 -9.26 -15.76 43.98
N PRO B 590 -9.10 -14.89 42.96
CA PRO B 590 -9.82 -13.61 42.94
C PRO B 590 -11.30 -13.79 42.62
N THR B 591 -12.16 -12.98 43.23
CA THR B 591 -13.60 -13.06 42.96
C THR B 591 -13.98 -12.33 41.67
N ARG B 592 -15.18 -12.60 41.17
CA ARG B 592 -15.72 -11.91 40.00
C ARG B 592 -15.61 -10.39 40.13
N ASP B 593 -15.86 -9.89 41.34
CA ASP B 593 -15.94 -8.45 41.57
C ASP B 593 -14.58 -7.77 41.75
N GLU B 594 -13.63 -8.46 42.36
CA GLU B 594 -12.24 -7.99 42.40
C GLU B 594 -11.66 -7.87 40.99
N ILE B 595 -12.06 -8.79 40.12
CA ILE B 595 -11.61 -8.79 38.73
C ILE B 595 -12.29 -7.66 37.94
N GLN B 596 -13.59 -7.47 38.19
CA GLN B 596 -14.41 -6.50 37.46
C GLN B 596 -13.92 -5.06 37.62
N ALA B 597 -13.44 -4.75 38.82
CA ALA B 597 -12.97 -3.40 39.15
C ALA B 597 -11.64 -3.10 38.44
N VAL B 598 -10.67 -4.00 38.60
CA VAL B 598 -9.40 -3.88 37.90
C VAL B 598 -9.63 -3.76 36.39
N GLU B 599 -10.41 -4.68 35.82
CA GLU B 599 -10.79 -4.58 34.42
C GLU B 599 -11.43 -3.22 34.11
N ARG B 600 -12.36 -2.80 34.97
CA ARG B 600 -13.14 -1.59 34.74
C ARG B 600 -12.23 -0.37 34.66
N GLN B 601 -11.18 -0.39 35.46
CA GLN B 601 -10.26 0.75 35.58
C GLN B 601 -9.03 0.69 34.67
N TYR B 602 -8.62 -0.52 34.27
CA TYR B 602 -7.33 -0.73 33.58
C TYR B 602 -7.37 -1.09 32.07
N VAL B 603 -8.56 -1.23 31.49
CA VAL B 603 -8.70 -1.50 30.06
C VAL B 603 -9.46 -0.33 29.41
N ILE B 604 -8.70 0.66 28.96
CA ILE B 604 -9.26 1.90 28.42
C ILE B 604 -8.89 2.15 26.96
N PRO B 605 -9.71 2.91 26.24
CA PRO B 605 -9.57 3.24 24.82
C PRO B 605 -8.17 3.70 24.38
N GLY B 606 -7.51 4.53 25.20
CA GLY B 606 -6.13 4.97 24.90
C GLY B 606 -5.09 3.85 24.82
N MET B 607 -5.31 2.76 25.55
CA MET B 607 -4.43 1.59 25.54
C MET B 607 -4.46 0.96 24.14
N PHE B 608 -5.67 0.80 23.62
CA PHE B 608 -5.89 0.23 22.30
C PHE B 608 -5.34 1.17 21.23
N LYS B 609 -5.66 2.47 21.35
CA LYS B 609 -5.16 3.48 20.43
C LYS B 609 -3.64 3.42 20.32
N GLU B 610 -2.99 3.36 21.49
CA GLU B 610 -1.53 3.29 21.59
C GLU B 610 -0.95 2.02 20.96
N VAL B 611 -1.51 0.85 21.28
CA VAL B 611 -0.97 -0.40 20.75
C VAL B 611 -1.16 -0.51 19.23
N TYR B 612 -2.30 -0.05 18.73
CA TYR B 612 -2.66 -0.24 17.34
C TYR B 612 -2.28 0.95 16.43
N GLN B 613 -1.81 2.04 17.04
CA GLN B 613 -1.41 3.24 16.31
C GLN B 613 -0.46 2.96 15.13
N LYS B 614 0.56 2.16 15.42
CA LYS B 614 1.65 1.95 14.48
C LYS B 614 1.74 0.48 14.10
N ILE B 615 0.67 -0.30 14.36
CA ILE B 615 0.76 -1.76 14.21
C ILE B 615 1.38 -2.20 12.87
N GLU B 616 1.09 -1.46 11.81
CA GLU B 616 1.48 -1.85 10.45
C GLU B 616 2.91 -1.49 10.09
N THR B 617 3.46 -0.51 10.81
CA THR B 617 4.71 0.16 10.40
C THR B 617 5.80 0.15 11.47
N VAL B 618 5.45 -0.36 12.64
CA VAL B 618 6.36 -0.38 13.79
C VAL B 618 7.47 -1.44 13.70
N ASN B 619 7.29 -2.46 12.86
CA ASN B 619 8.24 -3.57 12.78
C ASN B 619 9.35 -3.26 11.78
N GLU B 620 10.51 -2.86 12.29
CA GLU B 620 11.61 -2.40 11.45
C GLU B 620 12.25 -3.50 10.62
N SER B 621 12.27 -4.71 11.15
CA SER B 621 12.83 -5.87 10.48
C SER B 621 11.97 -6.25 9.28
N TRP B 622 10.66 -6.19 9.48
CA TRP B 622 9.67 -6.32 8.41
C TRP B 622 9.80 -5.20 7.38
N ASN B 623 9.93 -3.96 7.83
CA ASN B 623 10.00 -2.85 6.90
C ASN B 623 11.26 -2.95 6.03
N ALA B 624 12.28 -3.61 6.57
CA ALA B 624 13.59 -3.72 5.88
C ALA B 624 13.63 -4.78 4.79
N LEU B 625 12.72 -5.76 4.87
CA LEU B 625 12.64 -6.83 3.87
C LEU B 625 12.43 -6.23 2.51
N ALA B 626 13.34 -6.59 1.60
CA ALA B 626 13.25 -6.19 0.21
C ALA B 626 12.31 -7.13 -0.52
N THR B 627 11.58 -6.55 -1.47
CA THR B 627 10.66 -7.30 -2.29
C THR B 627 10.98 -6.98 -3.75
N PRO B 628 10.80 -7.95 -4.65
CA PRO B 628 10.91 -7.58 -6.07
C PRO B 628 9.69 -6.78 -6.50
N SER B 629 9.80 -6.08 -7.62
CA SER B 629 8.68 -5.32 -8.15
C SER B 629 7.76 -6.15 -9.03
N ASP B 630 8.07 -7.44 -9.18
CA ASP B 630 7.32 -8.34 -10.08
C ASP B 630 5.85 -8.42 -9.79
N LYS B 631 5.07 -8.68 -10.84
CA LYS B 631 3.65 -8.99 -10.75
C LYS B 631 3.45 -10.49 -11.02
N LEU B 632 4.34 -11.07 -11.81
CA LEU B 632 4.37 -12.52 -11.95
C LEU B 632 5.53 -13.03 -11.13
N PHE B 633 5.26 -14.08 -10.34
CA PHE B 633 6.26 -14.59 -9.42
C PHE B 633 7.47 -15.31 -10.07
N PHE B 634 8.66 -14.83 -9.74
CA PHE B 634 9.92 -15.41 -10.24
C PHE B 634 10.27 -16.68 -9.49
N TRP B 635 9.69 -17.82 -9.87
CA TRP B 635 9.88 -19.07 -9.07
C TRP B 635 11.37 -19.42 -9.05
N ASN B 636 11.92 -19.71 -7.87
CA ASN B 636 13.36 -19.96 -7.75
C ASN B 636 13.51 -21.44 -7.52
N SER B 637 14.21 -22.17 -8.41
CA SER B 637 14.32 -23.64 -8.21
C SER B 637 15.20 -23.99 -7.02
N LYS B 638 15.94 -23.02 -6.49
CA LYS B 638 16.75 -23.27 -5.30
C LYS B 638 15.94 -23.29 -4.01
N SER B 639 14.71 -22.76 -4.07
CA SER B 639 13.92 -22.60 -2.86
C SER B 639 13.38 -23.92 -2.33
N THR B 640 13.47 -24.10 -1.01
CA THR B 640 12.82 -25.22 -0.30
C THR B 640 11.54 -24.80 0.42
N TYR B 641 11.21 -23.51 0.33
CA TYR B 641 9.99 -22.94 0.92
C TYR B 641 8.92 -22.60 -0.08
N ILE B 642 9.28 -22.10 -1.28
CA ILE B 642 8.30 -21.63 -2.24
C ILE B 642 8.51 -22.33 -3.59
N LYS B 643 7.51 -23.10 -4.01
CA LYS B 643 7.62 -23.92 -5.23
C LYS B 643 6.37 -23.77 -6.08
N SER B 644 6.53 -23.66 -7.39
CA SER B 644 5.40 -23.67 -8.31
C SER B 644 4.66 -25.00 -8.25
N PRO B 645 3.37 -24.97 -7.85
CA PRO B 645 2.62 -26.19 -7.61
C PRO B 645 2.12 -26.79 -8.92
N PRO B 646 1.89 -28.11 -8.95
CA PRO B 646 1.52 -28.75 -10.21
C PRO B 646 0.03 -28.66 -10.57
N PHE B 647 -0.77 -28.05 -9.71
CA PHE B 647 -2.23 -28.13 -9.79
C PHE B 647 -2.77 -27.76 -11.17
N PHE B 648 -2.08 -26.85 -11.84
CA PHE B 648 -2.65 -26.23 -13.05
C PHE B 648 -1.88 -26.63 -14.28
N GLU B 649 -1.05 -27.67 -14.11
CA GLU B 649 -0.24 -28.22 -15.19
C GLU B 649 -1.15 -28.75 -16.31
N ASN B 650 -0.91 -28.29 -17.54
CA ASN B 650 -1.65 -28.76 -18.70
C ASN B 650 -3.16 -28.57 -18.61
N LEU B 651 -3.58 -27.61 -17.79
CA LEU B 651 -4.98 -27.19 -17.71
C LEU B 651 -5.46 -26.74 -19.07
N THR B 652 -6.61 -27.25 -19.49
CA THR B 652 -7.20 -26.90 -20.79
C THR B 652 -8.47 -26.06 -20.54
N LEU B 653 -8.87 -25.27 -21.54
CA LEU B 653 -10.11 -24.48 -21.41
C LEU B 653 -11.35 -25.35 -21.46
N ASP B 654 -11.35 -26.33 -22.36
CA ASP B 654 -12.46 -27.26 -22.46
C ASP B 654 -12.43 -28.32 -21.36
N LEU B 655 -13.61 -28.78 -20.97
CA LEU B 655 -13.76 -29.86 -20.01
C LEU B 655 -14.09 -31.15 -20.74
N GLN B 656 -13.52 -32.26 -20.30
CA GLN B 656 -14.04 -33.56 -20.67
C GLN B 656 -14.74 -34.16 -19.45
N PRO B 657 -15.75 -35.01 -19.70
CA PRO B 657 -16.55 -35.58 -18.62
C PRO B 657 -15.71 -36.40 -17.65
N PRO B 658 -16.20 -36.58 -16.41
CA PRO B 658 -15.55 -37.47 -15.46
C PRO B 658 -15.81 -38.95 -15.80
N LYS B 659 -14.81 -39.78 -15.58
CA LYS B 659 -14.98 -41.22 -15.72
C LYS B 659 -15.01 -41.86 -14.34
N SER B 660 -15.58 -43.06 -14.27
CA SER B 660 -15.62 -43.78 -13.02
C SER B 660 -14.21 -44.00 -12.50
N ILE B 661 -14.10 -44.31 -11.21
CA ILE B 661 -12.86 -44.73 -10.62
C ILE B 661 -12.88 -46.25 -10.73
N VAL B 662 -11.86 -46.80 -11.40
CA VAL B 662 -11.85 -48.23 -11.74
C VAL B 662 -10.79 -49.01 -10.95
N ASP B 663 -11.24 -50.04 -10.21
CA ASP B 663 -10.33 -50.92 -9.44
C ASP B 663 -9.35 -50.15 -8.56
N ALA B 664 -9.86 -49.15 -7.85
CA ALA B 664 -9.04 -48.41 -6.90
C ALA B 664 -8.55 -49.36 -5.80
N TYR B 665 -7.35 -49.09 -5.29
CA TYR B 665 -6.88 -49.66 -4.05
C TYR B 665 -7.17 -48.69 -2.92
N VAL B 666 -7.25 -49.22 -1.70
CA VAL B 666 -7.44 -48.37 -0.53
C VAL B 666 -6.08 -48.08 0.08
N LEU B 667 -5.69 -46.81 0.04
CA LEU B 667 -4.43 -46.40 0.60
C LEU B 667 -4.39 -46.45 2.14
N LEU B 668 -5.46 -46.01 2.81
CA LEU B 668 -5.58 -46.06 4.28
C LEU B 668 -7.00 -46.46 4.69
N ASN B 669 -7.08 -47.32 5.70
CA ASN B 669 -8.34 -47.69 6.33
C ASN B 669 -8.42 -47.00 7.70
N LEU B 670 -9.15 -45.88 7.80
CA LEU B 670 -9.14 -45.03 9.01
C LEU B 670 -10.39 -45.17 9.88
N GLY B 671 -10.29 -44.71 11.12
CA GLY B 671 -11.41 -44.82 12.05
C GLY B 671 -12.11 -43.50 12.26
N ASP B 672 -12.65 -43.33 13.47
CA ASP B 672 -13.39 -42.12 13.82
C ASP B 672 -12.49 -40.96 14.21
N SER B 673 -13.04 -39.75 14.04
CA SER B 673 -12.45 -38.46 14.43
C SER B 673 -11.00 -38.24 13.94
N VAL B 674 -10.75 -38.59 12.68
CA VAL B 674 -9.46 -38.34 12.06
C VAL B 674 -9.42 -36.85 11.82
N THR B 675 -8.49 -36.16 12.51
CA THR B 675 -8.42 -34.71 12.38
C THR B 675 -7.53 -34.30 11.22
N THR B 676 -7.67 -33.07 10.75
CA THR B 676 -6.79 -32.56 9.74
C THR B 676 -5.34 -32.47 10.24
N ASP B 677 -5.11 -32.57 11.55
CA ASP B 677 -3.72 -32.68 12.03
C ASP B 677 -3.09 -34.06 11.70
N HIS B 678 -3.93 -35.09 11.66
CA HIS B 678 -3.54 -36.41 11.22
C HIS B 678 -3.30 -36.46 9.73
N ILE B 679 -4.17 -35.77 9.00
CA ILE B 679 -4.08 -35.78 7.54
C ILE B 679 -2.89 -34.93 7.05
N SER B 680 -2.77 -33.71 7.56
CA SER B 680 -1.76 -32.73 7.10
C SER B 680 -1.14 -32.10 8.35
N PRO B 681 -0.25 -32.83 9.06
CA PRO B 681 0.37 -32.25 10.26
C PRO B 681 1.03 -30.90 10.00
N ALA B 682 1.07 -30.03 11.02
CA ALA B 682 1.57 -28.66 10.83
C ALA B 682 2.82 -28.30 11.66
N GLY B 683 3.24 -29.23 12.51
CA GLY B 683 4.33 -28.95 13.46
C GLY B 683 5.64 -29.60 13.06
N ASN B 684 6.32 -30.14 14.07
CA ASN B 684 7.60 -30.79 13.89
C ASN B 684 7.65 -31.75 12.71
N ILE B 685 8.79 -31.78 12.01
CA ILE B 685 9.03 -32.72 10.92
C ILE B 685 9.95 -33.84 11.44
N ALA B 686 9.42 -35.07 11.52
CA ALA B 686 10.16 -36.17 12.15
C ALA B 686 11.37 -36.61 11.34
N ARG B 687 12.43 -36.97 12.04
CA ARG B 687 13.66 -37.36 11.35
C ARG B 687 13.43 -38.57 10.43
N ASN B 688 12.59 -39.51 10.89
CA ASN B 688 12.22 -40.67 10.11
C ASN B 688 10.95 -40.38 9.34
N SER B 689 11.07 -39.58 8.27
CA SER B 689 9.91 -39.26 7.43
C SER B 689 10.30 -38.94 5.98
N PRO B 690 9.38 -39.16 5.01
CA PRO B 690 9.61 -38.72 3.64
C PRO B 690 10.04 -37.26 3.55
N ALA B 691 9.35 -36.36 4.26
CA ALA B 691 9.70 -34.93 4.24
C ALA B 691 11.12 -34.67 4.74
N ALA B 692 11.53 -35.35 5.80
CA ALA B 692 12.88 -35.17 6.31
C ALA B 692 13.92 -35.69 5.30
N ARG B 693 13.64 -36.85 4.68
CA ARG B 693 14.55 -37.36 3.62
C ARG B 693 14.69 -36.38 2.47
N TYR B 694 13.57 -35.81 2.05
CA TYR B 694 13.59 -34.82 0.99
C TYR B 694 14.42 -33.60 1.38
N LEU B 695 14.24 -33.10 2.60
CA LEU B 695 14.89 -31.84 3.02
C LEU B 695 16.37 -32.09 3.29
N THR B 696 16.66 -33.29 3.79
CA THR B 696 18.05 -33.76 3.92
C THR B 696 18.76 -33.83 2.57
N ASN B 697 18.09 -34.41 1.57
CA ASN B 697 18.65 -34.46 0.21
C ASN B 697 18.88 -33.07 -0.36
N ARG B 698 18.15 -32.08 0.13
CA ARG B 698 18.35 -30.68 -0.28
C ARG B 698 19.36 -29.94 0.60
N GLY B 699 19.98 -30.68 1.52
CA GLY B 699 21.16 -30.21 2.25
C GLY B 699 20.91 -29.58 3.61
N LEU B 700 19.73 -29.82 4.16
CA LEU B 700 19.32 -29.17 5.40
C LEU B 700 19.55 -30.10 6.59
N THR B 701 19.83 -29.53 7.75
CA THR B 701 19.93 -30.30 9.00
C THR B 701 18.57 -30.25 9.72
N PRO B 702 18.29 -31.18 10.66
CA PRO B 702 16.96 -31.13 11.31
C PRO B 702 16.57 -29.77 11.90
N ARG B 703 17.54 -29.05 12.43
CA ARG B 703 17.28 -27.79 13.11
C ARG B 703 16.85 -26.73 12.10
N GLU B 704 17.11 -26.99 10.83
CA GLU B 704 16.67 -26.10 9.74
C GLU B 704 15.36 -26.54 9.10
N PHE B 705 14.82 -27.69 9.52
CA PHE B 705 13.61 -28.20 8.89
C PHE B 705 12.48 -27.18 8.96
N ASN B 706 12.33 -26.56 10.13
CA ASN B 706 11.18 -25.71 10.43
C ASN B 706 9.94 -26.61 10.50
N SER B 707 8.78 -26.00 10.61
CA SER B 707 7.55 -26.76 10.76
C SER B 707 6.90 -27.13 9.42
N TYR B 708 5.97 -28.08 9.46
CA TYR B 708 5.23 -28.45 8.26
C TYR B 708 4.42 -27.28 7.75
N GLY B 709 3.74 -26.57 8.66
CA GLY B 709 2.98 -25.38 8.28
C GLY B 709 3.83 -24.32 7.60
N SER B 710 5.08 -24.14 8.03
CA SER B 710 6.02 -23.19 7.31
C SER B 710 6.39 -23.64 5.90
N ARG B 711 6.18 -24.92 5.61
CA ARG B 711 6.59 -25.49 4.32
C ARG B 711 5.43 -25.59 3.32
N ARG B 712 4.32 -24.91 3.62
CA ARG B 712 3.08 -25.06 2.84
C ARG B 712 3.16 -24.52 1.42
N GLY B 713 4.20 -23.74 1.16
CA GLY B 713 4.36 -23.20 -0.17
C GLY B 713 5.19 -24.11 -1.01
N ASN B 714 5.52 -25.27 -0.47
CA ASN B 714 6.32 -26.28 -1.16
C ASN B 714 5.52 -27.59 -1.19
N ASP B 715 4.86 -27.85 -2.31
CA ASP B 715 4.10 -29.12 -2.47
C ASP B 715 4.90 -30.40 -2.32
N ALA B 716 6.19 -30.36 -2.62
CA ALA B 716 7.04 -31.55 -2.46
C ALA B 716 7.09 -32.00 -1.01
N VAL B 717 7.28 -31.04 -0.10
CA VAL B 717 7.25 -31.28 1.36
C VAL B 717 5.85 -31.67 1.86
N MET B 718 4.83 -30.97 1.36
CA MET B 718 3.48 -31.19 1.90
C MET B 718 2.89 -32.50 1.46
N ALA B 719 3.17 -32.95 0.23
CA ALA B 719 2.74 -34.29 -0.18
C ALA B 719 3.43 -35.34 0.71
N ARG B 720 4.71 -35.10 0.94
CA ARG B 720 5.50 -35.99 1.78
C ARG B 720 4.99 -36.02 3.22
N GLY B 721 4.47 -34.88 3.69
CA GLY B 721 3.91 -34.80 5.04
C GLY B 721 2.46 -35.23 5.17
N THR B 722 1.84 -35.62 4.06
CA THR B 722 0.44 -36.05 4.10
C THR B 722 0.36 -37.45 4.72
N PHE B 723 -0.49 -37.55 5.75
CA PHE B 723 -0.68 -38.75 6.59
C PHE B 723 0.59 -39.13 7.37
N ALA B 724 1.47 -38.15 7.54
CA ALA B 724 2.76 -38.37 8.20
C ALA B 724 2.72 -38.15 9.71
N ASN B 725 1.55 -37.84 10.25
CA ASN B 725 1.38 -37.62 11.69
C ASN B 725 1.71 -38.92 12.40
N ILE B 726 2.62 -38.85 13.35
CA ILE B 726 3.15 -40.05 14.04
C ILE B 726 2.12 -40.76 14.89
N ARG B 727 0.92 -40.20 15.01
CA ARG B 727 -0.15 -40.83 15.77
C ARG B 727 -1.30 -41.33 14.93
N LEU B 728 -1.16 -41.21 13.60
CA LEU B 728 -2.11 -41.81 12.67
C LEU B 728 -2.39 -43.25 13.06
N LEU B 729 -3.65 -43.58 13.20
CA LEU B 729 -4.04 -44.94 13.54
C LEU B 729 -4.69 -45.61 12.34
N ASN B 730 -3.87 -46.22 11.50
CA ASN B 730 -4.33 -46.92 10.29
C ASN B 730 -4.81 -48.28 10.70
N ARG B 731 -6.04 -48.62 10.32
CA ARG B 731 -6.61 -49.90 10.68
C ARG B 731 -6.00 -51.08 9.90
N PHE B 732 -5.21 -50.81 8.86
CA PHE B 732 -4.40 -51.89 8.25
C PHE B 732 -3.26 -52.36 9.17
N LEU B 733 -2.76 -51.45 10.00
CA LEU B 733 -1.61 -51.77 10.83
C LEU B 733 -2.00 -52.01 12.27
N ASN B 734 -3.21 -51.57 12.62
CA ASN B 734 -3.70 -51.62 14.00
C ASN B 734 -2.65 -51.19 15.02
N LYS B 735 -2.06 -50.01 14.75
CA LYS B 735 -1.07 -49.35 15.62
C LYS B 735 -0.92 -47.91 15.14
N GLN B 736 -0.46 -47.02 16.02
CA GLN B 736 -0.14 -45.65 15.62
C GLN B 736 1.16 -45.68 14.85
N ALA B 737 1.10 -45.22 13.60
CA ALA B 737 2.27 -45.14 12.75
C ALA B 737 1.85 -44.41 11.49
N PRO B 738 2.73 -43.50 10.97
CA PRO B 738 2.44 -42.74 9.77
C PRO B 738 2.66 -43.61 8.52
N GLN B 739 2.12 -44.82 8.54
CA GLN B 739 2.47 -45.83 7.54
C GLN B 739 1.24 -46.58 7.06
N THR B 740 1.42 -47.34 5.99
CA THR B 740 0.35 -48.18 5.47
C THR B 740 0.94 -49.36 4.73
N ILE B 741 0.07 -50.19 4.20
CA ILE B 741 0.52 -51.41 3.52
C ILE B 741 0.37 -51.18 2.04
N HIS B 742 1.46 -51.37 1.29
CA HIS B 742 1.36 -51.37 -0.16
C HIS B 742 0.91 -52.78 -0.49
N LEU B 743 -0.36 -52.90 -0.85
CA LEU B 743 -0.99 -54.21 -0.93
C LEU B 743 -0.40 -55.09 -2.04
N PRO B 744 -0.16 -54.52 -3.25
CA PRO B 744 0.46 -55.36 -4.26
C PRO B 744 1.68 -56.13 -3.73
N SER B 745 2.55 -55.47 -2.97
CA SER B 745 3.76 -56.12 -2.44
C SER B 745 3.63 -56.74 -1.04
N GLY B 746 2.72 -56.21 -0.22
CA GLY B 746 2.64 -56.56 1.21
C GLY B 746 3.55 -55.69 2.09
N GLU B 747 4.32 -54.81 1.45
CA GLU B 747 5.30 -53.99 2.17
C GLU B 747 4.67 -52.83 2.95
N ILE B 748 5.12 -52.67 4.18
CA ILE B 748 4.74 -51.55 5.04
C ILE B 748 5.68 -50.37 4.80
N LEU B 749 5.11 -49.23 4.42
CA LEU B 749 5.87 -48.08 3.96
C LEU B 749 5.27 -46.80 4.54
N ASP B 750 6.06 -45.72 4.63
CA ASP B 750 5.50 -44.42 4.97
C ASP B 750 4.44 -44.11 3.90
N VAL B 751 3.36 -43.41 4.26
CA VAL B 751 2.20 -43.32 3.37
C VAL B 751 2.54 -42.69 2.01
N PHE B 752 3.32 -41.62 2.02
CA PHE B 752 3.77 -41.02 0.76
C PHE B 752 4.50 -42.04 -0.12
N ASP B 753 5.28 -42.92 0.50
CA ASP B 753 6.11 -43.85 -0.25
C ASP B 753 5.25 -44.91 -0.90
N ALA B 754 4.28 -45.41 -0.14
CA ALA B 754 3.30 -46.35 -0.67
C ALA B 754 2.53 -45.72 -1.82
N ALA B 755 2.09 -44.47 -1.63
CA ALA B 755 1.28 -43.81 -2.65
C ALA B 755 2.05 -43.71 -3.96
N GLU B 756 3.34 -43.39 -3.88
CA GLU B 756 4.24 -43.34 -5.05
C GLU B 756 4.25 -44.66 -5.85
N ARG B 757 4.33 -45.78 -5.14
CA ARG B 757 4.31 -47.07 -5.81
C ARG B 757 3.06 -47.22 -6.63
N TYR B 758 1.93 -46.95 -5.98
CA TYR B 758 0.63 -47.06 -6.63
C TYR B 758 0.55 -46.18 -7.86
N GLN B 759 0.94 -44.92 -7.69
CA GLN B 759 0.90 -43.92 -8.75
C GLN B 759 1.79 -44.33 -9.93
N GLN B 760 2.96 -44.87 -9.63
CA GLN B 760 3.88 -45.32 -10.67
C GLN B 760 3.26 -46.41 -11.53
N ALA B 761 2.52 -47.32 -10.89
CA ALA B 761 1.78 -48.38 -11.57
C ALA B 761 0.46 -47.93 -12.21
N GLY B 762 0.10 -46.65 -12.01
CA GLY B 762 -1.10 -46.06 -12.61
C GLY B 762 -2.39 -46.44 -11.93
N LEU B 763 -2.31 -46.72 -10.63
CA LEU B 763 -3.44 -47.24 -9.86
C LEU B 763 -4.15 -46.16 -9.05
N PRO B 764 -5.46 -45.97 -9.30
CA PRO B 764 -6.23 -45.00 -8.52
C PRO B 764 -6.26 -45.39 -7.03
N LEU B 765 -6.46 -44.40 -6.16
CA LEU B 765 -6.53 -44.63 -4.71
C LEU B 765 -7.78 -44.03 -4.09
N ILE B 766 -8.25 -44.62 -3.01
CA ILE B 766 -9.30 -44.01 -2.19
C ILE B 766 -8.91 -44.17 -0.71
N VAL B 767 -9.60 -43.46 0.18
CA VAL B 767 -9.40 -43.59 1.63
C VAL B 767 -10.72 -44.00 2.22
N LEU B 768 -10.70 -45.04 3.07
CA LEU B 768 -11.87 -45.36 3.86
C LEU B 768 -11.73 -44.70 5.24
N ALA B 769 -12.81 -44.14 5.75
CA ALA B 769 -12.79 -43.53 7.10
C ALA B 769 -14.12 -43.66 7.82
N GLY B 770 -14.12 -43.41 9.13
CA GLY B 770 -15.33 -43.49 9.94
C GLY B 770 -16.04 -42.16 10.08
N LYS B 771 -16.43 -41.85 11.33
CA LYS B 771 -17.22 -40.65 11.67
C LYS B 771 -16.34 -39.40 11.81
N GLU B 772 -16.93 -38.24 11.53
CA GLU B 772 -16.32 -36.94 11.81
C GLU B 772 -14.95 -36.77 11.11
N TYR B 773 -14.83 -37.29 9.90
CA TYR B 773 -13.56 -37.22 9.14
C TYR B 773 -13.19 -35.79 8.77
N GLY B 774 -11.95 -35.39 9.05
CA GLY B 774 -11.44 -34.05 8.74
C GLY B 774 -11.68 -32.96 9.77
N ALA B 775 -11.95 -33.37 11.00
CA ALA B 775 -12.22 -32.41 12.09
C ALA B 775 -11.05 -31.45 12.28
N GLY B 776 -11.35 -30.25 12.77
CA GLY B 776 -10.35 -29.35 13.29
C GLY B 776 -9.96 -28.28 12.30
N SER B 777 -8.66 -28.20 12.04
CA SER B 777 -8.05 -27.11 11.29
C SER B 777 -8.64 -26.92 9.91
N SER B 778 -8.66 -25.68 9.41
CA SER B 778 -9.23 -25.44 8.08
C SER B 778 -8.27 -25.83 6.93
N ARG B 779 -7.03 -26.17 7.26
CA ARG B 779 -5.96 -26.31 6.25
C ARG B 779 -6.34 -27.06 4.97
N ASP B 780 -6.23 -26.41 3.81
CA ASP B 780 -6.60 -27.10 2.56
C ASP B 780 -5.52 -28.09 2.06
N TRP B 781 -4.36 -28.10 2.72
CA TRP B 781 -3.36 -29.16 2.48
C TRP B 781 -3.87 -30.53 2.88
N ALA B 782 -4.87 -30.59 3.75
CA ALA B 782 -5.49 -31.88 4.08
C ALA B 782 -6.33 -32.37 2.89
N ALA B 783 -6.59 -31.49 1.92
CA ALA B 783 -7.18 -31.91 0.64
C ALA B 783 -6.17 -31.95 -0.49
N LYS B 784 -5.35 -30.92 -0.64
CA LYS B 784 -4.24 -30.90 -1.62
C LYS B 784 -3.29 -32.08 -1.46
N GLY B 785 -2.94 -32.42 -0.22
CA GLY B 785 -2.04 -33.54 0.01
C GLY B 785 -2.58 -34.84 -0.57
N PRO B 786 -3.76 -35.29 -0.11
CA PRO B 786 -4.34 -36.50 -0.68
C PRO B 786 -4.49 -36.47 -2.19
N PHE B 787 -4.90 -35.34 -2.74
CA PHE B 787 -4.97 -35.19 -4.20
C PHE B 787 -3.62 -35.57 -4.84
N LEU B 788 -2.53 -35.01 -4.34
CA LEU B 788 -1.21 -35.27 -4.89
C LEU B 788 -0.70 -36.70 -4.64
N LEU B 789 -1.25 -37.36 -3.63
CA LEU B 789 -0.93 -38.75 -3.37
C LEU B 789 -1.71 -39.66 -4.29
N GLY B 790 -2.57 -39.06 -5.11
CA GLY B 790 -3.35 -39.82 -6.07
C GLY B 790 -4.64 -40.37 -5.51
N ILE B 791 -5.15 -39.75 -4.43
CA ILE B 791 -6.46 -40.13 -3.87
C ILE B 791 -7.60 -39.47 -4.68
N LYS B 792 -8.52 -40.30 -5.19
CA LYS B 792 -9.62 -39.84 -6.05
C LYS B 792 -10.93 -39.66 -5.30
N ALA B 793 -11.07 -40.36 -4.18
CA ALA B 793 -12.31 -40.32 -3.42
C ALA B 793 -12.04 -40.70 -1.97
N VAL B 794 -12.94 -40.31 -1.09
CA VAL B 794 -12.92 -40.73 0.29
C VAL B 794 -14.29 -41.30 0.57
N LEU B 795 -14.36 -42.39 1.32
CA LEU B 795 -15.61 -42.97 1.74
C LEU B 795 -15.61 -43.03 3.27
N ALA B 796 -16.50 -42.24 3.88
CA ALA B 796 -16.54 -42.02 5.31
C ALA B 796 -17.98 -42.01 5.78
N GLU B 797 -18.20 -42.20 7.07
CA GLU B 797 -19.53 -42.16 7.68
C GLU B 797 -20.09 -40.74 7.81
N SER B 798 -19.22 -39.79 8.10
CA SER B 798 -19.60 -38.37 8.21
C SER B 798 -18.38 -37.49 8.04
N TYR B 799 -18.60 -36.26 7.57
CA TYR B 799 -17.50 -35.32 7.33
C TYR B 799 -17.68 -34.08 8.16
N GLU B 800 -16.60 -33.40 8.49
CA GLU B 800 -16.74 -32.08 9.09
C GLU B 800 -16.76 -31.10 7.95
N ARG B 801 -17.35 -29.93 8.22
CA ARG B 801 -17.77 -28.97 7.18
C ARG B 801 -16.64 -28.44 6.34
N ILE B 802 -15.57 -27.93 6.97
CA ILE B 802 -14.51 -27.30 6.17
C ILE B 802 -13.79 -28.34 5.35
N HIS B 803 -13.51 -29.48 5.96
CA HIS B 803 -12.78 -30.47 5.21
C HIS B 803 -13.59 -30.91 3.98
N ARG B 804 -14.88 -31.18 4.16
CA ARG B 804 -15.66 -31.68 3.02
C ARG B 804 -15.51 -30.66 1.87
N SER B 805 -15.50 -29.37 2.20
CA SER B 805 -15.48 -28.32 1.19
C SER B 805 -14.17 -28.27 0.46
N ASN B 806 -13.10 -28.61 1.18
CA ASN B 806 -11.77 -28.57 0.62
C ASN B 806 -11.60 -29.72 -0.33
N LEU B 807 -12.13 -30.89 0.04
CA LEU B 807 -12.09 -32.07 -0.82
C LEU B 807 -12.80 -31.77 -2.13
N VAL B 808 -14.02 -31.24 -2.04
CA VAL B 808 -14.78 -30.85 -3.23
C VAL B 808 -13.93 -29.90 -4.06
N GLY B 809 -13.32 -28.89 -3.39
CA GLY B 809 -12.55 -27.84 -4.11
C GLY B 809 -11.28 -28.34 -4.82
N MET B 810 -10.79 -29.51 -4.43
CA MET B 810 -9.69 -30.12 -5.14
C MET B 810 -10.11 -31.23 -6.12
N GLY B 811 -11.42 -31.41 -6.31
CA GLY B 811 -11.92 -32.41 -7.23
C GLY B 811 -11.94 -33.84 -6.70
N VAL B 812 -11.65 -34.00 -5.42
CA VAL B 812 -11.71 -35.32 -4.75
C VAL B 812 -13.16 -35.59 -4.34
N ILE B 813 -13.66 -36.80 -4.60
CA ILE B 813 -15.07 -37.08 -4.32
C ILE B 813 -15.26 -37.49 -2.85
N PRO B 814 -16.06 -36.71 -2.11
CA PRO B 814 -16.35 -37.20 -0.77
C PRO B 814 -17.57 -38.11 -0.79
N LEU B 815 -17.35 -39.43 -0.66
CA LEU B 815 -18.46 -40.38 -0.56
C LEU B 815 -18.84 -40.66 0.90
N GLU B 816 -20.12 -40.93 1.13
CA GLU B 816 -20.64 -41.07 2.47
C GLU B 816 -21.52 -42.29 2.50
N TYR B 817 -21.32 -43.13 3.52
CA TYR B 817 -22.19 -44.30 3.67
C TYR B 817 -23.62 -43.86 3.84
N LEU B 818 -24.54 -44.75 3.47
CA LEU B 818 -25.95 -44.52 3.69
C LEU B 818 -26.19 -44.71 5.18
N PRO B 819 -27.22 -44.05 5.72
CA PRO B 819 -27.56 -44.21 7.14
C PRO B 819 -27.60 -45.69 7.52
N GLY B 820 -27.03 -46.03 8.68
CA GLY B 820 -26.99 -47.42 9.16
C GLY B 820 -25.97 -48.29 8.44
N GLU B 821 -25.17 -47.70 7.56
CA GLU B 821 -24.13 -48.43 6.83
C GLU B 821 -22.73 -47.86 7.09
N ASN B 822 -21.73 -48.75 7.07
CA ASN B 822 -20.33 -48.41 7.36
C ASN B 822 -19.47 -49.64 7.05
N ALA B 823 -18.15 -49.50 7.20
CA ALA B 823 -17.20 -50.56 6.82
C ALA B 823 -17.52 -51.93 7.43
N ASP B 824 -17.76 -51.97 8.74
CA ASP B 824 -18.02 -53.23 9.41
C ASP B 824 -19.39 -53.81 9.06
N ALA B 825 -20.40 -52.93 8.98
CA ALA B 825 -21.75 -53.35 8.59
C ALA B 825 -21.81 -53.87 7.15
N LEU B 826 -20.90 -53.39 6.28
CA LEU B 826 -20.82 -53.89 4.90
C LEU B 826 -19.84 -55.05 4.69
N GLY B 827 -19.10 -55.39 5.74
CA GLY B 827 -18.04 -56.38 5.64
C GLY B 827 -16.83 -55.99 4.81
N LEU B 828 -16.54 -54.69 4.74
CA LEU B 828 -15.36 -54.22 4.00
C LEU B 828 -14.07 -54.43 4.78
N THR B 829 -13.04 -54.92 4.10
CA THR B 829 -11.72 -55.11 4.70
C THR B 829 -10.74 -53.99 4.32
N GLY B 830 -11.05 -53.29 3.24
CA GLY B 830 -10.14 -52.26 2.71
C GLY B 830 -9.10 -52.91 1.81
N GLN B 831 -9.09 -54.24 1.80
CA GLN B 831 -8.18 -55.03 0.96
C GLN B 831 -8.74 -55.30 -0.45
N GLU B 832 -10.04 -55.05 -0.63
CA GLU B 832 -10.68 -55.19 -1.93
C GLU B 832 -10.31 -54.04 -2.86
N ARG B 833 -10.66 -54.21 -4.14
CA ARG B 833 -10.48 -53.15 -5.14
C ARG B 833 -11.82 -52.56 -5.52
N TYR B 834 -11.85 -51.23 -5.59
CA TYR B 834 -13.09 -50.43 -5.55
C TYR B 834 -13.37 -49.70 -6.86
N THR B 835 -14.54 -49.98 -7.41
CA THR B 835 -15.01 -49.29 -8.58
C THR B 835 -16.18 -48.39 -8.19
N ILE B 836 -16.02 -47.11 -8.51
CA ILE B 836 -17.03 -46.14 -8.20
C ILE B 836 -17.55 -45.63 -9.52
N ILE B 837 -18.81 -45.97 -9.82
CA ILE B 837 -19.36 -45.63 -11.13
C ILE B 837 -19.85 -44.19 -11.13
N ILE B 838 -19.27 -43.41 -12.02
CA ILE B 838 -19.72 -42.05 -12.23
C ILE B 838 -20.59 -41.99 -13.49
N PRO B 839 -21.88 -41.64 -13.32
CA PRO B 839 -22.90 -41.51 -14.37
C PRO B 839 -22.66 -40.29 -15.26
N GLU B 840 -23.19 -40.31 -16.48
CA GLU B 840 -23.08 -39.18 -17.41
C GLU B 840 -23.77 -37.92 -16.93
N ASN B 841 -24.92 -38.07 -16.29
CA ASN B 841 -25.62 -36.93 -15.69
C ASN B 841 -25.54 -37.01 -14.18
N LEU B 842 -25.14 -35.90 -13.56
CA LEU B 842 -24.95 -35.88 -12.11
C LEU B 842 -25.92 -34.94 -11.40
N LYS B 843 -26.30 -35.29 -10.18
CA LYS B 843 -27.13 -34.45 -9.32
C LYS B 843 -26.53 -34.30 -7.92
N PRO B 844 -26.68 -33.11 -7.31
CA PRO B 844 -26.20 -32.94 -5.93
C PRO B 844 -26.74 -33.98 -4.95
N GLN B 845 -25.82 -34.60 -4.22
CA GLN B 845 -26.13 -35.57 -3.17
C GLN B 845 -26.74 -36.86 -3.71
N MET B 846 -26.49 -37.14 -4.98
CA MET B 846 -27.00 -38.36 -5.61
C MET B 846 -26.27 -39.56 -5.03
N LYS B 847 -26.94 -40.70 -5.04
CA LYS B 847 -26.30 -41.98 -4.69
C LYS B 847 -25.59 -42.56 -5.90
N VAL B 848 -24.39 -43.10 -5.68
CA VAL B 848 -23.63 -43.81 -6.69
C VAL B 848 -23.38 -45.22 -6.25
N GLN B 849 -23.16 -46.12 -7.22
CA GLN B 849 -22.86 -47.51 -6.98
C GLN B 849 -21.36 -47.68 -6.76
N VAL B 850 -20.99 -48.44 -5.74
CA VAL B 850 -19.61 -48.86 -5.55
C VAL B 850 -19.58 -50.38 -5.74
N LYS B 851 -18.68 -50.82 -6.62
CA LYS B 851 -18.56 -52.22 -6.97
C LYS B 851 -17.19 -52.70 -6.55
N LEU B 852 -17.14 -53.85 -5.88
CA LEU B 852 -15.87 -54.44 -5.47
C LEU B 852 -15.47 -55.54 -6.45
N ASP B 853 -14.18 -55.87 -6.48
CA ASP B 853 -13.68 -56.95 -7.33
C ASP B 853 -14.14 -58.32 -6.82
N THR B 854 -14.67 -58.34 -5.60
CA THR B 854 -15.17 -59.56 -4.99
C THR B 854 -16.59 -59.85 -5.45
N GLY B 855 -17.24 -58.86 -6.04
CA GLY B 855 -18.62 -59.00 -6.51
C GLY B 855 -19.63 -58.23 -5.68
N LYS B 856 -19.29 -58.00 -4.42
CA LYS B 856 -20.13 -57.24 -3.52
C LYS B 856 -20.34 -55.82 -4.07
N THR B 857 -21.58 -55.34 -4.02
CA THR B 857 -21.89 -53.95 -4.40
C THR B 857 -22.68 -53.25 -3.30
N PHE B 858 -22.44 -51.97 -3.13
CA PHE B 858 -23.23 -51.16 -2.23
C PHE B 858 -23.36 -49.75 -2.79
N GLN B 859 -24.06 -48.90 -2.06
CA GLN B 859 -24.29 -47.54 -2.50
C GLN B 859 -23.64 -46.58 -1.54
N ALA B 860 -23.40 -45.37 -2.02
CA ALA B 860 -22.80 -44.34 -1.21
C ALA B 860 -23.37 -43.05 -1.73
N VAL B 861 -23.51 -42.08 -0.84
CA VAL B 861 -23.97 -40.75 -1.19
C VAL B 861 -22.75 -39.96 -1.69
N MET B 862 -22.89 -39.31 -2.84
CA MET B 862 -21.85 -38.44 -3.38
C MET B 862 -22.10 -37.00 -2.92
N ARG B 863 -21.24 -36.53 -2.01
CA ARG B 863 -21.49 -35.28 -1.29
C ARG B 863 -20.99 -34.00 -1.97
N PHE B 864 -21.40 -33.82 -3.23
CA PHE B 864 -21.43 -32.51 -3.82
C PHE B 864 -22.84 -31.97 -3.56
N ASP B 865 -22.94 -31.02 -2.64
CA ASP B 865 -24.21 -30.67 -2.00
C ASP B 865 -24.97 -29.53 -2.70
N THR B 866 -24.32 -28.90 -3.69
CA THR B 866 -24.95 -27.80 -4.46
C THR B 866 -24.57 -27.94 -5.93
N ASP B 867 -25.35 -27.30 -6.79
CA ASP B 867 -25.07 -27.28 -8.23
C ASP B 867 -23.68 -26.76 -8.48
N VAL B 868 -23.32 -25.65 -7.81
CA VAL B 868 -22.01 -25.02 -7.91
C VAL B 868 -20.87 -25.98 -7.49
N GLU B 869 -21.05 -26.71 -6.40
CA GLU B 869 -20.06 -27.72 -6.06
C GLU B 869 -19.86 -28.76 -7.17
N LEU B 870 -20.96 -29.18 -7.81
CA LEU B 870 -20.85 -30.14 -8.92
C LEU B 870 -20.07 -29.50 -10.06
N THR B 871 -20.25 -28.20 -10.25
CA THR B 871 -19.53 -27.45 -11.27
C THR B 871 -18.04 -27.45 -10.97
N TYR B 872 -17.71 -27.41 -9.68
CA TYR B 872 -16.32 -27.46 -9.24
C TYR B 872 -15.74 -28.84 -9.58
N PHE B 873 -16.45 -29.88 -9.19
CA PHE B 873 -16.05 -31.23 -9.54
C PHE B 873 -15.82 -31.45 -11.03
N LEU B 874 -16.76 -31.00 -11.88
CA LEU B 874 -16.61 -31.17 -13.35
C LEU B 874 -15.40 -30.41 -13.90
N ASN B 875 -15.00 -29.36 -13.19
CA ASN B 875 -13.84 -28.56 -13.55
C ASN B 875 -12.52 -29.09 -13.00
N GLY B 876 -12.60 -30.13 -12.18
CA GLY B 876 -11.41 -30.76 -11.60
C GLY B 876 -10.93 -29.94 -10.41
N GLY B 877 -11.74 -28.97 -9.98
CA GLY B 877 -11.47 -28.20 -8.79
C GLY B 877 -11.94 -26.77 -8.87
N ILE B 878 -12.03 -26.15 -7.71
CA ILE B 878 -12.57 -24.79 -7.62
C ILE B 878 -11.64 -23.77 -8.28
N LEU B 879 -10.33 -23.93 -8.16
CA LEU B 879 -9.48 -22.88 -8.78
C LEU B 879 -9.31 -23.16 -10.25
N ASN B 880 -9.48 -24.42 -10.64
CA ASN B 880 -9.48 -24.71 -12.08
C ASN B 880 -10.61 -23.92 -12.71
N TYR B 881 -11.79 -24.01 -12.10
CA TYR B 881 -12.96 -23.30 -12.58
C TYR B 881 -12.69 -21.80 -12.64
N MET B 882 -12.16 -21.23 -11.56
CA MET B 882 -11.83 -19.80 -11.51
C MET B 882 -10.87 -19.35 -12.61
N ILE B 883 -9.83 -20.13 -12.85
CA ILE B 883 -8.88 -19.88 -13.96
C ILE B 883 -9.60 -19.84 -15.31
N ARG B 884 -10.42 -20.84 -15.59
CA ARG B 884 -11.17 -20.85 -16.86
C ARG B 884 -12.07 -19.62 -16.96
N LYS B 885 -12.77 -19.26 -15.88
CA LYS B 885 -13.62 -18.03 -15.85
C LYS B 885 -12.82 -16.74 -16.07
N MET B 886 -11.60 -16.69 -15.54
CA MET B 886 -10.74 -15.51 -15.67
C MET B 886 -10.03 -15.43 -17.02
N ALA B 887 -9.77 -16.58 -17.63
CA ALA B 887 -8.97 -16.68 -18.86
C ALA B 887 -9.77 -16.33 -20.09
N LYS B 888 -11.08 -16.64 -20.09
CA LYS B 888 -11.94 -16.12 -21.15
C LYS B 888 -12.29 -14.67 -20.85
C ACT C . 3.17 23.84 -10.78
O ACT C . 2.86 25.05 -10.73
OXT ACT C . 2.69 23.14 -9.89
CH3 ACT C . 4.07 23.26 -11.83
FE1 SF4 D . 12.45 22.15 -7.53
FE2 SF4 D . 11.86 24.83 -7.30
FE3 SF4 D . 10.13 23.02 -6.30
FE4 SF4 D . 10.43 23.27 -8.91
S1 SF4 D . 9.62 24.92 -7.47
S2 SF4 D . 10.31 21.30 -7.77
S3 SF4 D . 12.65 23.68 -9.16
S4 SF4 D . 12.28 23.38 -5.61
C1 GOL E . 32.63 3.60 -32.98
O1 GOL E . 33.51 4.20 -33.90
C2 GOL E . 33.44 3.05 -31.80
O2 GOL E . 33.15 3.79 -30.63
C3 GOL E . 33.15 1.57 -31.54
O3 GOL E . 32.36 1.00 -32.57
C1 GOL F . 2.45 35.82 -4.91
O1 GOL F . 2.29 34.98 -3.79
C2 GOL F . 3.90 35.84 -5.40
O2 GOL F . 4.45 37.13 -5.25
C3 GOL F . 4.75 34.80 -4.68
O3 GOL F . 5.56 35.46 -3.73
C ACT G . -5.12 -22.66 14.35
O ACT G . -5.44 -23.79 14.79
OXT ACT G . -5.31 -21.65 15.10
CH3 ACT G . -4.56 -22.53 12.97
C ACT H . -3.70 -24.00 10.04
O ACT H . -3.17 -25.09 10.20
OXT ACT H . -2.93 -23.15 9.65
CH3 ACT H . -5.15 -23.72 10.34
FE1 SF4 I . -5.93 -18.66 17.88
FE2 SF4 I . -4.65 -21.00 18.66
FE3 SF4 I . -3.51 -19.36 16.77
FE4 SF4 I . -5.81 -20.72 16.34
S1 SF4 I . -3.69 -21.66 16.74
S2 SF4 I . -5.35 -18.58 15.64
S3 SF4 I . -6.92 -20.64 18.34
S4 SF4 I . -3.90 -18.86 18.94
C FMT J . -7.37 -23.77 11.18
O1 FMT J . -7.95 -23.04 10.40
O2 FMT J . -7.60 -23.79 12.38
#